data_8J9X
#
_entry.id   8J9X
#
_cell.length_a   1.00
_cell.length_b   1.00
_cell.length_c   1.00
_cell.angle_alpha   90.00
_cell.angle_beta   90.00
_cell.angle_gamma   90.00
#
_symmetry.space_group_name_H-M   'P 1'
#
loop_
_entity.id
_entity.type
_entity.pdbx_description
1 polymer 'DNA topoisomerase 2'
2 polymer "DNA (5'-D(*GP*AP*GP*GP*TP*AP*TP*GP*TP*AP*GP*GP*C)-3')"
3 polymer "DNA (5'-D(*GP*GP*CP*CP*GP*CP*CP*TP*AP*CP*AP*TP*AP*CP*CP*TP*C)-3')"
4 non-polymer 'MAGNESIUM ION'
5 non-polymer N-[4-(acridin-9-ylamino)-3-methoxyphenyl]methanesulfonamide
#
loop_
_entity_poly.entity_id
_entity_poly.type
_entity_poly.pdbx_seq_one_letter_code
_entity_poly.pdbx_strand_id
1 'polypeptide(L)'
;MEAFEISDFKEHAKKKSMWAGALNKVTISGLMGVFTEDEDLMALPIHRDHCPALLKIFDELIVNATDHERACHSKTKKVT
YIKISFDKGVFSCENDGPGIPIAKHEQASLIAKRDVYVPEVASCFFLAGTNINKAKDCIKGGTNGVGLKLAMVHSQWAIL
TTADGAQKYVQQINQRLDIIEPPTITPSREMFTRIELMPVYQELGYAEPLSETEQADLSAWIYLRACQCAAYVGKGTTIY
YNDKPCRTGSVMALAKMYTLLSAPNSTIHTATIKADAKPYSLHPLQVAAVVSPKFKKFEHVSIINGVNCVKGEHVTFLKK
TINEMVIKKFQQTIKDKNRKTTLRDSCSNIFVVIVGSIPGIEWTGQRKDELSIAENVFKTHYSIPSSFLTSMTRSIVDIL
LQSISKKDNHKQVDVDKYTRARNAGGKRAQDCMLLAAEGDSALSLLRTGLTLGKSNPSGPSFDFCGMISLGGVIMNACKK
VTNITTDSGETIMVRNEQLTNNKVLQGIVQVLGLDFNCHYKTQEERAKLRYGCIVACVDQDLDGCGKILGLLLAYFHLFW
PQLIIHGFVKRLLTPLIRVYEKGKTMPVEFYYEQEFDAWAKKQTSLVNHTVKYYKGLAAHDTHEVKSMFKHFDNMVYTFT
LDDSAKELFHIYFGGESELRKRELCTGVVPLTETQTQSIHSVRRIPCSLHLQVDTKAYKLDAIERQIPNFLDGMTRARRK
ILAGGVKCFASNNRERKVFQFGGYVADHMFYHHGDMSLNTSIIKAAQYYPGSSHLYPVFIGIGSFGSRHLGGKDAGSPRY
ISVQLASEFIKTMFPAEDSWLLPYVFEDGQRAEPEYYVPVLPLAIMEYGANPSEGWKYTTWARQLEDILALVRAYVDKDN
PKHELLHYAIKHKITILPLRPSNYNFKGHLKRFGQYYYSYGTYDISEQRNIITITELPLRVPTVAYIESIKKSSNRMTFI
EEIIDYSSSETIEILVKLKPNSLNRIVEEFKETEEQDSIENFLRLRNCLHSHLNFVKPKGGIIEFNSYYEILYAWLPYRR
ELYQKRLMREHAVLKLRIIMETAIVRYINESAELNLSHYEDEKEASRILSEHGFPPLNHTLIISPEFASIEELNQKALQG
CYTYILSLQARELLIAAKTRRVEKIKKMQARLDKVEQLLQESPFPGASVWLEEIDAVEKAIIKGRNTQWKFHHHHHH
;
A,B
2 'polydeoxyribonucleotide' (DG)(DA)(DG)(DG)(DT)(DA)(DT)(DG)(DT)(DA)(DG)(DG)(DC) C,E
3 'polydeoxyribonucleotide' (DG)(DG)(DC)(DC)(DG)(DC)(DC)(DT)(DA)(DC)(DA)(DT)(DA)(DC)(DC)(DT)(DC) D,F
#
loop_
_chem_comp.id
_chem_comp.type
_chem_comp.name
_chem_comp.formula
ASW non-polymer N-[4-(acridin-9-ylamino)-3-methoxyphenyl]methanesulfonamide 'C21 H19 N3 O3 S'
DA DNA linking 2'-DEOXYADENOSINE-5'-MONOPHOSPHATE 'C10 H14 N5 O6 P'
DC DNA linking 2'-DEOXYCYTIDINE-5'-MONOPHOSPHATE 'C9 H14 N3 O7 P'
DG DNA linking 2'-DEOXYGUANOSINE-5'-MONOPHOSPHATE 'C10 H14 N5 O7 P'
DT DNA linking THYMIDINE-5'-MONOPHOSPHATE 'C10 H15 N2 O8 P'
MG non-polymer 'MAGNESIUM ION' 'Mg 2'
#
# COMPACT_ATOMS: atom_id res chain seq x y z
N VAL A 415 11.64 -24.61 19.60
CA VAL A 415 11.84 -23.80 18.40
C VAL A 415 10.51 -23.21 17.94
N ASP A 416 10.55 -21.93 17.58
CA ASP A 416 9.34 -21.23 17.18
C ASP A 416 8.88 -21.68 15.79
N LYS A 417 7.59 -21.45 15.52
CA LYS A 417 6.98 -21.78 14.22
C LYS A 417 7.17 -23.25 13.87
N TYR A 418 7.02 -24.12 14.87
CA TYR A 418 7.15 -25.56 14.69
C TYR A 418 5.96 -26.24 15.35
N THR A 419 5.06 -26.79 14.54
CA THR A 419 3.92 -27.55 15.04
C THR A 419 4.33 -29.01 15.21
N ARG A 420 4.16 -29.53 16.42
CA ARG A 420 4.59 -30.89 16.73
C ARG A 420 3.46 -31.85 16.33
N ALA A 421 3.69 -32.59 15.24
CA ALA A 421 2.67 -33.52 14.75
C ALA A 421 2.52 -34.70 15.68
N ARG A 422 1.31 -35.26 15.72
CA ARG A 422 1.05 -36.44 16.52
C ARG A 422 1.74 -37.66 15.90
N ASN A 423 2.13 -38.59 16.78
CA ASN A 423 2.82 -39.82 16.38
C ASN A 423 4.09 -39.50 15.58
N ALA A 424 4.80 -38.46 16.00
CA ALA A 424 6.05 -38.06 15.38
C ALA A 424 7.19 -38.27 16.36
N GLY A 425 8.32 -38.75 15.85
CA GLY A 425 9.45 -39.07 16.72
C GLY A 425 9.17 -40.24 17.64
N GLY A 426 8.41 -41.23 17.18
CA GLY A 426 8.08 -42.40 17.95
C GLY A 426 8.28 -43.67 17.14
N LYS A 427 7.37 -44.63 17.36
CA LYS A 427 7.43 -45.89 16.64
C LYS A 427 7.08 -45.71 15.17
N ARG A 428 6.21 -44.76 14.85
CA ARG A 428 5.82 -44.48 13.47
C ARG A 428 6.51 -43.24 12.91
N ALA A 429 7.69 -42.91 13.45
CA ALA A 429 8.41 -41.72 12.99
C ALA A 429 8.89 -41.86 11.56
N GLN A 430 9.33 -43.05 11.17
CA GLN A 430 9.87 -43.26 9.82
C GLN A 430 8.83 -43.05 8.74
N ASP A 431 7.55 -43.17 9.05
CA ASP A 431 6.49 -42.96 8.08
C ASP A 431 6.04 -41.51 7.97
N CYS A 432 6.50 -40.65 8.88
CA CYS A 432 6.11 -39.25 8.87
C CYS A 432 6.87 -38.47 7.80
N MET A 433 6.34 -37.29 7.48
CA MET A 433 6.98 -36.35 6.57
C MET A 433 7.05 -34.99 7.24
N LEU A 434 7.98 -34.16 6.77
CA LEU A 434 8.14 -32.80 7.27
C LEU A 434 8.04 -31.81 6.12
N LEU A 435 7.32 -30.73 6.34
CA LEU A 435 7.09 -29.71 5.33
C LEU A 435 7.85 -28.44 5.70
N ALA A 436 8.74 -28.01 4.81
CA ALA A 436 9.53 -26.80 5.01
C ALA A 436 9.00 -25.69 4.12
N ALA A 437 8.74 -24.52 4.71
CA ALA A 437 8.17 -23.39 4.01
C ALA A 437 9.17 -22.24 3.97
N GLU A 438 9.32 -21.63 2.78
CA GLU A 438 10.20 -20.48 2.64
C GLU A 438 9.59 -19.23 3.26
N GLY A 439 8.27 -19.15 3.33
CA GLY A 439 7.62 -17.95 3.82
C GLY A 439 6.31 -18.29 4.50
N ASP A 440 5.71 -17.24 5.08
CA ASP A 440 4.48 -17.43 5.83
C ASP A 440 3.29 -17.72 4.91
N SER A 441 3.40 -17.32 3.63
CA SER A 441 2.37 -17.66 2.66
C SER A 441 2.28 -19.18 2.47
N ALA A 442 3.44 -19.82 2.32
CA ALA A 442 3.47 -21.28 2.23
C ALA A 442 2.98 -21.92 3.52
N LEU A 443 3.30 -21.30 4.66
CA LEU A 443 2.82 -21.81 5.94
C LEU A 443 1.30 -21.78 6.01
N SER A 444 0.70 -20.67 5.56
CA SER A 444 -0.75 -20.55 5.53
C SER A 444 -1.38 -21.55 4.56
N LEU A 445 -0.76 -21.74 3.39
CA LEU A 445 -1.28 -22.73 2.45
C LEU A 445 -1.25 -24.13 3.05
N LEU A 446 -0.16 -24.47 3.72
CA LEU A 446 -0.04 -25.76 4.38
C LEU A 446 -1.05 -25.90 5.51
N ARG A 447 -1.30 -24.81 6.22
CA ARG A 447 -2.32 -24.81 7.27
C ARG A 447 -3.69 -25.13 6.69
N THR A 448 -4.05 -24.48 5.58
CA THR A 448 -5.33 -24.75 4.95
C THR A 448 -5.41 -26.20 4.45
N GLY A 449 -4.32 -26.68 3.85
CA GLY A 449 -4.30 -28.05 3.37
C GLY A 449 -4.45 -29.08 4.48
N LEU A 450 -3.80 -28.83 5.62
CA LEU A 450 -3.89 -29.74 6.75
C LEU A 450 -5.27 -29.68 7.41
N THR A 451 -5.84 -28.49 7.52
CA THR A 451 -7.16 -28.35 8.13
C THR A 451 -8.29 -28.74 7.18
N LEU A 452 -7.98 -28.98 5.91
CA LEU A 452 -9.00 -29.50 4.99
C LEU A 452 -9.53 -30.83 5.49
N GLY A 453 -8.68 -31.85 5.54
CA GLY A 453 -8.99 -33.07 6.27
C GLY A 453 -9.99 -34.00 5.62
N LYS A 454 -11.26 -33.58 5.58
CA LYS A 454 -12.33 -34.47 5.14
C LYS A 454 -12.23 -34.74 3.64
N SER A 455 -12.81 -35.86 3.23
CA SER A 455 -12.82 -36.36 1.85
C SER A 455 -11.41 -36.62 1.33
N ASN A 456 -10.43 -36.76 2.22
CA ASN A 456 -9.03 -36.99 1.84
C ASN A 456 -8.46 -38.14 2.66
N PRO A 457 -8.80 -39.38 2.29
CA PRO A 457 -8.17 -40.52 2.99
C PRO A 457 -6.68 -40.63 2.73
N SER A 458 -6.28 -40.56 1.46
CA SER A 458 -4.85 -40.52 1.14
C SER A 458 -4.26 -39.14 1.43
N GLY A 459 -5.07 -38.09 1.40
CA GLY A 459 -4.63 -36.76 1.71
C GLY A 459 -4.10 -36.64 3.12
N PRO A 460 -2.92 -36.04 3.27
CA PRO A 460 -2.29 -35.96 4.59
C PRO A 460 -2.97 -34.92 5.47
N SER A 461 -3.41 -35.35 6.65
CA SER A 461 -3.94 -34.45 7.65
C SER A 461 -2.78 -33.89 8.48
N PHE A 462 -3.10 -33.26 9.62
CA PHE A 462 -2.06 -32.73 10.49
C PHE A 462 -1.13 -33.82 11.02
N ASP A 463 -1.60 -35.06 11.07
CA ASP A 463 -0.75 -36.16 11.53
C ASP A 463 0.34 -36.45 10.53
N PHE A 464 1.51 -36.83 11.05
CA PHE A 464 2.67 -37.24 10.26
C PHE A 464 3.17 -36.14 9.34
N CYS A 465 2.80 -34.89 9.59
CA CYS A 465 3.19 -33.77 8.72
C CYS A 465 4.05 -32.74 9.44
N GLY A 466 3.62 -32.26 10.59
CA GLY A 466 4.41 -31.24 11.26
C GLY A 466 4.43 -29.95 10.46
N MET A 467 5.31 -29.05 10.87
CA MET A 467 5.47 -27.78 10.18
C MET A 467 6.75 -27.07 10.60
N ILE A 468 7.52 -26.58 9.62
CA ILE A 468 8.76 -25.82 9.94
C ILE A 468 8.91 -24.69 8.91
N SER A 469 9.45 -23.55 9.33
CA SER A 469 9.60 -22.38 8.42
C SER A 469 11.09 -22.06 8.22
N LEU A 470 11.49 -21.77 6.97
CA LEU A 470 12.90 -21.44 6.67
C LEU A 470 13.12 -19.93 6.86
N GLY A 471 12.04 -19.15 6.86
CA GLY A 471 12.14 -17.69 7.09
C GLY A 471 12.79 -16.98 5.92
N GLY A 472 12.57 -17.49 4.70
CA GLY A 472 13.16 -16.87 3.50
C GLY A 472 14.59 -17.34 3.28
N VAL A 473 15.53 -16.40 3.16
CA VAL A 473 16.95 -16.76 2.85
C VAL A 473 17.66 -17.21 4.13
N ILE A 474 18.48 -18.26 4.04
CA ILE A 474 19.27 -18.74 5.21
C ILE A 474 20.75 -18.70 4.83
N MET A 475 21.65 -18.96 5.79
CA MET A 475 23.11 -18.89 5.52
C MET A 475 23.54 -20.16 4.78
N ASN A 476 24.64 -20.08 4.01
CA ASN A 476 25.18 -21.29 3.35
C ASN A 476 26.37 -21.79 4.16
N ALA A 477 26.42 -23.09 4.47
CA ALA A 477 27.50 -23.62 5.33
C ALA A 477 28.78 -23.82 4.50
N CYS A 478 28.69 -23.74 3.17
CA CYS A 478 29.86 -23.99 2.33
C CYS A 478 31.02 -23.10 2.72
N LYS A 479 30.74 -21.81 2.98
CA LYS A 479 31.80 -20.90 3.38
C LYS A 479 31.92 -20.80 4.89
N LYS A 480 30.94 -21.32 5.63
CA LYS A 480 31.02 -21.31 7.09
C LYS A 480 31.98 -22.37 7.61
N VAL A 481 32.04 -23.53 6.97
CA VAL A 481 32.94 -24.58 7.43
C VAL A 481 34.39 -24.18 7.15
N THR A 482 35.30 -24.79 7.91
CA THR A 482 36.73 -24.49 7.80
C THR A 482 37.56 -25.67 7.33
N ASN A 483 37.14 -26.91 7.61
CA ASN A 483 37.86 -28.12 7.22
C ASN A 483 39.30 -28.10 7.74
N ILE A 484 39.47 -27.62 8.97
CA ILE A 484 40.78 -27.54 9.60
C ILE A 484 41.16 -28.87 10.22
N THR A 485 42.41 -28.99 10.65
CA THR A 485 42.99 -30.17 11.32
C THR A 485 42.49 -31.49 10.71
N THR A 486 42.59 -31.58 9.39
CA THR A 486 42.29 -32.82 8.67
C THR A 486 43.54 -33.67 8.44
N ASP A 487 44.68 -33.27 9.00
CA ASP A 487 45.94 -33.99 8.82
C ASP A 487 46.08 -35.20 9.73
N SER A 488 45.12 -35.44 10.62
CA SER A 488 45.16 -36.56 11.54
C SER A 488 44.75 -37.88 10.90
N GLY A 489 44.70 -37.95 9.57
CA GLY A 489 44.28 -39.14 8.86
C GLY A 489 42.80 -39.19 8.53
N GLU A 490 42.01 -38.24 9.05
CA GLU A 490 40.58 -38.16 8.76
C GLU A 490 40.23 -36.72 8.42
N THR A 491 39.26 -36.56 7.51
CA THR A 491 38.79 -35.24 7.10
C THR A 491 37.64 -34.82 8.01
N ILE A 492 37.86 -33.76 8.78
CA ILE A 492 36.86 -33.26 9.72
C ILE A 492 36.60 -31.79 9.40
N MET A 493 35.33 -31.42 9.44
CA MET A 493 34.92 -30.04 9.17
C MET A 493 34.48 -29.41 10.48
N VAL A 494 35.09 -28.28 10.82
CA VAL A 494 34.76 -27.55 12.04
C VAL A 494 33.73 -26.47 11.70
N ARG A 495 32.58 -26.53 12.35
CA ARG A 495 31.52 -25.56 12.08
C ARG A 495 31.83 -24.24 12.80
N ASN A 496 31.84 -23.16 12.04
CA ASN A 496 32.09 -21.84 12.63
C ASN A 496 30.95 -21.46 13.55
N GLU A 497 31.27 -20.69 14.59
CA GLU A 497 30.25 -20.26 15.55
C GLU A 497 29.16 -19.42 14.89
N GLN A 498 29.48 -18.75 13.78
CA GLN A 498 28.45 -17.99 13.05
C GLN A 498 27.39 -18.92 12.47
N LEU A 499 27.77 -20.16 12.13
CA LEU A 499 26.82 -21.13 11.63
C LEU A 499 26.06 -21.82 12.76
N THR A 500 26.75 -22.09 13.87
CA THR A 500 26.12 -22.84 14.96
C THR A 500 24.99 -22.05 15.61
N ASN A 501 25.18 -20.75 15.80
CA ASN A 501 24.21 -19.95 16.54
C ASN A 501 23.03 -19.49 15.69
N ASN A 502 23.01 -19.80 14.40
CA ASN A 502 21.86 -19.45 13.57
C ASN A 502 20.62 -20.18 14.06
N LYS A 503 19.54 -19.42 14.28
CA LYS A 503 18.35 -19.99 14.90
C LYS A 503 17.70 -21.03 13.99
N VAL A 504 17.58 -20.72 12.70
CA VAL A 504 16.86 -21.61 11.79
C VAL A 504 17.57 -22.94 11.64
N LEU A 505 18.90 -22.90 11.49
CA LEU A 505 19.65 -24.13 11.25
C LEU A 505 19.62 -25.06 12.45
N GLN A 506 19.92 -24.54 13.64
CA GLN A 506 19.87 -25.38 14.82
C GLN A 506 18.45 -25.80 15.15
N GLY A 507 17.47 -24.95 14.84
CA GLY A 507 16.08 -25.34 15.06
C GLY A 507 15.67 -26.51 14.20
N ILE A 508 16.02 -26.48 12.91
CA ILE A 508 15.68 -27.60 12.03
C ILE A 508 16.48 -28.83 12.41
N VAL A 509 17.72 -28.65 12.89
CA VAL A 509 18.50 -29.80 13.35
C VAL A 509 17.83 -30.46 14.55
N GLN A 510 17.38 -29.64 15.51
CA GLN A 510 16.68 -30.18 16.67
C GLN A 510 15.36 -30.84 16.27
N VAL A 511 14.65 -30.25 15.32
CA VAL A 511 13.38 -30.83 14.85
C VAL A 511 13.63 -32.20 14.24
N LEU A 512 14.67 -32.32 13.41
CA LEU A 512 14.97 -33.62 12.83
C LEU A 512 15.63 -34.57 13.83
N GLY A 513 16.22 -34.03 14.90
CA GLY A 513 16.90 -34.87 15.86
C GLY A 513 18.22 -35.42 15.39
N LEU A 514 18.74 -34.93 14.27
CA LEU A 514 19.98 -35.41 13.70
C LEU A 514 21.20 -34.83 14.42
N ASP A 515 22.34 -35.46 14.20
CA ASP A 515 23.61 -35.01 14.75
C ASP A 515 24.64 -34.88 13.63
N PHE A 516 25.51 -33.88 13.76
CA PHE A 516 26.49 -33.60 12.71
C PHE A 516 27.54 -34.70 12.62
N ASN A 517 27.98 -35.23 13.77
CA ASN A 517 29.10 -36.18 13.77
C ASN A 517 28.73 -37.46 13.04
N CYS A 518 27.53 -37.98 13.26
CA CYS A 518 27.14 -39.28 12.72
C CYS A 518 26.82 -39.17 11.23
N HIS A 519 27.19 -40.21 10.49
CA HIS A 519 26.84 -40.36 9.08
C HIS A 519 25.84 -41.51 8.96
N TYR A 520 24.67 -41.23 8.39
CA TYR A 520 23.57 -42.19 8.35
C TYR A 520 23.68 -43.02 7.09
N LYS A 521 24.49 -44.08 7.15
CA LYS A 521 24.66 -44.98 6.02
C LYS A 521 23.69 -46.16 6.08
N THR A 522 23.50 -46.72 7.27
CA THR A 522 22.65 -47.89 7.44
C THR A 522 21.19 -47.47 7.68
N GLN A 523 20.31 -48.47 7.76
CA GLN A 523 18.89 -48.19 7.91
C GLN A 523 18.57 -47.64 9.31
N GLU A 524 19.21 -48.18 10.35
CA GLU A 524 18.89 -47.76 11.70
C GLU A 524 19.31 -46.31 11.95
N GLU A 525 20.43 -45.88 11.39
CA GLU A 525 20.92 -44.53 11.64
C GLU A 525 19.93 -43.48 11.14
N ARG A 526 19.39 -43.69 9.94
CA ARG A 526 18.32 -42.82 9.45
C ARG A 526 16.98 -43.14 10.08
N ALA A 527 16.84 -44.30 10.73
CA ALA A 527 15.62 -44.59 11.46
C ALA A 527 15.54 -43.81 12.77
N LYS A 528 16.69 -43.47 13.35
CA LYS A 528 16.69 -42.60 14.53
C LYS A 528 16.20 -41.19 14.22
N LEU A 529 16.13 -40.81 12.95
CA LEU A 529 15.65 -39.48 12.60
C LEU A 529 14.19 -39.32 13.02
N ARG A 530 13.85 -38.12 13.50
CA ARG A 530 12.49 -37.87 13.98
C ARG A 530 11.47 -37.94 12.85
N TYR A 531 11.83 -37.42 11.68
CA TYR A 531 10.95 -37.42 10.52
C TYR A 531 11.50 -38.33 9.43
N GLY A 532 10.61 -39.08 8.80
CA GLY A 532 11.05 -40.00 7.75
C GLY A 532 11.63 -39.29 6.54
N CYS A 533 11.06 -38.14 6.20
CA CYS A 533 11.55 -37.35 5.06
C CYS A 533 11.21 -35.89 5.30
N ILE A 534 11.94 -35.02 4.59
CA ILE A 534 11.74 -33.58 4.67
C ILE A 534 11.34 -33.09 3.28
N VAL A 535 10.29 -32.27 3.22
CA VAL A 535 9.76 -31.73 1.99
C VAL A 535 9.86 -30.21 2.04
N ALA A 536 10.44 -29.62 1.00
CA ALA A 536 10.57 -28.17 0.91
C ALA A 536 9.46 -27.63 0.01
N CYS A 537 8.67 -26.70 0.54
CA CYS A 537 7.54 -26.12 -0.17
C CYS A 537 7.81 -24.63 -0.36
N VAL A 538 8.08 -24.23 -1.59
CA VAL A 538 8.41 -22.85 -1.92
C VAL A 538 7.60 -22.41 -3.13
N ASP A 539 7.64 -21.11 -3.41
CA ASP A 539 6.95 -20.56 -4.57
C ASP A 539 7.60 -21.05 -5.85
N GLN A 540 6.84 -21.02 -6.94
CA GLN A 540 7.33 -21.48 -8.23
C GLN A 540 8.00 -20.39 -9.04
N ASP A 541 8.11 -19.16 -8.51
CA ASP A 541 8.85 -18.12 -9.20
C ASP A 541 10.34 -18.46 -9.25
N LEU A 542 11.09 -17.64 -9.98
CA LEU A 542 12.51 -17.93 -10.17
C LEU A 542 13.26 -17.92 -8.85
N ASP A 543 12.96 -16.96 -7.97
CA ASP A 543 13.53 -16.97 -6.64
C ASP A 543 12.88 -18.09 -5.81
N GLY A 544 13.57 -18.47 -4.74
CA GLY A 544 13.07 -19.52 -3.88
C GLY A 544 13.50 -20.91 -4.33
N CYS A 545 12.89 -21.42 -5.40
CA CYS A 545 13.31 -22.70 -5.95
C CYS A 545 14.54 -22.47 -6.83
N GLY A 546 15.67 -23.03 -6.41
CA GLY A 546 16.94 -22.73 -7.05
C GLY A 546 17.88 -22.02 -6.10
N LYS A 547 17.36 -21.11 -5.29
CA LYS A 547 18.14 -20.45 -4.25
C LYS A 547 17.91 -21.06 -2.88
N ILE A 548 16.67 -21.01 -2.38
CA ILE A 548 16.40 -21.58 -1.06
C ILE A 548 16.57 -23.09 -1.09
N LEU A 549 15.99 -23.75 -2.10
CA LEU A 549 16.27 -25.16 -2.32
C LEU A 549 17.76 -25.38 -2.57
N GLY A 550 18.39 -24.51 -3.36
CA GLY A 550 19.80 -24.70 -3.66
C GLY A 550 20.66 -24.70 -2.43
N LEU A 551 20.54 -23.65 -1.60
CA LEU A 551 21.33 -23.59 -0.36
C LEU A 551 20.96 -24.72 0.59
N LEU A 552 19.68 -25.04 0.71
CA LEU A 552 19.25 -26.07 1.66
C LEU A 552 19.85 -27.42 1.30
N LEU A 553 19.67 -27.86 0.05
CA LEU A 553 20.17 -29.17 -0.33
C LEU A 553 21.68 -29.17 -0.50
N ALA A 554 22.30 -28.02 -0.79
CA ALA A 554 23.76 -27.95 -0.78
C ALA A 554 24.32 -28.16 0.62
N TYR A 555 23.68 -27.54 1.62
CA TYR A 555 24.07 -27.76 3.01
C TYR A 555 23.87 -29.22 3.41
N PHE A 556 22.73 -29.80 3.01
CA PHE A 556 22.47 -31.20 3.31
C PHE A 556 23.52 -32.12 2.68
N HIS A 557 23.88 -31.84 1.42
CA HIS A 557 24.92 -32.63 0.76
C HIS A 557 26.27 -32.46 1.44
N LEU A 558 26.62 -31.23 1.81
CA LEU A 558 27.91 -30.98 2.42
C LEU A 558 28.03 -31.66 3.78
N PHE A 559 26.94 -31.74 4.53
CA PHE A 559 27.01 -32.36 5.84
C PHE A 559 26.65 -33.85 5.83
N TRP A 560 25.56 -34.23 5.16
CA TRP A 560 25.11 -35.62 5.13
C TRP A 560 24.74 -36.02 3.70
N PRO A 561 25.73 -36.40 2.90
CA PRO A 561 25.43 -36.83 1.52
C PRO A 561 24.52 -38.06 1.46
N GLN A 562 24.61 -38.95 2.45
CA GLN A 562 23.85 -40.19 2.41
C GLN A 562 22.36 -39.94 2.46
N LEU A 563 21.92 -38.88 3.16
CA LEU A 563 20.50 -38.57 3.20
C LEU A 563 19.96 -38.23 1.81
N ILE A 564 20.71 -37.45 1.04
CA ILE A 564 20.33 -37.16 -0.34
C ILE A 564 20.44 -38.42 -1.20
N ILE A 565 21.45 -39.25 -0.94
CA ILE A 565 21.64 -40.46 -1.71
C ILE A 565 20.46 -41.40 -1.55
N HIS A 566 19.98 -41.57 -0.32
CA HIS A 566 18.88 -42.47 -0.02
C HIS A 566 17.52 -41.81 -0.18
N GLY A 567 17.48 -40.57 -0.66
CA GLY A 567 16.21 -39.90 -0.89
C GLY A 567 15.51 -39.38 0.35
N PHE A 568 16.27 -39.11 1.42
CA PHE A 568 15.66 -38.55 2.62
C PHE A 568 15.07 -37.17 2.35
N VAL A 569 15.78 -36.35 1.59
CA VAL A 569 15.32 -35.00 1.25
C VAL A 569 14.51 -35.05 -0.04
N LYS A 570 13.43 -34.28 -0.07
CA LYS A 570 12.57 -34.20 -1.24
C LYS A 570 11.87 -32.85 -1.24
N ARG A 571 11.09 -32.59 -2.28
CA ARG A 571 10.34 -31.35 -2.36
C ARG A 571 9.10 -31.58 -3.23
N LEU A 572 8.13 -30.70 -3.06
CA LEU A 572 6.91 -30.72 -3.85
C LEU A 572 6.96 -29.62 -4.91
N LEU A 573 6.51 -29.95 -6.11
CA LEU A 573 6.63 -29.08 -7.27
C LEU A 573 5.24 -28.62 -7.67
N THR A 574 4.94 -27.33 -7.47
CA THR A 574 3.65 -26.75 -7.82
C THR A 574 3.65 -26.24 -9.26
N PRO A 575 2.48 -26.19 -9.91
CA PRO A 575 2.41 -25.65 -11.27
C PRO A 575 2.48 -24.14 -11.26
N LEU A 576 3.41 -23.59 -12.05
CA LEU A 576 3.56 -22.14 -12.14
C LEU A 576 2.41 -21.52 -12.93
N ILE A 577 2.07 -22.12 -14.07
CA ILE A 577 1.05 -21.60 -14.97
C ILE A 577 0.02 -22.69 -15.24
N ARG A 578 -1.25 -22.35 -15.11
CA ARG A 578 -2.35 -23.26 -15.39
C ARG A 578 -3.26 -22.66 -16.47
N VAL A 579 -3.62 -23.49 -17.44
CA VAL A 579 -4.53 -23.09 -18.52
C VAL A 579 -5.78 -23.95 -18.40
N TYR A 580 -6.93 -23.29 -18.26
CA TYR A 580 -8.21 -23.97 -18.09
C TYR A 580 -9.04 -23.80 -19.35
N GLU A 581 -9.62 -24.90 -19.82
CA GLU A 581 -10.49 -24.90 -20.98
C GLU A 581 -11.95 -24.96 -20.52
N LYS A 582 -12.78 -24.09 -21.08
CA LYS A 582 -14.19 -24.05 -20.71
C LYS A 582 -14.87 -25.37 -21.04
N GLY A 583 -15.62 -25.90 -20.09
CA GLY A 583 -16.23 -27.20 -20.23
C GLY A 583 -15.40 -28.36 -19.72
N LYS A 584 -14.14 -28.11 -19.33
CA LYS A 584 -13.27 -29.12 -18.78
C LYS A 584 -12.73 -28.67 -17.44
N THR A 585 -12.60 -29.61 -16.51
CA THR A 585 -12.20 -29.32 -15.14
C THR A 585 -10.73 -29.60 -14.86
N MET A 586 -9.95 -29.94 -15.87
CA MET A 586 -8.53 -30.21 -15.65
C MET A 586 -7.68 -29.18 -16.37
N PRO A 587 -6.66 -28.63 -15.71
CA PRO A 587 -5.77 -27.66 -16.34
C PRO A 587 -4.54 -28.35 -16.95
N VAL A 588 -3.75 -27.54 -17.65
CA VAL A 588 -2.49 -28.04 -18.20
C VAL A 588 -1.39 -28.11 -17.16
N GLU A 589 -1.53 -27.36 -16.06
CA GLU A 589 -0.59 -27.30 -14.93
C GLU A 589 0.87 -27.35 -15.40
N PHE A 590 1.22 -26.37 -16.23
CA PHE A 590 2.58 -26.27 -16.72
C PHE A 590 3.49 -25.63 -15.67
N TYR A 591 4.77 -25.99 -15.72
CA TYR A 591 5.72 -25.64 -14.69
C TYR A 591 6.72 -24.57 -15.10
N TYR A 592 7.24 -24.63 -16.33
CA TYR A 592 8.26 -23.69 -16.79
C TYR A 592 7.70 -22.79 -17.87
N GLU A 593 8.17 -21.55 -17.91
CA GLU A 593 7.69 -20.59 -18.90
C GLU A 593 8.05 -21.01 -20.32
N GLN A 594 9.18 -21.70 -20.49
CA GLN A 594 9.52 -22.22 -21.81
C GLN A 594 8.51 -23.24 -22.29
N GLU A 595 8.08 -24.13 -21.39
CA GLU A 595 7.05 -25.12 -21.75
C GLU A 595 5.74 -24.43 -22.08
N PHE A 596 5.36 -23.42 -21.31
CA PHE A 596 4.12 -22.70 -21.59
C PHE A 596 4.19 -21.99 -22.94
N ASP A 597 5.34 -21.38 -23.27
CA ASP A 597 5.49 -20.74 -24.57
C ASP A 597 5.43 -21.75 -25.70
N ALA A 598 6.05 -22.92 -25.51
CA ALA A 598 5.98 -23.96 -26.53
C ALA A 598 4.55 -24.44 -26.73
N TRP A 599 3.80 -24.61 -25.64
CA TRP A 599 2.41 -25.02 -25.76
C TRP A 599 1.57 -23.95 -26.45
N ALA A 600 1.82 -22.68 -26.13
CA ALA A 600 1.07 -21.59 -26.76
C ALA A 600 1.35 -21.51 -28.26
N LYS A 601 2.62 -21.65 -28.65
CA LYS A 601 2.96 -21.56 -30.06
C LYS A 601 2.54 -22.80 -30.84
N LYS A 602 2.53 -23.97 -30.21
CA LYS A 602 2.08 -25.18 -30.89
C LYS A 602 0.56 -25.22 -31.04
N GLN A 603 -0.17 -24.49 -30.21
CA GLN A 603 -1.62 -24.44 -30.35
C GLN A 603 -2.02 -23.58 -31.55
N THR A 604 -3.15 -23.94 -32.15
CA THR A 604 -3.64 -23.17 -33.30
C THR A 604 -3.97 -21.74 -32.92
N SER A 605 -4.63 -21.56 -31.78
CA SER A 605 -4.98 -20.22 -31.31
C SER A 605 -5.19 -20.27 -29.80
N LEU A 606 -5.10 -19.11 -29.18
CA LEU A 606 -5.33 -18.97 -27.74
C LEU A 606 -6.79 -18.65 -27.43
N VAL A 607 -7.70 -19.46 -27.96
CA VAL A 607 -9.12 -19.29 -27.76
C VAL A 607 -9.64 -20.44 -26.90
N ASN A 608 -10.75 -20.19 -26.21
CA ASN A 608 -11.38 -21.16 -25.32
C ASN A 608 -10.43 -21.61 -24.22
N HIS A 609 -9.48 -20.75 -23.85
CA HIS A 609 -8.50 -21.05 -22.82
C HIS A 609 -8.32 -19.85 -21.91
N THR A 610 -8.20 -20.12 -20.61
CA THR A 610 -7.94 -19.09 -19.62
C THR A 610 -6.60 -19.38 -18.97
N VAL A 611 -5.68 -18.42 -19.05
CA VAL A 611 -4.32 -18.58 -18.53
C VAL A 611 -4.27 -17.95 -17.14
N LYS A 612 -3.84 -18.73 -16.16
CA LYS A 612 -3.71 -18.28 -14.78
C LYS A 612 -2.25 -18.34 -14.37
N TYR A 613 -1.74 -17.23 -13.86
CA TYR A 613 -0.35 -17.13 -13.41
C TYR A 613 -0.31 -17.17 -11.89
N TYR A 614 0.55 -18.02 -11.34
CA TYR A 614 0.71 -18.18 -9.90
C TYR A 614 2.15 -17.81 -9.53
N LYS A 615 2.36 -16.52 -9.28
CA LYS A 615 3.66 -16.03 -8.82
C LYS A 615 3.74 -16.03 -7.29
N GLY A 616 3.44 -17.17 -6.71
CA GLY A 616 3.40 -17.34 -5.27
C GLY A 616 2.40 -18.42 -4.92
N LEU A 617 2.72 -19.17 -3.85
CA LEU A 617 1.85 -20.26 -3.43
C LEU A 617 0.50 -19.76 -2.95
N ALA A 618 0.49 -18.63 -2.23
CA ALA A 618 -0.76 -18.09 -1.70
C ALA A 618 -1.70 -17.62 -2.78
N ALA A 619 -1.24 -17.47 -4.02
CA ALA A 619 -2.12 -17.07 -5.11
C ALA A 619 -3.12 -18.16 -5.48
N HIS A 620 -2.87 -19.41 -5.10
CA HIS A 620 -3.80 -20.49 -5.40
C HIS A 620 -5.08 -20.33 -4.59
N ASP A 621 -6.17 -20.85 -5.15
CA ASP A 621 -7.49 -20.73 -4.54
C ASP A 621 -7.80 -21.97 -3.70
N THR A 622 -8.95 -21.94 -3.03
CA THR A 622 -9.36 -23.07 -2.18
C THR A 622 -9.56 -24.33 -3.00
N HIS A 623 -10.23 -24.23 -4.15
CA HIS A 623 -10.40 -25.41 -4.99
C HIS A 623 -9.07 -25.88 -5.56
N GLU A 624 -8.17 -24.93 -5.87
CA GLU A 624 -6.85 -25.31 -6.37
C GLU A 624 -6.08 -26.09 -5.31
N VAL A 625 -6.06 -25.60 -4.08
CA VAL A 625 -5.30 -26.27 -3.03
C VAL A 625 -5.94 -27.61 -2.66
N LYS A 626 -7.28 -27.68 -2.71
CA LYS A 626 -7.92 -28.96 -2.41
C LYS A 626 -7.67 -29.98 -3.52
N SER A 627 -7.59 -29.52 -4.78
CA SER A 627 -7.22 -30.43 -5.86
C SER A 627 -5.77 -30.89 -5.71
N MET A 628 -4.88 -29.99 -5.30
CA MET A 628 -3.49 -30.37 -5.07
C MET A 628 -3.38 -31.41 -3.96
N PHE A 629 -4.10 -31.19 -2.85
CA PHE A 629 -4.03 -32.10 -1.72
C PHE A 629 -4.79 -33.40 -1.96
N LYS A 630 -5.73 -33.42 -2.91
CA LYS A 630 -6.38 -34.67 -3.28
C LYS A 630 -5.37 -35.64 -3.90
N HIS A 631 -4.46 -35.12 -4.70
CA HIS A 631 -3.39 -35.91 -5.32
C HIS A 631 -2.03 -35.56 -4.71
N PHE A 632 -2.00 -35.37 -3.39
CA PHE A 632 -0.75 -34.99 -2.72
C PHE A 632 0.31 -36.06 -2.86
N ASP A 633 -0.08 -37.32 -3.07
CA ASP A 633 0.91 -38.37 -3.33
C ASP A 633 1.69 -38.09 -4.60
N ASN A 634 1.07 -37.43 -5.57
CA ASN A 634 1.77 -36.99 -6.78
C ASN A 634 2.46 -35.66 -6.50
N MET A 635 3.00 -35.03 -7.56
CA MET A 635 3.64 -33.71 -7.53
C MET A 635 4.64 -33.56 -6.37
N VAL A 636 5.18 -34.66 -5.88
CA VAL A 636 6.22 -34.66 -4.85
C VAL A 636 7.43 -35.38 -5.42
N TYR A 637 8.54 -34.67 -5.54
CA TYR A 637 9.72 -35.17 -6.22
C TYR A 637 10.85 -35.39 -5.22
N THR A 638 11.51 -36.53 -5.33
CA THR A 638 12.60 -36.90 -4.43
C THR A 638 13.94 -36.58 -5.09
N PHE A 639 14.82 -35.91 -4.36
CA PHE A 639 16.12 -35.54 -4.89
C PHE A 639 17.08 -36.71 -4.87
N THR A 640 17.81 -36.90 -5.96
CA THR A 640 18.81 -37.95 -6.08
C THR A 640 20.17 -37.34 -6.31
N LEU A 641 21.18 -37.90 -5.65
CA LEU A 641 22.54 -37.38 -5.73
C LEU A 641 23.34 -38.17 -6.75
N ASP A 642 24.12 -37.47 -7.57
CA ASP A 642 24.98 -38.07 -8.57
C ASP A 642 26.44 -37.83 -8.21
N ASP A 643 27.33 -38.54 -8.92
CA ASP A 643 28.76 -38.38 -8.68
C ASP A 643 29.24 -36.99 -9.06
N SER A 644 28.66 -36.41 -10.11
CA SER A 644 29.07 -35.10 -10.60
C SER A 644 28.48 -33.95 -9.79
N ALA A 645 27.60 -34.24 -8.83
CA ALA A 645 26.96 -33.16 -8.06
C ALA A 645 27.96 -32.42 -7.18
N LYS A 646 29.02 -33.08 -6.73
CA LYS A 646 29.95 -32.47 -5.79
C LYS A 646 30.64 -31.26 -6.40
N GLU A 647 31.15 -31.39 -7.63
CA GLU A 647 31.82 -30.27 -8.27
C GLU A 647 30.86 -29.14 -8.59
N LEU A 648 29.61 -29.47 -8.95
CA LEU A 648 28.61 -28.42 -9.17
C LEU A 648 28.33 -27.66 -7.88
N PHE A 649 28.23 -28.37 -6.76
CA PHE A 649 28.03 -27.72 -5.47
C PHE A 649 29.21 -26.82 -5.13
N HIS A 650 30.43 -27.30 -5.37
CA HIS A 650 31.62 -26.50 -5.06
C HIS A 650 31.68 -25.26 -5.94
N ILE A 651 31.32 -25.39 -7.21
CA ILE A 651 31.36 -24.24 -8.12
C ILE A 651 30.29 -23.23 -7.74
N TYR A 652 29.06 -23.68 -7.51
CA TYR A 652 27.97 -22.75 -7.26
C TYR A 652 28.06 -22.15 -5.86
N PHE A 653 28.55 -22.90 -4.88
CA PHE A 653 28.67 -22.43 -3.51
C PHE A 653 30.05 -22.75 -2.97
N GLY A 654 30.67 -21.77 -2.32
CA GLY A 654 31.97 -21.98 -1.73
C GLY A 654 32.91 -20.80 -1.88
N GLY A 655 34.13 -20.95 -1.37
CA GLY A 655 35.12 -19.89 -1.42
C GLY A 655 35.54 -19.50 -2.82
N GLU A 656 35.52 -20.46 -3.74
CA GLU A 656 35.94 -20.21 -5.12
C GLU A 656 35.03 -19.20 -5.80
N SER A 657 35.54 -18.00 -6.03
CA SER A 657 34.73 -16.94 -6.64
C SER A 657 34.84 -16.97 -8.16
N GLU A 658 36.06 -16.95 -8.68
CA GLU A 658 36.27 -16.92 -10.12
C GLU A 658 35.74 -18.19 -10.79
N LEU A 659 35.67 -19.27 -10.02
CA LEU A 659 35.20 -20.56 -10.54
C LEU A 659 33.76 -20.45 -11.04
N ARG A 660 32.91 -19.75 -10.30
CA ARG A 660 31.52 -19.56 -10.73
C ARG A 660 31.37 -18.45 -11.76
N LYS A 661 32.38 -17.58 -11.92
CA LYS A 661 32.31 -16.55 -12.96
C LYS A 661 32.30 -17.17 -14.34
N ARG A 662 33.21 -18.12 -14.59
CA ARG A 662 33.28 -18.79 -15.88
C ARG A 662 32.07 -19.68 -16.12
N GLU A 663 31.34 -20.05 -15.07
CA GLU A 663 30.14 -20.86 -15.22
C GLU A 663 28.91 -20.00 -15.48
N LEU A 664 28.86 -18.81 -14.87
CA LEU A 664 27.78 -17.88 -15.12
C LEU A 664 27.91 -17.14 -16.44
N CYS A 665 29.12 -16.96 -16.95
CA CYS A 665 29.30 -16.22 -18.19
C CYS A 665 28.77 -16.96 -19.41
N THR A 666 28.45 -18.26 -19.27
CA THR A 666 27.98 -19.03 -20.42
C THR A 666 26.49 -18.81 -20.67
N GLY A 667 25.66 -19.18 -19.69
CA GLY A 667 24.22 -19.07 -19.84
C GLY A 667 23.49 -20.35 -19.50
N VAL A 668 22.19 -20.24 -19.18
CA VAL A 668 21.42 -21.40 -18.75
C VAL A 668 21.19 -22.34 -19.92
N VAL A 669 21.32 -23.63 -19.65
CA VAL A 669 21.09 -24.68 -20.66
C VAL A 669 19.75 -25.35 -20.35
N PRO A 670 18.77 -25.26 -21.24
CA PRO A 670 17.47 -25.88 -20.96
C PRO A 670 17.57 -27.39 -20.90
N LEU A 671 16.68 -27.99 -20.10
CA LEU A 671 16.66 -29.43 -19.95
C LEU A 671 16.19 -30.10 -21.23
N THR A 672 16.74 -31.29 -21.49
CA THR A 672 16.33 -32.06 -22.66
C THR A 672 14.94 -32.65 -22.44
N GLU A 673 14.28 -32.96 -23.57
CA GLU A 673 12.93 -33.52 -23.51
C GLU A 673 12.92 -34.89 -22.82
N THR A 674 13.93 -35.71 -23.10
CA THR A 674 14.00 -37.02 -22.46
C THR A 674 14.18 -36.91 -20.95
N GLN A 675 14.98 -35.93 -20.51
CA GLN A 675 15.16 -35.73 -19.07
C GLN A 675 13.85 -35.30 -18.42
N THR A 676 13.12 -34.38 -19.06
CA THR A 676 11.82 -33.95 -18.52
C THR A 676 10.83 -35.11 -18.47
N GLN A 677 10.82 -35.95 -19.52
CA GLN A 677 9.95 -37.11 -19.53
C GLN A 677 10.31 -38.08 -18.41
N SER A 678 11.60 -38.30 -18.18
CA SER A 678 12.02 -39.16 -17.09
C SER A 678 11.62 -38.60 -15.73
N ILE A 679 11.76 -37.28 -15.57
CA ILE A 679 11.36 -36.64 -14.31
C ILE A 679 9.87 -36.79 -14.08
N HIS A 680 9.07 -36.58 -15.12
CA HIS A 680 7.62 -36.67 -14.97
C HIS A 680 7.17 -38.11 -14.74
N SER A 681 7.83 -39.07 -15.38
CA SER A 681 7.43 -40.47 -15.24
C SER A 681 7.67 -40.96 -13.82
N VAL A 682 8.88 -40.75 -13.30
CA VAL A 682 9.24 -41.14 -11.95
C VAL A 682 9.89 -39.95 -11.27
N ARG A 683 9.48 -39.66 -10.03
CA ARG A 683 9.86 -38.44 -9.33
C ARG A 683 11.22 -38.65 -8.65
N ARG A 684 12.27 -38.63 -9.47
CA ARG A 684 13.65 -38.71 -9.01
C ARG A 684 14.43 -37.57 -9.69
N ILE A 685 14.42 -36.40 -9.06
CA ILE A 685 15.10 -35.23 -9.63
C ILE A 685 16.58 -35.27 -9.25
N PRO A 686 17.49 -35.34 -10.21
CA PRO A 686 18.91 -35.27 -9.90
C PRO A 686 19.29 -33.91 -9.36
N CYS A 687 20.27 -33.90 -8.46
CA CYS A 687 20.76 -32.64 -7.91
C CYS A 687 21.51 -31.83 -8.97
N SER A 688 22.24 -32.51 -9.84
CA SER A 688 23.02 -31.83 -10.86
C SER A 688 22.11 -31.05 -11.82
N LEU A 689 21.01 -31.67 -12.27
CA LEU A 689 20.11 -30.99 -13.18
C LEU A 689 19.44 -29.79 -12.50
N HIS A 690 19.03 -29.95 -11.25
CA HIS A 690 18.41 -28.84 -10.53
C HIS A 690 19.39 -27.68 -10.36
N LEU A 691 20.63 -27.99 -10.00
CA LEU A 691 21.63 -26.94 -9.83
C LEU A 691 21.94 -26.27 -11.17
N GLN A 692 21.96 -27.04 -12.26
CA GLN A 692 22.29 -26.48 -13.55
C GLN A 692 21.16 -25.64 -14.12
N VAL A 693 19.92 -25.92 -13.74
CA VAL A 693 18.79 -25.19 -14.31
C VAL A 693 18.29 -24.10 -13.36
N ASP A 694 17.74 -24.51 -12.22
CA ASP A 694 17.04 -23.55 -11.36
C ASP A 694 18.02 -22.61 -10.67
N THR A 695 19.09 -23.16 -10.10
CA THR A 695 20.07 -22.31 -9.42
C THR A 695 20.76 -21.38 -10.39
N LYS A 696 21.12 -21.87 -11.58
CA LYS A 696 21.76 -21.02 -12.58
C LYS A 696 20.82 -19.92 -13.06
N ALA A 697 19.54 -20.24 -13.25
CA ALA A 697 18.58 -19.22 -13.66
C ALA A 697 18.41 -18.17 -12.58
N TYR A 698 18.37 -18.60 -11.31
CA TYR A 698 18.29 -17.63 -10.22
C TYR A 698 19.52 -16.74 -10.17
N LYS A 699 20.71 -17.33 -10.37
CA LYS A 699 21.93 -16.53 -10.37
C LYS A 699 21.92 -15.52 -11.50
N LEU A 700 21.48 -15.93 -12.69
CA LEU A 700 21.39 -14.99 -13.81
C LEU A 700 20.40 -13.88 -13.53
N ASP A 701 19.25 -14.22 -12.92
CA ASP A 701 18.28 -13.20 -12.57
C ASP A 701 18.84 -12.21 -11.55
N ALA A 702 19.59 -12.72 -10.58
CA ALA A 702 20.23 -11.83 -9.60
C ALA A 702 21.25 -10.93 -10.26
N ILE A 703 22.02 -11.46 -11.21
CA ILE A 703 22.98 -10.65 -11.96
C ILE A 703 22.23 -9.52 -12.69
N GLU A 704 21.13 -9.87 -13.35
CA GLU A 704 20.38 -8.87 -14.11
C GLU A 704 19.76 -7.82 -13.18
N ARG A 705 19.26 -8.24 -12.02
CA ARG A 705 18.55 -7.33 -11.13
C ARG A 705 19.46 -6.53 -10.21
N GLN A 706 20.73 -6.94 -10.10
CA GLN A 706 21.65 -6.24 -9.14
C GLN A 706 22.64 -5.37 -9.94
N ILE A 707 23.34 -5.97 -10.90
CA ILE A 707 24.32 -5.21 -11.73
C ILE A 707 23.56 -4.12 -12.51
N PRO A 708 23.92 -2.82 -12.35
CA PRO A 708 23.28 -1.75 -13.11
C PRO A 708 23.68 -1.84 -14.59
N ASN A 709 22.74 -1.56 -15.51
CA ASN A 709 23.10 -1.55 -16.95
C ASN A 709 24.09 -0.42 -17.20
N PHE A 710 25.21 -0.70 -17.88
CA PHE A 710 26.25 0.33 -18.09
C PHE A 710 25.65 1.55 -18.82
N LEU A 711 24.76 1.29 -19.77
CA LEU A 711 24.09 2.40 -20.51
C LEU A 711 23.27 3.24 -19.52
N ASP A 712 22.45 2.60 -18.70
CA ASP A 712 21.57 3.34 -17.76
C ASP A 712 22.35 3.83 -16.54
N GLY A 713 23.28 3.02 -16.02
CA GLY A 713 23.98 3.40 -14.78
C GLY A 713 23.12 3.06 -13.58
N MET A 714 21.96 2.44 -13.81
CA MET A 714 21.03 2.06 -12.71
C MET A 714 20.56 0.62 -12.92
N THR A 715 19.93 0.02 -11.89
CA THR A 715 19.50 -1.37 -11.97
C THR A 715 18.07 -1.47 -12.50
N ARG A 716 17.60 -2.72 -12.64
CA ARG A 716 16.26 -2.97 -13.16
C ARG A 716 15.19 -2.42 -12.23
N ALA A 717 15.34 -2.65 -10.93
CA ALA A 717 14.38 -2.12 -9.97
C ALA A 717 14.37 -0.60 -9.99
N ARG A 718 15.56 0.02 -10.05
CA ARG A 718 15.63 1.47 -10.11
C ARG A 718 14.99 2.03 -11.37
N ARG A 719 15.20 1.37 -12.50
CA ARG A 719 14.60 1.85 -13.74
C ARG A 719 13.09 1.64 -13.75
N LYS A 720 12.61 0.56 -13.13
CA LYS A 720 11.17 0.38 -12.98
C LYS A 720 10.57 1.47 -12.09
N ILE A 721 11.30 1.82 -11.02
CA ILE A 721 10.85 2.91 -10.15
C ILE A 721 10.80 4.22 -10.91
N LEU A 722 11.82 4.49 -11.73
CA LEU A 722 11.83 5.71 -12.52
C LEU A 722 10.67 5.73 -13.51
N ALA A 723 10.39 4.59 -14.15
CA ALA A 723 9.25 4.52 -15.06
C ALA A 723 7.94 4.79 -14.33
N GLY A 724 7.78 4.19 -13.15
CA GLY A 724 6.58 4.45 -12.37
C GLY A 724 6.44 5.90 -11.98
N GLY A 725 7.54 6.54 -11.58
CA GLY A 725 7.50 7.95 -11.24
C GLY A 725 7.17 8.83 -12.44
N VAL A 726 7.74 8.51 -13.60
CA VAL A 726 7.45 9.27 -14.81
C VAL A 726 5.97 9.14 -15.18
N LYS A 727 5.43 7.93 -15.09
CA LYS A 727 4.03 7.72 -15.42
C LYS A 727 3.11 8.41 -14.42
N CYS A 728 3.44 8.35 -13.13
CA CYS A 728 2.56 8.90 -12.11
C CYS A 728 2.58 10.42 -12.10
N PHE A 729 3.77 11.02 -12.19
CA PHE A 729 3.92 12.46 -12.02
C PHE A 729 3.77 13.24 -13.33
N ALA A 730 3.58 12.55 -14.46
CA ALA A 730 3.37 13.26 -15.71
C ALA A 730 2.06 14.03 -15.69
N SER A 731 0.99 13.41 -15.18
CA SER A 731 -0.30 14.08 -15.11
C SER A 731 -0.26 15.26 -14.15
N ASN A 732 0.39 15.08 -13.00
CA ASN A 732 0.50 16.14 -12.01
C ASN A 732 1.77 15.94 -11.21
N ASN A 733 2.53 17.03 -11.03
CA ASN A 733 3.77 16.98 -10.26
C ASN A 733 3.54 17.11 -8.76
N ARG A 734 2.31 16.89 -8.30
CA ARG A 734 2.01 17.00 -6.88
C ARG A 734 2.72 15.92 -6.08
N GLU A 735 3.03 16.25 -4.83
CA GLU A 735 3.76 15.34 -3.96
C GLU A 735 2.92 14.10 -3.64
N ARG A 736 3.59 12.95 -3.58
CA ARG A 736 2.96 11.68 -3.21
C ARG A 736 3.79 11.01 -2.14
N LYS A 737 3.11 10.28 -1.25
CA LYS A 737 3.80 9.56 -0.20
C LYS A 737 4.55 8.36 -0.77
N VAL A 738 5.43 7.79 0.06
CA VAL A 738 6.30 6.70 -0.41
C VAL A 738 5.48 5.46 -0.74
N PHE A 739 4.59 5.05 0.17
CA PHE A 739 3.90 3.78 -0.03
C PHE A 739 2.82 3.87 -1.10
N GLN A 740 2.19 5.04 -1.27
CA GLN A 740 1.27 5.22 -2.40
C GLN A 740 2.01 5.03 -3.72
N PHE A 741 3.17 5.66 -3.86
CA PHE A 741 3.95 5.52 -5.08
C PHE A 741 4.44 4.09 -5.27
N GLY A 742 4.82 3.43 -4.17
CA GLY A 742 5.23 2.03 -4.26
C GLY A 742 4.11 1.12 -4.73
N GLY A 743 2.92 1.30 -4.18
CA GLY A 743 1.77 0.55 -4.66
C GLY A 743 1.44 0.84 -6.11
N TYR A 744 1.54 2.11 -6.50
CA TYR A 744 1.27 2.48 -7.88
C TYR A 744 2.24 1.80 -8.84
N VAL A 745 3.53 1.84 -8.52
CA VAL A 745 4.52 1.25 -9.41
C VAL A 745 4.43 -0.27 -9.38
N ALA A 746 4.03 -0.85 -8.24
CA ALA A 746 3.86 -2.30 -8.17
C ALA A 746 2.69 -2.75 -9.04
N ASP A 747 1.55 -2.08 -8.93
CA ASP A 747 0.36 -2.48 -9.67
C ASP A 747 0.53 -2.19 -11.17
N HIS A 748 0.96 -0.97 -11.51
CA HIS A 748 1.02 -0.58 -12.91
C HIS A 748 2.18 -1.23 -13.64
N MET A 749 3.35 -1.27 -13.01
CA MET A 749 4.56 -1.72 -13.69
C MET A 749 4.90 -3.19 -13.41
N PHE A 750 4.02 -3.91 -12.73
CA PHE A 750 4.14 -5.36 -12.53
C PHE A 750 5.43 -5.71 -11.78
N TYR A 751 5.53 -5.19 -10.56
CA TYR A 751 6.62 -5.53 -9.65
C TYR A 751 6.08 -6.58 -8.68
N HIS A 752 6.46 -7.84 -8.92
CA HIS A 752 5.92 -8.98 -8.18
C HIS A 752 6.92 -9.55 -7.19
N HIS A 753 7.72 -8.70 -6.54
CA HIS A 753 8.72 -9.13 -5.59
C HIS A 753 8.32 -8.84 -4.14
N GLY A 754 8.00 -7.59 -3.83
CA GLY A 754 7.64 -7.26 -2.46
C GLY A 754 7.34 -5.78 -2.34
N ASP A 755 7.27 -5.33 -1.09
CA ASP A 755 6.98 -3.93 -0.79
C ASP A 755 8.09 -3.24 -0.02
N MET A 756 8.66 -3.90 1.00
CA MET A 756 9.71 -3.28 1.79
C MET A 756 10.95 -2.98 0.94
N SER A 757 11.34 -3.92 0.08
CA SER A 757 12.48 -3.69 -0.80
C SER A 757 12.21 -2.54 -1.75
N LEU A 758 11.00 -2.47 -2.29
CA LEU A 758 10.65 -1.37 -3.21
C LEU A 758 10.73 -0.02 -2.50
N ASN A 759 10.18 0.06 -1.28
CA ASN A 759 10.23 1.32 -0.53
C ASN A 759 11.66 1.69 -0.18
N THR A 760 12.48 0.71 0.20
CA THR A 760 13.88 0.99 0.51
C THR A 760 14.61 1.49 -0.73
N SER A 761 14.35 0.89 -1.89
CA SER A 761 14.99 1.34 -3.13
C SER A 761 14.55 2.75 -3.49
N ILE A 762 13.25 3.05 -3.30
CA ILE A 762 12.76 4.41 -3.58
C ILE A 762 13.44 5.42 -2.66
N ILE A 763 13.56 5.08 -1.37
CA ILE A 763 14.20 5.99 -0.43
C ILE A 763 15.66 6.20 -0.79
N LYS A 764 16.36 5.12 -1.15
CA LYS A 764 17.77 5.25 -1.54
C LYS A 764 17.92 6.11 -2.78
N ALA A 765 17.03 5.93 -3.76
CA ALA A 765 17.09 6.74 -4.98
C ALA A 765 16.83 8.21 -4.68
N ALA A 766 15.89 8.49 -3.78
CA ALA A 766 15.53 9.88 -3.47
C ALA A 766 16.48 10.52 -2.46
N GLN A 767 17.41 9.76 -1.88
CA GLN A 767 18.35 10.31 -0.92
C GLN A 767 19.33 11.26 -1.62
N TYR A 768 19.64 12.38 -0.96
CA TYR A 768 20.61 13.33 -1.48
C TYR A 768 21.35 13.96 -0.32
N TYR A 769 22.64 13.66 -0.22
CA TYR A 769 23.52 14.25 0.79
C TYR A 769 24.95 14.08 0.32
N PRO A 770 25.89 14.86 0.86
CA PRO A 770 27.30 14.66 0.50
C PRO A 770 27.75 13.24 0.78
N GLY A 771 28.42 12.64 -0.20
CA GLY A 771 28.87 11.27 -0.08
C GLY A 771 27.83 10.21 -0.39
N SER A 772 26.61 10.61 -0.76
CA SER A 772 25.57 9.63 -1.07
C SER A 772 25.86 8.94 -2.39
N SER A 773 25.22 7.78 -2.57
CA SER A 773 25.41 7.01 -3.79
C SER A 773 24.90 7.76 -5.01
N HIS A 774 23.75 8.43 -4.88
CA HIS A 774 23.13 9.12 -6.00
C HIS A 774 23.60 10.57 -6.04
N LEU A 775 24.45 10.89 -7.01
CA LEU A 775 24.89 12.27 -7.17
C LEU A 775 23.79 13.14 -7.77
N TYR A 776 22.94 12.57 -8.64
CA TYR A 776 21.82 13.27 -9.25
C TYR A 776 20.56 12.45 -9.03
N PRO A 777 19.95 12.55 -7.85
CA PRO A 777 18.72 11.79 -7.61
C PRO A 777 17.62 12.19 -8.57
N VAL A 778 16.82 11.20 -8.98
CA VAL A 778 15.73 11.45 -9.91
C VAL A 778 14.44 11.88 -9.21
N PHE A 779 14.43 11.89 -7.88
CA PHE A 779 13.26 12.27 -7.11
C PHE A 779 13.61 13.40 -6.16
N ILE A 780 12.77 14.44 -6.14
CA ILE A 780 12.89 15.52 -5.16
C ILE A 780 12.17 15.05 -3.90
N GLY A 781 12.93 14.80 -2.84
CA GLY A 781 12.38 14.25 -1.62
C GLY A 781 12.09 15.31 -0.58
N ILE A 782 10.99 15.09 0.16
CA ILE A 782 10.57 15.98 1.24
C ILE A 782 10.42 15.14 2.49
N GLY A 783 11.17 15.50 3.53
CA GLY A 783 11.14 14.78 4.79
C GLY A 783 12.53 14.50 5.28
N SER A 784 12.64 13.50 6.16
CA SER A 784 13.90 13.12 6.78
C SER A 784 14.42 11.86 6.10
N PHE A 785 15.22 12.05 5.05
CA PHE A 785 15.87 10.94 4.38
C PHE A 785 17.17 10.54 5.06
N GLY A 786 17.63 11.30 6.03
CA GLY A 786 18.88 11.01 6.69
C GLY A 786 20.04 11.78 6.11
N SER A 787 20.97 12.17 6.98
CA SER A 787 22.14 12.92 6.59
C SER A 787 23.31 11.98 6.30
N ARG A 788 24.47 12.57 6.03
CA ARG A 788 25.66 11.77 5.76
C ARG A 788 26.17 11.05 7.01
N HIS A 789 25.70 11.44 8.20
CA HIS A 789 26.21 10.87 9.43
C HIS A 789 25.89 9.37 9.53
N LEU A 790 24.64 9.01 9.28
CA LEU A 790 24.26 7.60 9.35
C LEU A 790 24.33 6.89 8.00
N GLY A 791 24.73 7.59 6.95
CA GLY A 791 24.78 6.99 5.62
C GLY A 791 23.43 6.55 5.11
N GLY A 792 22.38 7.30 5.43
CA GLY A 792 21.03 6.96 5.02
C GLY A 792 20.32 5.96 5.88
N LYS A 793 20.94 5.48 6.95
CA LYS A 793 20.31 4.49 7.83
C LYS A 793 19.30 5.10 8.79
N ASP A 794 19.32 6.43 8.98
CA ASP A 794 18.39 7.11 9.88
C ASP A 794 17.21 7.72 9.14
N ALA A 795 16.89 7.21 7.95
CA ALA A 795 15.73 7.71 7.21
C ALA A 795 14.45 7.34 7.96
N GLY A 796 13.42 8.14 7.75
CA GLY A 796 12.15 7.96 8.43
C GLY A 796 11.38 6.78 7.88
N SER A 797 10.20 6.56 8.47
CA SER A 797 9.33 5.50 8.00
C SER A 797 8.69 5.87 6.66
N PRO A 798 8.44 4.88 5.81
CA PRO A 798 7.79 5.17 4.52
C PRO A 798 6.36 5.66 4.66
N ARG A 799 5.75 5.52 5.84
CA ARG A 799 4.37 5.96 6.03
C ARG A 799 4.20 7.46 5.83
N TYR A 800 5.26 8.25 6.07
CA TYR A 800 5.14 9.69 6.07
C TYR A 800 6.17 10.42 5.20
N ILE A 801 7.17 9.73 4.66
CA ILE A 801 8.15 10.39 3.81
C ILE A 801 7.51 10.80 2.51
N SER A 802 7.81 12.03 2.07
CA SER A 802 7.23 12.61 0.86
C SER A 802 8.27 12.65 -0.25
N VAL A 803 7.89 12.20 -1.44
CA VAL A 803 8.75 12.20 -2.60
C VAL A 803 7.98 12.79 -3.79
N GLN A 804 8.68 13.55 -4.62
CA GLN A 804 8.11 14.07 -5.85
C GLN A 804 9.16 14.00 -6.95
N LEU A 805 8.68 13.94 -8.19
CA LEU A 805 9.57 13.76 -9.33
C LEU A 805 10.25 15.07 -9.71
N ALA A 806 11.54 14.99 -10.04
CA ALA A 806 12.28 16.13 -10.58
C ALA A 806 11.94 16.23 -12.05
N SER A 807 10.85 16.94 -12.36
CA SER A 807 10.32 16.97 -13.71
C SER A 807 11.32 17.60 -14.69
N GLU A 808 11.93 18.72 -14.30
CA GLU A 808 12.86 19.41 -15.19
C GLU A 808 14.09 18.56 -15.46
N PHE A 809 14.67 17.98 -14.41
CA PHE A 809 15.88 17.18 -14.58
C PHE A 809 15.61 15.95 -15.44
N ILE A 810 14.49 15.27 -15.21
CA ILE A 810 14.16 14.09 -15.99
C ILE A 810 13.87 14.47 -17.44
N LYS A 811 13.11 15.55 -17.66
CA LYS A 811 12.76 15.93 -19.01
C LYS A 811 13.97 16.44 -19.79
N THR A 812 14.98 16.99 -19.10
CA THR A 812 16.21 17.38 -19.76
C THR A 812 17.23 16.27 -19.82
N MET A 813 17.01 15.16 -19.11
CA MET A 813 17.95 14.06 -19.06
C MET A 813 17.42 12.79 -19.72
N PHE A 814 16.12 12.55 -19.65
CA PHE A 814 15.47 11.43 -20.33
C PHE A 814 14.37 12.00 -21.23
N PRO A 815 14.69 12.30 -22.49
CA PRO A 815 13.68 12.89 -23.38
C PRO A 815 12.50 11.96 -23.60
N ALA A 816 11.32 12.57 -23.78
CA ALA A 816 10.10 11.79 -23.94
C ALA A 816 10.14 10.95 -25.21
N GLU A 817 10.60 11.53 -26.32
CA GLU A 817 10.68 10.78 -27.57
C GLU A 817 11.68 9.63 -27.47
N ASP A 818 12.78 9.84 -26.76
CA ASP A 818 13.73 8.76 -26.53
C ASP A 818 13.07 7.60 -25.79
N SER A 819 12.28 7.92 -24.75
CA SER A 819 11.53 6.88 -24.06
C SER A 819 10.51 6.23 -24.98
N TRP A 820 9.96 6.99 -25.93
CA TRP A 820 9.04 6.42 -26.90
C TRP A 820 9.72 5.35 -27.74
N LEU A 821 10.91 5.65 -28.25
CA LEU A 821 11.58 4.72 -29.16
C LEU A 821 12.43 3.67 -28.46
N LEU A 822 12.50 3.69 -27.13
CA LEU A 822 13.26 2.67 -26.43
C LEU A 822 12.56 1.32 -26.54
N PRO A 823 13.32 0.24 -26.68
CA PRO A 823 12.71 -1.10 -26.60
C PRO A 823 12.16 -1.36 -25.21
N TYR A 824 11.05 -2.08 -25.16
CA TYR A 824 10.32 -2.30 -23.91
C TYR A 824 10.34 -3.77 -23.53
N VAL A 825 10.32 -4.02 -22.22
CA VAL A 825 10.19 -5.37 -21.68
C VAL A 825 8.72 -5.71 -21.58
N PHE A 826 8.34 -6.87 -22.09
CA PHE A 826 6.94 -7.32 -22.08
C PHE A 826 6.74 -8.29 -20.93
N GLU A 827 5.78 -7.96 -20.06
CA GLU A 827 5.43 -8.80 -18.91
C GLU A 827 4.02 -9.34 -19.12
N ASP A 828 3.91 -10.65 -19.33
CA ASP A 828 2.63 -11.33 -19.55
C ASP A 828 1.87 -10.70 -20.72
N GLY A 829 2.60 -10.34 -21.77
CA GLY A 829 2.00 -9.72 -22.92
C GLY A 829 1.66 -8.26 -22.76
N GLN A 830 2.06 -7.63 -21.66
CA GLN A 830 1.77 -6.23 -21.40
C GLN A 830 3.07 -5.45 -21.29
N ARG A 831 3.01 -4.17 -21.66
CA ARG A 831 4.19 -3.33 -21.65
C ARG A 831 4.65 -3.08 -20.21
N ALA A 832 5.97 -3.00 -20.06
CA ALA A 832 6.60 -2.75 -18.76
C ALA A 832 7.75 -1.78 -19.00
N GLU A 833 8.67 -1.69 -18.04
CA GLU A 833 9.78 -0.76 -18.16
C GLU A 833 10.66 -1.13 -19.34
N PRO A 834 11.31 -0.15 -19.96
CA PRO A 834 12.20 -0.44 -21.09
C PRO A 834 13.41 -1.24 -20.65
N GLU A 835 14.05 -1.88 -21.64
CA GLU A 835 15.26 -2.63 -21.37
C GLU A 835 16.35 -1.73 -20.81
N TYR A 836 16.49 -0.53 -21.36
CA TYR A 836 17.51 0.41 -20.89
C TYR A 836 17.10 1.83 -21.22
N TYR A 837 17.15 2.71 -20.22
CA TYR A 837 17.05 4.16 -20.44
C TYR A 837 18.44 4.68 -20.77
N VAL A 838 18.75 4.75 -22.06
CA VAL A 838 20.03 5.33 -22.47
C VAL A 838 19.89 6.85 -22.37
N PRO A 839 20.69 7.50 -21.53
CA PRO A 839 20.50 8.93 -21.27
C PRO A 839 21.41 9.81 -22.14
N VAL A 840 21.24 11.13 -22.03
CA VAL A 840 22.11 12.05 -22.75
C VAL A 840 23.52 12.04 -22.17
N LEU A 841 23.69 11.56 -20.94
CA LEU A 841 24.99 11.48 -20.29
C LEU A 841 25.02 10.20 -19.46
N PRO A 842 26.10 9.41 -19.56
CA PRO A 842 26.09 8.07 -18.96
C PRO A 842 26.13 8.07 -17.44
N LEU A 843 25.01 7.71 -16.81
CA LEU A 843 24.92 7.72 -15.36
C LEU A 843 25.91 6.76 -14.71
N ALA A 844 26.37 5.75 -15.44
CA ALA A 844 27.36 4.82 -14.90
C ALA A 844 28.64 5.53 -14.49
N ILE A 845 28.89 6.72 -15.04
CA ILE A 845 30.07 7.50 -14.66
C ILE A 845 29.76 8.41 -13.46
N MET A 846 28.63 9.13 -13.51
CA MET A 846 28.32 10.05 -12.43
C MET A 846 27.94 9.31 -11.16
N GLU A 847 27.06 8.32 -11.27
CA GLU A 847 26.62 7.57 -10.11
C GLU A 847 27.73 6.63 -9.64
N TYR A 848 27.66 6.25 -8.36
CA TYR A 848 28.67 5.37 -7.79
C TYR A 848 28.08 4.65 -6.59
N GLY A 849 28.42 3.36 -6.47
CA GLY A 849 27.93 2.57 -5.36
C GLY A 849 28.67 1.24 -5.32
N ALA A 850 28.37 0.48 -4.27
CA ALA A 850 29.00 -0.83 -4.05
C ALA A 850 27.90 -1.89 -3.99
N ASN A 851 27.76 -2.65 -5.07
CA ASN A 851 26.73 -3.68 -5.16
C ASN A 851 27.37 -5.05 -5.38
N PRO A 852 27.37 -5.93 -4.39
CA PRO A 852 27.82 -7.31 -4.61
C PRO A 852 26.70 -8.15 -5.19
N SER A 853 26.94 -8.72 -6.37
CA SER A 853 25.89 -9.38 -7.14
C SER A 853 26.32 -10.79 -7.53
N GLU A 854 26.06 -11.74 -6.63
CA GLU A 854 25.95 -13.18 -6.94
C GLU A 854 26.94 -13.64 -8.01
N GLY A 855 28.20 -13.23 -7.85
CA GLY A 855 29.22 -13.64 -8.81
C GLY A 855 30.07 -12.51 -9.33
N TRP A 856 29.67 -11.27 -9.07
CA TRP A 856 30.45 -10.11 -9.47
C TRP A 856 30.22 -8.98 -8.47
N LYS A 857 31.20 -8.09 -8.38
CA LYS A 857 31.14 -6.93 -7.52
C LYS A 857 31.13 -5.66 -8.36
N TYR A 858 30.24 -4.74 -8.04
CA TYR A 858 30.08 -3.48 -8.78
C TYR A 858 30.52 -2.33 -7.88
N THR A 859 31.61 -1.67 -8.27
CA THR A 859 32.10 -0.48 -7.57
C THR A 859 32.39 0.60 -8.59
N THR A 860 32.04 1.84 -8.24
CA THR A 860 32.23 2.98 -9.12
C THR A 860 32.63 4.19 -8.29
N TRP A 861 33.27 5.16 -8.94
CA TRP A 861 33.62 6.43 -8.32
C TRP A 861 33.31 7.55 -9.28
N ALA A 862 32.63 8.57 -8.78
CA ALA A 862 32.12 9.64 -9.65
C ALA A 862 33.27 10.42 -10.27
N ARG A 863 33.08 10.83 -11.53
CA ARG A 863 34.00 11.71 -12.22
C ARG A 863 33.44 13.13 -12.27
N GLN A 864 34.34 14.10 -12.45
CA GLN A 864 33.92 15.48 -12.55
C GLN A 864 33.05 15.69 -13.78
N LEU A 865 32.04 16.54 -13.65
CA LEU A 865 31.21 16.90 -14.79
C LEU A 865 31.82 18.05 -15.57
N GLU A 866 33.11 17.93 -15.85
CA GLU A 866 33.84 18.82 -16.75
C GLU A 866 34.67 18.06 -17.76
N ASP A 867 35.29 16.95 -17.36
CA ASP A 867 36.06 16.15 -18.30
C ASP A 867 35.14 15.36 -19.23
N ILE A 868 34.08 14.76 -18.68
CA ILE A 868 33.13 14.03 -19.50
C ILE A 868 32.36 14.97 -20.41
N LEU A 869 32.02 16.16 -19.92
CA LEU A 869 31.34 17.14 -20.77
C LEU A 869 32.22 17.55 -21.94
N ALA A 870 33.51 17.81 -21.66
CA ALA A 870 34.44 18.15 -22.74
C ALA A 870 34.59 17.00 -23.72
N LEU A 871 34.67 15.77 -23.20
CA LEU A 871 34.80 14.60 -24.07
C LEU A 871 33.60 14.47 -25.00
N VAL A 872 32.40 14.59 -24.46
CA VAL A 872 31.20 14.46 -25.27
C VAL A 872 31.09 15.60 -26.27
N ARG A 873 31.43 16.82 -25.85
CA ARG A 873 31.38 17.95 -26.76
C ARG A 873 32.37 17.79 -27.90
N ALA A 874 33.57 17.32 -27.60
CA ALA A 874 34.55 17.09 -28.66
C ALA A 874 34.10 15.97 -29.60
N TYR A 875 33.49 14.92 -29.04
CA TYR A 875 32.99 13.83 -29.88
C TYR A 875 31.81 14.28 -30.74
N VAL A 876 31.09 15.30 -30.30
CA VAL A 876 29.89 15.74 -31.02
C VAL A 876 30.20 16.97 -31.88
N ASP A 877 30.63 18.05 -31.24
CA ASP A 877 30.86 19.29 -31.96
C ASP A 877 32.08 19.16 -32.88
N LYS A 878 31.91 19.57 -34.13
CA LYS A 878 33.02 19.58 -35.08
C LYS A 878 33.93 20.78 -34.90
N ASP A 879 33.47 21.81 -34.19
CA ASP A 879 34.29 23.00 -33.98
C ASP A 879 35.39 22.79 -32.95
N ASN A 880 35.27 21.77 -32.12
CA ASN A 880 36.31 21.48 -31.13
C ASN A 880 37.56 20.98 -31.84
N PRO A 881 38.73 21.59 -31.59
CA PRO A 881 39.95 21.12 -32.25
C PRO A 881 40.32 19.69 -31.90
N LYS A 882 39.85 19.17 -30.77
CA LYS A 882 40.15 17.80 -30.37
C LYS A 882 39.20 16.78 -30.96
N HIS A 883 38.24 17.22 -31.79
CA HIS A 883 37.26 16.30 -32.35
C HIS A 883 37.93 15.22 -33.19
N GLU A 884 38.81 15.62 -34.11
CA GLU A 884 39.54 14.64 -34.91
C GLU A 884 40.48 13.82 -34.04
N LEU A 885 41.14 14.47 -33.06
CA LEU A 885 42.00 13.75 -32.14
C LEU A 885 41.20 12.76 -31.30
N LEU A 886 40.01 13.16 -30.85
CA LEU A 886 39.18 12.24 -30.07
C LEU A 886 38.71 11.07 -30.92
N HIS A 887 38.39 11.32 -32.19
CA HIS A 887 38.00 10.21 -33.07
C HIS A 887 39.18 9.26 -33.31
N TYR A 888 40.39 9.82 -33.45
CA TYR A 888 41.58 8.97 -33.56
C TYR A 888 41.73 8.13 -32.30
N ALA A 889 41.49 8.73 -31.13
CA ALA A 889 41.52 7.97 -29.88
C ALA A 889 40.46 6.87 -29.88
N ILE A 890 39.27 7.17 -30.42
CA ILE A 890 38.21 6.17 -30.48
C ILE A 890 38.66 4.97 -31.30
N LYS A 891 39.23 5.23 -32.48
CA LYS A 891 39.70 4.14 -33.31
C LYS A 891 41.01 3.52 -32.83
N HIS A 892 41.68 4.11 -31.83
CA HIS A 892 42.95 3.56 -31.37
C HIS A 892 43.09 3.49 -29.85
N LYS A 893 42.01 3.74 -29.10
CA LYS A 893 42.01 3.61 -27.63
C LYS A 893 43.08 4.48 -26.98
N ILE A 894 43.36 5.65 -27.58
CA ILE A 894 44.40 6.52 -27.04
C ILE A 894 43.94 7.17 -25.74
N THR A 895 42.70 7.66 -25.70
CA THR A 895 42.12 8.34 -24.53
C THR A 895 43.00 9.53 -24.11
N ILE A 896 43.08 10.51 -25.00
CA ILE A 896 43.94 11.67 -24.76
C ILE A 896 43.44 12.49 -23.57
N LEU A 897 42.12 12.70 -23.49
CA LEU A 897 41.58 13.56 -22.45
C LEU A 897 41.59 12.81 -21.11
N PRO A 898 41.88 13.51 -20.01
CA PRO A 898 41.93 12.85 -18.71
C PRO A 898 40.59 12.82 -18.01
N LEU A 899 40.48 11.92 -17.03
CA LEU A 899 39.30 11.79 -16.20
C LEU A 899 39.72 11.84 -14.74
N ARG A 900 39.02 12.66 -13.95
CA ARG A 900 39.38 12.86 -12.56
C ARG A 900 38.16 12.66 -11.67
N PRO A 901 38.35 12.21 -10.43
CA PRO A 901 37.21 12.03 -9.52
C PRO A 901 36.49 13.33 -9.25
N SER A 902 35.17 13.24 -9.09
CA SER A 902 34.36 14.42 -8.85
C SER A 902 34.72 15.06 -7.50
N ASN A 903 34.86 16.38 -7.50
CA ASN A 903 35.19 17.13 -6.30
C ASN A 903 33.97 17.74 -5.63
N TYR A 904 32.78 17.49 -6.14
CA TYR A 904 31.56 18.06 -5.54
C TYR A 904 31.33 17.49 -4.15
N ASN A 905 30.92 18.36 -3.23
CA ASN A 905 30.61 18.00 -1.84
C ASN A 905 31.82 17.35 -1.17
N PHE A 906 33.03 17.76 -1.57
CA PHE A 906 34.26 17.19 -1.02
C PHE A 906 35.28 18.32 -0.94
N LYS A 907 35.65 18.71 0.28
CA LYS A 907 36.64 19.76 0.50
C LYS A 907 38.06 19.23 0.50
N GLY A 908 38.25 17.91 0.38
CA GLY A 908 39.57 17.33 0.35
C GLY A 908 40.20 17.40 -1.02
N HIS A 909 41.39 16.82 -1.13
CA HIS A 909 42.16 16.82 -2.36
C HIS A 909 42.37 15.38 -2.82
N LEU A 910 42.12 15.12 -4.10
CA LEU A 910 42.33 13.81 -4.67
C LEU A 910 43.74 13.70 -5.23
N LYS A 911 44.39 12.56 -4.96
CA LYS A 911 45.74 12.31 -5.41
C LYS A 911 45.81 10.97 -6.11
N ARG A 912 46.70 10.87 -7.09
CA ARG A 912 46.90 9.65 -7.87
C ARG A 912 48.32 9.14 -7.66
N PHE A 913 48.44 7.87 -7.28
CA PHE A 913 49.72 7.21 -7.13
C PHE A 913 49.65 5.84 -7.77
N GLY A 914 50.60 5.54 -8.66
CA GLY A 914 50.59 4.28 -9.37
C GLY A 914 49.40 4.14 -10.30
N GLN A 915 48.48 3.24 -9.96
CA GLN A 915 47.28 3.01 -10.77
C GLN A 915 46.00 3.16 -9.96
N TYR A 916 46.07 3.81 -8.80
CA TYR A 916 44.91 3.96 -7.93
C TYR A 916 44.83 5.38 -7.39
N TYR A 917 43.63 5.93 -7.36
CA TYR A 917 43.40 7.23 -6.78
C TYR A 917 43.24 7.12 -5.27
N TYR A 918 43.51 8.22 -4.58
CA TYR A 918 43.39 8.28 -3.13
C TYR A 918 42.69 9.56 -2.73
N SER A 919 41.86 9.47 -1.69
CA SER A 919 41.13 10.61 -1.16
C SER A 919 41.64 10.93 0.24
N TYR A 920 42.00 12.19 0.47
CA TYR A 920 42.53 12.64 1.75
C TYR A 920 41.67 13.76 2.29
N GLY A 921 41.33 13.68 3.58
CA GLY A 921 40.71 14.80 4.25
C GLY A 921 41.71 15.84 4.69
N THR A 922 41.21 16.98 5.12
CA THR A 922 42.05 18.08 5.59
C THR A 922 41.94 18.21 7.10
N TYR A 923 43.02 18.70 7.71
CA TYR A 923 43.09 18.82 9.16
C TYR A 923 43.96 20.01 9.53
N ASP A 924 43.73 20.54 10.73
CA ASP A 924 44.52 21.62 11.29
C ASP A 924 45.01 21.22 12.67
N ILE A 925 46.24 21.60 13.00
CA ILE A 925 46.88 21.24 14.26
C ILE A 925 47.22 22.51 15.01
N SER A 926 46.81 22.58 16.27
CA SER A 926 47.11 23.69 17.17
C SER A 926 47.75 23.11 18.43
N GLU A 927 49.08 23.03 18.42
CA GLU A 927 49.80 22.43 19.53
C GLU A 927 49.69 23.25 20.81
N GLN A 928 49.34 24.53 20.69
CA GLN A 928 49.22 25.38 21.88
C GLN A 928 48.04 24.98 22.75
N ARG A 929 46.95 24.50 22.14
CA ARG A 929 45.77 24.07 22.87
C ARG A 929 45.46 22.59 22.65
N ASN A 930 46.19 21.92 21.76
CA ASN A 930 46.07 20.49 21.50
C ASN A 930 44.66 20.13 21.02
N ILE A 931 44.31 20.68 19.86
CA ILE A 931 43.05 20.39 19.19
C ILE A 931 43.36 19.82 17.82
N ILE A 932 42.75 18.68 17.50
CA ILE A 932 42.88 18.04 16.20
C ILE A 932 41.56 18.23 15.48
N THR A 933 41.50 19.24 14.62
CA THR A 933 40.30 19.53 13.84
C THR A 933 40.36 18.79 12.52
N ILE A 934 39.25 18.17 12.13
CA ILE A 934 39.12 17.49 10.85
C ILE A 934 37.81 17.95 10.22
N THR A 935 37.89 18.99 9.40
CA THR A 935 36.69 19.49 8.73
C THR A 935 36.27 18.62 7.56
N GLU A 936 37.21 17.93 6.93
CA GLU A 936 36.92 17.06 5.80
C GLU A 936 37.45 15.66 6.06
N LEU A 937 36.70 14.68 5.61
CA LEU A 937 36.97 13.26 5.81
C LEU A 937 36.69 12.58 4.48
N PRO A 938 37.27 11.38 4.24
CA PRO A 938 36.95 10.64 3.01
C PRO A 938 35.49 10.65 2.61
N LEU A 939 35.24 10.64 1.30
CA LEU A 939 33.93 11.00 0.77
C LEU A 939 32.86 9.96 1.07
N ARG A 940 33.24 8.71 1.26
CA ARG A 940 32.24 7.64 1.37
C ARG A 940 32.04 7.14 2.79
N VAL A 941 32.96 7.41 3.72
CA VAL A 941 32.76 6.95 5.10
C VAL A 941 31.63 7.74 5.73
N PRO A 942 30.79 7.12 6.57
CA PRO A 942 29.61 7.82 7.10
C PRO A 942 29.91 8.84 8.19
N THR A 943 31.17 8.97 8.62
CA THR A 943 31.63 9.91 9.65
C THR A 943 31.11 9.56 11.04
N VAL A 944 30.25 8.55 11.18
CA VAL A 944 29.81 8.06 12.48
C VAL A 944 30.33 6.65 12.74
N ALA A 945 30.20 5.77 11.76
CA ALA A 945 30.92 4.50 11.82
C ALA A 945 32.43 4.72 11.77
N TYR A 946 32.87 5.84 11.19
CA TYR A 946 34.29 6.15 11.19
C TYR A 946 34.81 6.40 12.60
N ILE A 947 34.09 7.21 13.38
CA ILE A 947 34.53 7.48 14.76
C ILE A 947 34.35 6.23 15.62
N GLU A 948 33.41 5.36 15.27
CA GLU A 948 33.32 4.07 15.94
C GLU A 948 34.55 3.22 15.66
N SER A 949 35.02 3.23 14.41
CA SER A 949 36.24 2.49 14.07
C SER A 949 37.44 3.08 14.79
N ILE A 950 37.54 4.41 14.84
CA ILE A 950 38.65 5.04 15.54
C ILE A 950 38.51 4.87 17.04
N LYS A 951 37.32 4.56 17.54
CA LYS A 951 37.12 4.24 18.95
C LYS A 951 37.55 2.82 19.28
N LYS A 952 37.74 1.97 18.27
CA LYS A 952 38.26 0.62 18.45
C LYS A 952 39.64 0.46 17.80
N SER A 953 40.34 1.56 17.57
CA SER A 953 41.57 1.57 16.79
C SER A 953 42.80 1.23 17.65
N SER A 954 42.72 0.11 18.38
CA SER A 954 43.86 -0.48 19.08
C SER A 954 44.54 0.50 20.04
N ASN A 955 45.83 0.73 19.82
CA ASN A 955 46.65 1.53 20.74
C ASN A 955 46.32 3.01 20.70
N ARG A 956 45.49 3.47 19.75
CA ARG A 956 45.14 4.87 19.69
C ARG A 956 44.31 5.33 20.87
N MET A 957 43.78 4.39 21.67
CA MET A 957 43.10 4.76 22.90
C MET A 957 44.05 5.46 23.86
N THR A 958 45.27 4.93 23.98
CA THR A 958 46.29 5.61 24.79
C THR A 958 46.78 6.90 24.14
N PHE A 959 46.65 7.02 22.83
CA PHE A 959 47.08 8.19 22.11
C PHE A 959 46.06 9.32 22.13
N ILE A 960 44.83 9.04 22.54
CA ILE A 960 43.77 10.05 22.62
C ILE A 960 43.21 10.09 24.02
N GLU A 961 42.28 11.01 24.26
CA GLU A 961 41.55 11.08 25.52
C GLU A 961 40.08 10.79 25.34
N GLU A 962 39.39 11.52 24.45
CA GLU A 962 38.01 11.24 24.10
C GLU A 962 37.68 12.02 22.84
N ILE A 963 36.51 11.71 22.26
CA ILE A 963 36.11 12.24 20.96
C ILE A 963 34.80 13.00 21.13
N ILE A 964 34.77 14.22 20.60
CA ILE A 964 33.60 15.10 20.66
C ILE A 964 33.14 15.39 19.25
N ASP A 965 31.81 15.39 19.06
CA ASP A 965 31.20 15.54 17.74
C ASP A 965 30.29 16.75 17.75
N TYR A 966 30.68 17.80 17.03
CA TYR A 966 29.79 18.91 16.75
C TYR A 966 29.32 18.93 15.30
N SER A 967 29.58 17.86 14.55
CA SER A 967 29.26 17.85 13.13
C SER A 967 27.75 17.75 12.94
N SER A 968 27.17 18.79 12.36
CA SER A 968 25.74 18.81 12.06
C SER A 968 25.50 18.33 10.64
N SER A 969 24.27 18.50 10.14
CA SER A 969 23.96 18.13 8.78
C SER A 969 24.68 19.07 7.80
N GLU A 970 24.99 18.53 6.62
CA GLU A 970 25.60 19.28 5.52
C GLU A 970 27.06 19.66 5.80
N THR A 971 27.58 19.36 6.99
CA THR A 971 28.97 19.66 7.28
C THR A 971 29.57 18.68 8.29
N ILE A 972 30.90 18.64 8.32
CA ILE A 972 31.67 17.79 9.19
C ILE A 972 32.68 18.63 9.97
N GLU A 973 32.66 18.50 11.29
CA GLU A 973 33.70 19.09 12.13
C GLU A 973 33.82 18.24 13.39
N ILE A 974 34.98 17.62 13.58
CA ILE A 974 35.25 16.72 14.70
C ILE A 974 36.54 17.17 15.37
N LEU A 975 36.53 17.21 16.70
CA LEU A 975 37.70 17.52 17.49
C LEU A 975 38.10 16.29 18.31
N VAL A 976 39.40 16.03 18.39
CA VAL A 976 39.92 14.86 19.07
C VAL A 976 40.75 15.33 20.26
N LYS A 977 40.37 14.89 21.46
CA LYS A 977 41.16 15.11 22.66
C LYS A 977 42.35 14.15 22.67
N LEU A 978 43.54 14.69 22.91
CA LEU A 978 44.76 13.90 22.88
C LEU A 978 45.72 14.44 23.93
N LYS A 979 46.62 13.57 24.37
CA LYS A 979 47.55 13.94 25.43
C LYS A 979 48.52 15.00 24.92
N PRO A 980 48.97 15.92 25.78
CA PRO A 980 49.95 16.93 25.33
C PRO A 980 51.25 16.33 24.84
N ASN A 981 51.68 15.22 25.41
CA ASN A 981 52.91 14.56 24.99
C ASN A 981 52.69 13.51 23.91
N SER A 982 51.56 13.56 23.20
CA SER A 982 51.23 12.53 22.22
C SER A 982 51.70 12.87 20.81
N LEU A 983 51.92 14.15 20.50
CA LEU A 983 52.26 14.53 19.13
C LEU A 983 53.56 13.87 18.68
N ASN A 984 54.61 14.03 19.47
CA ASN A 984 55.91 13.48 19.10
C ASN A 984 55.87 11.96 19.00
N ARG A 985 55.18 11.30 19.93
CA ARG A 985 55.17 9.84 19.92
C ARG A 985 54.38 9.30 18.74
N ILE A 986 53.24 9.92 18.41
CA ILE A 986 52.50 9.45 17.24
C ILE A 986 53.26 9.73 15.95
N VAL A 987 53.97 10.86 15.89
CA VAL A 987 54.78 11.16 14.70
C VAL A 987 55.89 10.12 14.54
N GLU A 988 56.60 9.80 15.63
CA GLU A 988 57.68 8.84 15.54
C GLU A 988 57.19 7.40 15.43
N GLU A 989 55.90 7.15 15.71
CA GLU A 989 55.39 5.80 15.58
C GLU A 989 54.81 5.54 14.20
N PHE A 990 54.16 6.54 13.60
CA PHE A 990 53.42 6.29 12.37
C PHE A 990 54.30 6.34 11.11
N LYS A 991 55.39 7.12 11.15
CA LYS A 991 56.35 7.18 10.04
C LYS A 991 55.66 7.58 8.74
N GLU A 992 55.23 8.84 8.72
CA GLU A 992 54.58 9.45 7.56
C GLU A 992 55.30 9.13 6.27
N THR A 993 54.55 8.63 5.30
CA THR A 993 55.10 8.27 4.00
C THR A 993 54.99 9.45 3.03
N GLU A 994 55.48 9.24 1.81
CA GLU A 994 55.43 10.28 0.79
C GLU A 994 54.03 10.50 0.24
N GLU A 995 53.13 9.55 0.44
CA GLU A 995 51.78 9.64 -0.11
C GLU A 995 50.73 10.03 0.92
N GLN A 996 50.94 9.69 2.19
CA GLN A 996 49.99 10.00 3.25
C GLN A 996 50.74 10.56 4.46
N ASP A 997 50.03 11.39 5.23
CA ASP A 997 50.63 12.05 6.38
C ASP A 997 50.53 11.17 7.62
N SER A 998 51.40 11.45 8.59
CA SER A 998 51.33 10.75 9.86
C SER A 998 50.02 11.02 10.58
N ILE A 999 49.57 12.28 10.56
CA ILE A 999 48.27 12.61 11.13
C ILE A 999 47.16 11.96 10.32
N GLU A 1000 47.32 11.88 9.00
CA GLU A 1000 46.35 11.19 8.16
C GLU A 1000 46.30 9.70 8.50
N ASN A 1001 47.46 9.10 8.74
CA ASN A 1001 47.48 7.69 9.17
C ASN A 1001 46.82 7.53 10.53
N PHE A 1002 47.07 8.46 11.45
CA PHE A 1002 46.47 8.38 12.77
C PHE A 1002 44.95 8.50 12.70
N LEU A 1003 44.44 9.38 11.85
CA LEU A 1003 43.01 9.55 11.65
C LEU A 1003 42.45 8.66 10.55
N ARG A 1004 43.29 7.84 9.91
CA ARG A 1004 42.87 6.99 8.79
C ARG A 1004 42.24 7.83 7.69
N LEU A 1005 42.83 8.99 7.41
CA LEU A 1005 42.28 9.90 6.41
C LEU A 1005 42.49 9.41 4.99
N ARG A 1006 43.39 8.46 4.78
CA ARG A 1006 43.60 7.92 3.44
C ARG A 1006 42.54 6.85 3.15
N ASN A 1007 41.95 6.95 1.96
CA ASN A 1007 40.90 6.01 1.53
C ASN A 1007 41.18 5.63 0.08
N CYS A 1008 41.88 4.51 -0.11
CA CYS A 1008 42.12 4.01 -1.46
C CYS A 1008 40.81 3.60 -2.10
N LEU A 1009 40.62 4.01 -3.35
CA LEU A 1009 39.38 3.74 -4.08
C LEU A 1009 39.66 2.73 -5.19
N HIS A 1010 38.79 1.73 -5.30
CA HIS A 1010 38.91 0.69 -6.30
C HIS A 1010 37.63 0.64 -7.14
N SER A 1011 37.79 0.43 -8.44
CA SER A 1011 36.66 0.41 -9.38
C SER A 1011 36.57 -0.98 -10.00
N HIS A 1012 35.48 -1.68 -9.71
CA HIS A 1012 35.18 -2.97 -10.32
C HIS A 1012 34.06 -2.74 -11.32
N LEU A 1013 34.42 -2.58 -12.59
CA LEU A 1013 33.46 -2.24 -13.63
C LEU A 1013 32.85 -3.51 -14.22
N ASN A 1014 31.96 -4.11 -13.44
CA ASN A 1014 31.19 -5.26 -13.88
C ASN A 1014 29.80 -4.79 -14.27
N PHE A 1015 29.46 -4.96 -15.54
CA PHE A 1015 28.21 -4.42 -16.07
C PHE A 1015 27.54 -5.46 -16.96
N VAL A 1016 26.23 -5.33 -17.11
CA VAL A 1016 25.42 -6.22 -17.95
C VAL A 1016 25.13 -5.53 -19.27
N LYS A 1017 25.28 -6.30 -20.35
CA LYS A 1017 24.87 -5.82 -21.67
C LYS A 1017 23.36 -5.71 -21.74
N PRO A 1018 22.84 -4.94 -22.70
CA PRO A 1018 21.38 -4.89 -22.88
C PRO A 1018 20.77 -6.27 -23.15
N LYS A 1019 21.52 -7.17 -23.79
CA LYS A 1019 21.05 -8.54 -23.95
C LYS A 1019 20.93 -9.23 -22.60
N GLY A 1020 21.91 -9.02 -21.72
CA GLY A 1020 21.85 -9.60 -20.38
C GLY A 1020 23.14 -10.24 -19.93
N GLY A 1021 24.20 -10.10 -20.70
CA GLY A 1021 25.49 -10.70 -20.39
C GLY A 1021 26.43 -9.74 -19.69
N ILE A 1022 27.26 -10.30 -18.81
CA ILE A 1022 28.24 -9.50 -18.07
C ILE A 1022 29.34 -9.04 -19.01
N ILE A 1023 29.64 -7.75 -18.98
CA ILE A 1023 30.76 -7.17 -19.72
C ILE A 1023 31.62 -6.39 -18.73
N GLU A 1024 32.92 -6.63 -18.77
CA GLU A 1024 33.87 -5.97 -17.88
C GLU A 1024 34.58 -4.84 -18.62
N PHE A 1025 34.89 -3.78 -17.86
CA PHE A 1025 35.56 -2.61 -18.40
C PHE A 1025 36.81 -2.33 -17.56
N ASN A 1026 37.94 -2.11 -18.23
CA ASN A 1026 39.17 -1.78 -17.52
C ASN A 1026 39.17 -0.33 -17.05
N SER A 1027 38.55 0.58 -17.79
CA SER A 1027 38.53 1.99 -17.44
C SER A 1027 37.21 2.59 -17.91
N TYR A 1028 36.93 3.79 -17.39
CA TYR A 1028 35.68 4.47 -17.72
C TYR A 1028 35.61 4.87 -19.19
N TYR A 1029 36.76 5.00 -19.85
CA TYR A 1029 36.78 5.36 -21.26
C TYR A 1029 36.07 4.31 -22.10
N GLU A 1030 36.26 3.03 -21.77
CA GLU A 1030 35.56 1.97 -22.49
C GLU A 1030 34.05 2.10 -22.32
N ILE A 1031 33.60 2.42 -21.09
CA ILE A 1031 32.17 2.60 -20.86
C ILE A 1031 31.63 3.74 -21.69
N LEU A 1032 32.36 4.87 -21.73
CA LEU A 1032 31.91 6.01 -22.51
C LEU A 1032 31.85 5.68 -24.00
N TYR A 1033 32.89 5.00 -24.51
CA TYR A 1033 32.96 4.71 -25.93
C TYR A 1033 31.99 3.61 -26.35
N ALA A 1034 31.52 2.81 -25.40
CA ALA A 1034 30.45 1.86 -25.68
C ALA A 1034 29.07 2.49 -25.57
N TRP A 1035 28.92 3.50 -24.71
CA TRP A 1035 27.64 4.17 -24.56
C TRP A 1035 27.36 5.14 -25.71
N LEU A 1036 28.40 5.74 -26.29
CA LEU A 1036 28.19 6.71 -27.36
C LEU A 1036 27.44 6.16 -28.58
N PRO A 1037 27.81 4.99 -29.15
CA PRO A 1037 27.10 4.54 -30.35
C PRO A 1037 25.63 4.29 -30.14
N TYR A 1038 25.21 3.90 -28.93
CA TYR A 1038 23.79 3.73 -28.66
C TYR A 1038 23.05 5.05 -28.81
N ARG A 1039 23.61 6.13 -28.27
CA ARG A 1039 23.01 7.45 -28.45
C ARG A 1039 23.02 7.86 -29.91
N ARG A 1040 24.10 7.55 -30.62
CA ARG A 1040 24.15 7.84 -32.06
C ARG A 1040 22.98 7.18 -32.79
N GLU A 1041 22.80 5.87 -32.58
CA GLU A 1041 21.76 5.13 -33.27
C GLU A 1041 20.38 5.63 -32.86
N LEU A 1042 20.20 5.93 -31.57
CA LEU A 1042 18.89 6.40 -31.11
C LEU A 1042 18.55 7.74 -31.73
N TYR A 1043 19.52 8.66 -31.80
CA TYR A 1043 19.25 9.94 -32.46
C TYR A 1043 18.94 9.76 -33.94
N GLN A 1044 19.68 8.89 -34.62
CA GLN A 1044 19.41 8.66 -36.04
C GLN A 1044 18.00 8.13 -36.25
N LYS A 1045 17.62 7.09 -35.51
CA LYS A 1045 16.30 6.50 -35.68
C LYS A 1045 15.19 7.44 -35.21
N ARG A 1046 15.45 8.25 -34.18
CA ARG A 1046 14.45 9.20 -33.70
C ARG A 1046 14.21 10.28 -34.73
N LEU A 1047 15.27 10.79 -35.36
CA LEU A 1047 15.09 11.78 -36.42
C LEU A 1047 14.35 11.18 -37.62
N MET A 1048 14.69 9.95 -37.98
CA MET A 1048 13.98 9.31 -39.10
C MET A 1048 12.50 9.13 -38.78
N ARG A 1049 12.19 8.66 -37.57
CA ARG A 1049 10.79 8.46 -37.19
C ARG A 1049 10.05 9.80 -37.11
N GLU A 1050 10.69 10.84 -36.61
CA GLU A 1050 10.08 12.16 -36.58
C GLU A 1050 9.78 12.66 -37.99
N HIS A 1051 10.72 12.47 -38.91
CA HIS A 1051 10.50 12.89 -40.29
C HIS A 1051 9.33 12.13 -40.91
N ALA A 1052 9.27 10.81 -40.69
CA ALA A 1052 8.18 10.03 -41.27
C ALA A 1052 6.83 10.43 -40.69
N VAL A 1053 6.74 10.53 -39.36
CA VAL A 1053 5.47 10.88 -38.74
C VAL A 1053 5.08 12.31 -39.11
N LEU A 1054 6.06 13.19 -39.34
CA LEU A 1054 5.73 14.56 -39.72
C LEU A 1054 5.22 14.61 -41.16
N LYS A 1055 5.78 13.80 -42.06
CA LYS A 1055 5.24 13.77 -43.42
C LYS A 1055 3.83 13.19 -43.44
N LEU A 1056 3.56 12.17 -42.63
CA LEU A 1056 2.20 11.66 -42.52
C LEU A 1056 1.27 12.73 -41.94
N ARG A 1057 1.72 13.45 -40.92
CA ARG A 1057 0.88 14.48 -40.31
C ARG A 1057 0.60 15.61 -41.28
N ILE A 1058 1.60 16.01 -42.08
CA ILE A 1058 1.38 17.12 -43.00
C ILE A 1058 0.44 16.70 -44.14
N ILE A 1059 0.57 15.46 -44.63
CA ILE A 1059 -0.35 15.03 -45.67
C ILE A 1059 -1.77 14.92 -45.11
N MET A 1060 -1.90 14.47 -43.86
CA MET A 1060 -3.22 14.38 -43.23
C MET A 1060 -3.84 15.76 -43.01
N GLU A 1061 -3.03 16.72 -42.58
CA GLU A 1061 -3.53 18.08 -42.39
C GLU A 1061 -3.92 18.73 -43.71
N THR A 1062 -3.14 18.47 -44.76
CA THR A 1062 -3.51 18.97 -46.09
C THR A 1062 -4.83 18.37 -46.55
N ALA A 1063 -5.02 17.07 -46.32
CA ALA A 1063 -6.29 16.45 -46.65
C ALA A 1063 -7.45 17.08 -45.89
N ILE A 1064 -7.25 17.33 -44.59
CA ILE A 1064 -8.31 17.96 -43.79
C ILE A 1064 -8.63 19.35 -44.30
N VAL A 1065 -7.59 20.13 -44.64
CA VAL A 1065 -7.81 21.49 -45.13
C VAL A 1065 -8.56 21.46 -46.46
N ARG A 1066 -8.19 20.55 -47.35
CA ARG A 1066 -8.90 20.44 -48.63
C ARG A 1066 -10.35 20.03 -48.41
N TYR A 1067 -10.59 19.13 -47.45
CA TYR A 1067 -11.97 18.76 -47.15
C TYR A 1067 -12.76 19.94 -46.62
N ILE A 1068 -12.15 20.74 -45.74
CA ILE A 1068 -12.85 21.90 -45.20
C ILE A 1068 -13.19 22.89 -46.30
N ASN A 1069 -12.24 23.12 -47.22
CA ASN A 1069 -12.50 24.01 -48.34
C ASN A 1069 -13.61 23.47 -49.24
N GLU A 1070 -13.62 22.16 -49.49
CA GLU A 1070 -14.57 21.57 -50.42
C GLU A 1070 -15.95 21.32 -49.79
N SER A 1071 -16.05 21.35 -48.46
CA SER A 1071 -17.30 21.02 -47.80
C SER A 1071 -18.41 22.03 -48.07
N ALA A 1072 -18.07 23.21 -48.60
CA ALA A 1072 -19.09 24.19 -48.92
C ALA A 1072 -20.03 23.67 -50.00
N GLU A 1073 -19.48 23.00 -51.02
CA GLU A 1073 -20.28 22.43 -52.10
C GLU A 1073 -20.33 20.91 -52.07
N LEU A 1074 -19.63 20.26 -51.14
CA LEU A 1074 -19.68 18.80 -51.06
C LEU A 1074 -21.08 18.33 -50.68
N ASN A 1075 -21.65 18.92 -49.62
CA ASN A 1075 -22.99 18.60 -49.14
C ASN A 1075 -23.14 17.11 -48.86
N LEU A 1076 -22.36 16.64 -47.88
CA LEU A 1076 -22.37 15.23 -47.50
C LEU A 1076 -23.50 14.88 -46.54
N SER A 1077 -24.32 15.85 -46.14
CA SER A 1077 -25.40 15.56 -45.21
C SER A 1077 -26.44 14.62 -45.82
N HIS A 1078 -26.62 14.67 -47.13
CA HIS A 1078 -27.61 13.81 -47.80
C HIS A 1078 -27.04 12.44 -48.12
N TYR A 1079 -26.49 11.76 -47.11
CA TYR A 1079 -25.94 10.42 -47.27
C TYR A 1079 -26.49 9.51 -46.19
N GLU A 1080 -26.55 8.21 -46.49
CA GLU A 1080 -27.23 7.28 -45.61
C GLU A 1080 -26.37 6.88 -44.42
N ASP A 1081 -25.24 6.22 -44.68
CA ASP A 1081 -24.42 5.65 -43.62
C ASP A 1081 -22.97 6.07 -43.81
N GLU A 1082 -22.11 5.55 -42.92
CA GLU A 1082 -20.69 5.86 -42.99
C GLU A 1082 -20.03 5.25 -44.22
N LYS A 1083 -20.51 4.07 -44.64
CA LYS A 1083 -19.92 3.42 -45.81
C LYS A 1083 -20.12 4.24 -47.08
N GLU A 1084 -21.32 4.80 -47.25
CA GLU A 1084 -21.59 5.63 -48.43
C GLU A 1084 -20.71 6.86 -48.45
N ALA A 1085 -20.57 7.53 -47.30
CA ALA A 1085 -19.72 8.71 -47.22
C ALA A 1085 -18.26 8.36 -47.48
N SER A 1086 -17.80 7.24 -46.93
CA SER A 1086 -16.43 6.81 -47.17
C SER A 1086 -16.20 6.52 -48.65
N ARG A 1087 -17.15 5.86 -49.30
CA ARG A 1087 -17.02 5.59 -50.73
C ARG A 1087 -17.01 6.86 -51.54
N ILE A 1088 -17.87 7.82 -51.19
CA ILE A 1088 -17.93 9.09 -51.92
C ILE A 1088 -16.61 9.84 -51.78
N LEU A 1089 -16.09 9.93 -50.56
CA LEU A 1089 -14.86 10.67 -50.35
C LEU A 1089 -13.66 9.95 -50.97
N SER A 1090 -13.68 8.62 -51.02
CA SER A 1090 -12.65 7.88 -51.73
C SER A 1090 -12.70 8.16 -53.23
N GLU A 1091 -13.91 8.18 -53.80
CA GLU A 1091 -14.06 8.54 -55.20
C GLU A 1091 -13.68 9.99 -55.47
N HIS A 1092 -13.71 10.84 -54.44
CA HIS A 1092 -13.24 12.21 -54.59
C HIS A 1092 -11.72 12.33 -54.49
N GLY A 1093 -11.02 11.24 -54.19
CA GLY A 1093 -9.57 11.24 -54.18
C GLY A 1093 -8.91 11.41 -52.82
N PHE A 1094 -9.68 11.34 -51.74
CA PHE A 1094 -9.08 11.47 -50.41
C PHE A 1094 -8.38 10.19 -50.01
N PRO A 1095 -7.12 10.25 -49.57
CA PRO A 1095 -6.44 9.04 -49.12
C PRO A 1095 -6.91 8.64 -47.73
N PRO A 1096 -7.17 7.36 -47.51
CA PRO A 1096 -7.60 6.91 -46.18
C PRO A 1096 -6.43 6.67 -45.25
N LEU A 1097 -6.37 7.41 -44.14
CA LEU A 1097 -5.26 7.31 -43.20
C LEU A 1097 -5.82 6.99 -41.82
N ASN A 1098 -5.14 6.10 -41.12
CA ASN A 1098 -5.48 5.78 -39.73
C ASN A 1098 -5.02 6.91 -38.84
N HIS A 1099 -5.87 7.93 -38.68
CA HIS A 1099 -5.48 9.12 -37.94
C HIS A 1099 -5.21 8.83 -36.47
N THR A 1100 -5.81 7.76 -35.92
CA THR A 1100 -5.51 7.37 -34.56
C THR A 1100 -4.07 6.91 -34.40
N LEU A 1101 -3.40 6.55 -35.51
CA LEU A 1101 -1.97 6.27 -35.50
C LEU A 1101 -1.13 7.47 -35.93
N ILE A 1102 -1.67 8.32 -36.81
CA ILE A 1102 -0.92 9.48 -37.27
C ILE A 1102 -0.77 10.51 -36.16
N ILE A 1103 -1.86 10.79 -35.44
CA ILE A 1103 -1.82 11.80 -34.38
C ILE A 1103 -0.93 11.34 -33.23
N SER A 1104 -1.11 10.10 -32.78
CA SER A 1104 -0.33 9.52 -31.69
C SER A 1104 0.34 8.25 -32.19
N PRO A 1105 1.59 8.34 -32.67
CA PRO A 1105 2.25 7.15 -33.21
C PRO A 1105 2.38 6.01 -32.21
N GLU A 1106 2.63 6.31 -30.94
CA GLU A 1106 2.68 5.31 -29.87
C GLU A 1106 3.71 4.23 -30.17
N PHE A 1107 4.98 4.66 -30.16
CA PHE A 1107 6.16 3.81 -30.37
C PHE A 1107 5.98 2.86 -31.54
N ALA A 1108 5.83 3.46 -32.73
CA ALA A 1108 5.71 2.70 -33.96
C ALA A 1108 7.01 2.79 -34.75
N SER A 1109 7.56 1.63 -35.09
CA SER A 1109 8.77 1.58 -35.91
C SER A 1109 8.46 2.03 -37.34
N ILE A 1110 9.53 2.28 -38.10
CA ILE A 1110 9.38 2.84 -39.45
C ILE A 1110 8.58 1.89 -40.34
N GLU A 1111 8.98 0.62 -40.37
CA GLU A 1111 8.32 -0.33 -41.26
C GLU A 1111 6.86 -0.55 -40.86
N GLU A 1112 6.60 -0.70 -39.56
CA GLU A 1112 5.23 -0.92 -39.13
C GLU A 1112 4.38 0.33 -39.29
N LEU A 1113 4.96 1.52 -39.06
CA LEU A 1113 4.22 2.76 -39.31
C LEU A 1113 3.87 2.88 -40.77
N ASN A 1114 4.80 2.54 -41.67
CA ASN A 1114 4.51 2.61 -43.10
C ASN A 1114 3.42 1.62 -43.50
N GLN A 1115 3.52 0.37 -43.04
CA GLN A 1115 2.54 -0.63 -43.43
C GLN A 1115 1.19 -0.41 -42.77
N LYS A 1116 1.14 0.37 -41.68
CA LYS A 1116 -0.14 0.78 -41.11
C LYS A 1116 -0.72 2.01 -41.81
N ALA A 1117 0.14 2.91 -42.30
CA ALA A 1117 -0.33 4.10 -42.99
C ALA A 1117 -0.63 3.85 -44.46
N LEU A 1118 -0.26 2.69 -45.01
CA LEU A 1118 -0.64 2.36 -46.38
C LEU A 1118 -2.16 2.30 -46.52
N GLN A 1119 -2.83 1.68 -45.56
CA GLN A 1119 -4.29 1.63 -45.50
C GLN A 1119 -4.78 2.55 -44.39
N GLY A 1120 -6.11 2.65 -44.29
CA GLY A 1120 -6.70 3.50 -43.26
C GLY A 1120 -8.19 3.66 -43.48
N CYS A 1121 -8.73 4.74 -42.94
CA CYS A 1121 -10.15 5.03 -43.02
C CYS A 1121 -10.34 6.54 -42.90
N TYR A 1122 -11.56 6.98 -43.21
CA TYR A 1122 -11.90 8.40 -43.19
C TYR A 1122 -12.48 8.85 -41.86
N THR A 1123 -12.08 8.19 -40.76
CA THR A 1123 -12.52 8.62 -39.44
C THR A 1123 -11.99 10.00 -39.11
N TYR A 1124 -10.86 10.40 -39.68
CA TYR A 1124 -10.36 11.75 -39.46
C TYR A 1124 -11.31 12.78 -40.08
N ILE A 1125 -11.85 12.50 -41.26
CA ILE A 1125 -12.82 13.40 -41.87
C ILE A 1125 -14.13 13.37 -41.11
N LEU A 1126 -14.60 12.18 -40.74
CA LEU A 1126 -15.92 12.04 -40.13
C LEU A 1126 -15.94 12.38 -38.65
N SER A 1127 -14.78 12.59 -38.02
CA SER A 1127 -14.71 12.82 -36.58
C SER A 1127 -14.54 14.28 -36.21
N LEU A 1128 -14.21 15.15 -37.16
CA LEU A 1128 -14.05 16.56 -36.85
C LEU A 1128 -15.41 17.19 -36.51
N GLN A 1129 -15.41 18.05 -35.50
CA GLN A 1129 -16.64 18.63 -35.00
C GLN A 1129 -17.13 19.74 -35.92
N ALA A 1130 -18.32 20.26 -35.61
CA ALA A 1130 -18.92 21.36 -36.37
C ALA A 1130 -18.33 22.72 -36.01
N ARG A 1131 -17.25 22.75 -35.23
CA ARG A 1131 -16.59 23.98 -34.86
C ARG A 1131 -15.28 24.21 -35.62
N GLU A 1132 -14.65 23.15 -36.12
CA GLU A 1132 -13.40 23.27 -36.85
C GLU A 1132 -13.59 23.77 -38.28
N LEU A 1133 -14.83 23.91 -38.74
CA LEU A 1133 -15.12 24.36 -40.09
C LEU A 1133 -15.10 25.88 -40.23
N LEU A 1134 -14.88 26.61 -39.14
CA LEU A 1134 -14.80 28.06 -39.22
C LEU A 1134 -13.52 28.50 -39.93
N ILE A 1135 -13.56 29.70 -40.50
CA ILE A 1135 -12.41 30.20 -41.24
C ILE A 1135 -11.22 30.46 -40.32
N ALA A 1136 -11.50 30.79 -39.05
CA ALA A 1136 -10.41 30.96 -38.09
C ALA A 1136 -9.67 29.64 -37.86
N ALA A 1137 -10.43 28.55 -37.73
CA ALA A 1137 -9.82 27.24 -37.58
C ALA A 1137 -9.03 26.85 -38.83
N LYS A 1138 -9.56 27.20 -40.01
CA LYS A 1138 -8.84 26.92 -41.25
C LYS A 1138 -7.52 27.69 -41.31
N THR A 1139 -7.54 28.96 -40.91
CA THR A 1139 -6.30 29.75 -40.91
C THR A 1139 -5.31 29.20 -39.89
N ARG A 1140 -5.79 28.80 -38.72
CA ARG A 1140 -4.90 28.20 -37.73
C ARG A 1140 -4.29 26.90 -38.24
N ARG A 1141 -5.09 26.09 -38.92
CA ARG A 1141 -4.56 24.85 -39.49
C ARG A 1141 -3.56 25.12 -40.59
N VAL A 1142 -3.79 26.16 -41.40
CA VAL A 1142 -2.83 26.53 -42.44
C VAL A 1142 -1.51 26.98 -41.81
N GLU A 1143 -1.59 27.77 -40.74
CA GLU A 1143 -0.38 28.20 -40.05
C GLU A 1143 0.35 27.00 -39.45
N LYS A 1144 -0.39 26.04 -38.89
CA LYS A 1144 0.23 24.82 -38.38
C LYS A 1144 0.88 24.02 -39.49
N ILE A 1145 0.25 23.99 -40.67
CA ILE A 1145 0.84 23.34 -41.84
C ILE A 1145 2.17 23.99 -42.18
N LYS A 1146 2.20 25.33 -42.22
CA LYS A 1146 3.44 26.02 -42.53
C LYS A 1146 4.52 25.73 -41.49
N LYS A 1147 4.13 25.74 -40.21
CA LYS A 1147 5.10 25.49 -39.14
C LYS A 1147 5.67 24.08 -39.23
N MET A 1148 4.81 23.08 -39.47
CA MET A 1148 5.32 21.72 -39.53
C MET A 1148 6.09 21.46 -40.82
N GLN A 1149 5.77 22.17 -41.91
CA GLN A 1149 6.59 22.09 -43.11
C GLN A 1149 7.98 22.65 -42.85
N ALA A 1150 8.06 23.79 -42.15
CA ALA A 1150 9.36 24.34 -41.78
C ALA A 1150 10.13 23.38 -40.88
N ARG A 1151 9.44 22.76 -39.93
CA ARG A 1151 10.08 21.78 -39.05
C ARG A 1151 10.57 20.58 -39.84
N LEU A 1152 9.80 20.13 -40.83
CA LEU A 1152 10.23 19.02 -41.68
C LEU A 1152 11.47 19.38 -42.48
N ASP A 1153 11.51 20.60 -43.01
CA ASP A 1153 12.71 21.05 -43.73
C ASP A 1153 13.91 21.11 -42.80
N LYS A 1154 13.70 21.59 -41.57
CA LYS A 1154 14.79 21.64 -40.59
C LYS A 1154 15.28 20.23 -40.26
N VAL A 1155 14.37 19.28 -40.11
CA VAL A 1155 14.76 17.89 -39.85
C VAL A 1155 15.55 17.34 -41.03
N GLU A 1156 15.07 17.60 -42.25
CA GLU A 1156 15.75 17.09 -43.44
C GLU A 1156 17.17 17.64 -43.56
N GLN A 1157 17.34 18.94 -43.28
CA GLN A 1157 18.69 19.50 -43.31
C GLN A 1157 19.52 19.06 -42.10
N LEU A 1158 18.86 18.63 -41.01
CA LEU A 1158 19.60 18.09 -39.87
C LEU A 1158 20.13 16.70 -40.17
N LEU A 1159 19.40 15.92 -40.97
CA LEU A 1159 19.90 14.59 -41.36
C LEU A 1159 21.08 14.66 -42.32
N GLN A 1160 21.38 15.83 -42.88
CA GLN A 1160 22.41 15.96 -43.89
C GLN A 1160 23.71 16.59 -43.38
N GLU A 1161 23.83 16.78 -42.07
CA GLU A 1161 25.06 17.35 -41.54
C GLU A 1161 26.21 16.35 -41.65
N SER A 1162 27.41 16.89 -41.84
CA SER A 1162 28.57 16.05 -42.13
C SER A 1162 28.92 15.05 -41.02
N PRO A 1163 29.06 15.46 -39.73
CA PRO A 1163 29.50 14.49 -38.72
C PRO A 1163 28.56 13.30 -38.56
N PHE A 1164 27.31 13.58 -38.20
CA PHE A 1164 26.31 12.55 -37.91
C PHE A 1164 24.97 13.20 -37.67
N PRO A 1165 23.85 12.49 -37.91
CA PRO A 1165 22.54 13.08 -37.64
C PRO A 1165 22.35 13.43 -36.17
N GLY A 1166 21.61 14.50 -35.92
CA GLY A 1166 21.33 14.93 -34.57
C GLY A 1166 22.52 15.43 -33.79
N ALA A 1167 23.38 16.24 -34.41
CA ALA A 1167 24.52 16.81 -33.69
C ALA A 1167 24.13 18.05 -32.90
N SER A 1168 23.52 19.03 -33.56
CA SER A 1168 23.05 20.23 -32.87
C SER A 1168 21.98 19.89 -31.84
N VAL A 1169 21.16 18.87 -32.12
CA VAL A 1169 20.17 18.42 -31.15
C VAL A 1169 20.85 17.93 -29.89
N TRP A 1170 21.91 17.13 -30.04
CA TRP A 1170 22.65 16.65 -28.87
C TRP A 1170 23.32 17.80 -28.14
N LEU A 1171 23.86 18.78 -28.88
CA LEU A 1171 24.48 19.93 -28.23
C LEU A 1171 23.47 20.71 -27.39
N GLU A 1172 22.28 20.94 -27.95
CA GLU A 1172 21.24 21.67 -27.22
C GLU A 1172 20.77 20.87 -26.01
N GLU A 1173 20.62 19.55 -26.16
CA GLU A 1173 20.23 18.72 -25.02
C GLU A 1173 21.29 18.76 -23.92
N ILE A 1174 22.57 18.73 -24.30
CA ILE A 1174 23.65 18.82 -23.32
C ILE A 1174 23.60 20.16 -22.60
N ASP A 1175 23.39 21.24 -23.34
CA ASP A 1175 23.30 22.56 -22.72
C ASP A 1175 22.13 22.63 -21.74
N ALA A 1176 20.96 22.14 -22.15
CA ALA A 1176 19.80 22.16 -21.27
C ALA A 1176 20.03 21.31 -20.01
N VAL A 1177 20.60 20.12 -20.18
CA VAL A 1177 20.77 19.25 -19.03
C VAL A 1177 21.84 19.78 -18.08
N GLU A 1178 22.88 20.42 -18.63
CA GLU A 1178 23.89 21.00 -17.74
C GLU A 1178 23.35 22.24 -17.04
N LYS A 1179 22.49 23.01 -17.69
CA LYS A 1179 21.83 24.12 -17.01
C LYS A 1179 20.95 23.61 -15.87
N ALA A 1180 20.18 22.54 -16.12
CA ALA A 1180 19.35 21.97 -15.07
C ALA A 1180 20.21 21.42 -13.92
N ILE A 1181 21.33 20.77 -14.26
CA ILE A 1181 22.21 20.23 -13.22
C ILE A 1181 22.81 21.36 -12.39
N ILE A 1182 23.21 22.46 -13.05
CA ILE A 1182 23.75 23.61 -12.31
C ILE A 1182 22.70 24.19 -11.40
N LYS A 1183 21.46 24.29 -11.88
CA LYS A 1183 20.36 24.79 -11.04
C LYS A 1183 20.16 23.89 -9.83
N GLY A 1184 20.23 22.56 -10.03
CA GLY A 1184 20.12 21.65 -8.92
C GLY A 1184 21.30 21.72 -7.96
N ARG A 1185 22.47 22.07 -8.48
CA ARG A 1185 23.65 22.24 -7.64
C ARG A 1185 23.51 23.47 -6.75
N ASN A 1186 22.99 24.56 -7.31
CA ASN A 1186 22.84 25.80 -6.55
C ASN A 1186 21.89 25.60 -5.37
N THR A 1187 20.78 24.92 -5.60
CA THR A 1187 19.88 24.52 -4.53
C THR A 1187 20.35 23.21 -3.92
N GLN A 1188 19.61 22.74 -2.92
CA GLN A 1188 19.89 21.42 -2.34
C GLN A 1188 19.00 20.37 -3.01
N TRP A 1189 19.06 20.35 -4.34
CA TRP A 1189 18.22 19.47 -5.17
C TRP A 1189 16.73 19.69 -4.90
N LYS A 1190 16.38 20.86 -4.38
CA LYS A 1190 14.99 21.24 -4.13
C LYS A 1190 14.67 22.43 -5.01
N PHE A 1191 14.02 22.17 -6.14
CA PHE A 1191 13.75 23.19 -7.14
C PHE A 1191 12.52 24.04 -6.82
N HIS A 1192 11.77 23.67 -5.78
CA HIS A 1192 10.56 24.38 -5.38
C HIS A 1192 9.54 24.46 -6.53
N VAL B 415 13.69 0.19 30.64
CA VAL B 415 12.48 0.36 29.84
C VAL B 415 12.85 0.69 28.39
N ASP B 416 12.16 0.04 27.45
CA ASP B 416 12.45 0.22 26.04
C ASP B 416 11.96 1.58 25.56
N LYS B 417 12.55 2.03 24.44
CA LYS B 417 12.19 3.29 23.80
C LYS B 417 12.31 4.47 24.77
N TYR B 418 13.37 4.46 25.58
CA TYR B 418 13.63 5.52 26.54
C TYR B 418 15.09 5.94 26.41
N THR B 419 15.31 7.14 25.88
CA THR B 419 16.66 7.71 25.77
C THR B 419 16.98 8.45 27.06
N ARG B 420 18.08 8.07 27.70
CA ARG B 420 18.46 8.68 28.98
C ARG B 420 19.24 9.96 28.71
N ALA B 421 18.61 11.10 28.97
CA ALA B 421 19.24 12.39 28.72
C ALA B 421 20.37 12.64 29.71
N ARG B 422 21.36 13.39 29.26
CA ARG B 422 22.47 13.77 30.14
C ARG B 422 22.01 14.77 31.19
N ASN B 423 22.65 14.71 32.36
CA ASN B 423 22.32 15.58 33.49
C ASN B 423 20.84 15.46 33.87
N ALA B 424 20.31 14.25 33.81
CA ALA B 424 18.93 13.97 34.19
C ALA B 424 18.92 13.09 35.43
N GLY B 425 17.99 13.37 36.34
CA GLY B 425 17.94 12.67 37.60
C GLY B 425 19.12 12.94 38.50
N GLY B 426 19.64 14.17 38.47
CA GLY B 426 20.77 14.58 39.28
C GLY B 426 20.51 15.91 39.95
N LYS B 427 21.58 16.72 40.05
CA LYS B 427 21.45 18.03 40.66
C LYS B 427 20.63 18.99 39.81
N ARG B 428 20.67 18.83 38.49
CA ARG B 428 19.91 19.67 37.58
C ARG B 428 18.67 18.96 37.05
N ALA B 429 18.14 17.99 37.79
CA ALA B 429 16.97 17.25 37.35
C ALA B 429 15.73 18.12 37.28
N GLN B 430 15.57 19.05 38.23
CA GLN B 430 14.37 19.87 38.27
C GLN B 430 14.24 20.79 37.06
N ASP B 431 15.35 21.08 36.37
CA ASP B 431 15.31 21.92 35.19
C ASP B 431 15.06 21.14 33.91
N CYS B 432 15.08 19.81 33.97
CA CYS B 432 14.88 19.00 32.78
C CYS B 432 13.41 18.91 32.42
N MET B 433 13.14 18.49 31.19
CA MET B 433 11.80 18.25 30.70
C MET B 433 11.76 16.85 30.09
N LEU B 434 10.55 16.28 30.01
CA LEU B 434 10.35 14.98 29.41
C LEU B 434 9.30 15.09 28.30
N LEU B 435 9.57 14.43 27.17
CA LEU B 435 8.70 14.47 26.01
C LEU B 435 8.04 13.12 25.83
N ALA B 436 6.70 13.11 25.84
CA ALA B 436 5.92 11.90 25.65
C ALA B 436 5.31 11.89 24.26
N ALA B 437 5.49 10.79 23.54
CA ALA B 437 5.02 10.66 22.16
C ALA B 437 3.95 9.58 22.07
N GLU B 438 2.86 9.89 21.38
CA GLU B 438 1.81 8.90 21.17
C GLU B 438 2.21 7.85 20.15
N GLY B 439 3.10 8.18 19.23
CA GLY B 439 3.47 7.25 18.18
C GLY B 439 4.91 7.47 17.75
N ASP B 440 5.35 6.58 16.85
CA ASP B 440 6.73 6.62 16.40
C ASP B 440 6.97 7.81 15.47
N SER B 441 5.92 8.34 14.86
CA SER B 441 6.05 9.55 14.05
C SER B 441 6.47 10.73 14.90
N ALA B 442 5.82 10.89 16.06
CA ALA B 442 6.21 11.93 17.00
C ALA B 442 7.63 11.69 17.52
N LEU B 443 7.98 10.42 17.74
CA LEU B 443 9.33 10.09 18.18
C LEU B 443 10.37 10.52 17.15
N SER B 444 10.10 10.26 15.87
CA SER B 444 10.99 10.68 14.80
C SER B 444 11.08 12.18 14.69
N LEU B 445 9.95 12.89 14.84
CA LEU B 445 9.97 14.35 14.81
C LEU B 445 10.82 14.90 15.95
N LEU B 446 10.67 14.33 17.14
CA LEU B 446 11.47 14.76 18.29
C LEU B 446 12.94 14.44 18.08
N ARG B 447 13.23 13.30 17.44
CA ARG B 447 14.61 12.96 17.11
C ARG B 447 15.22 14.01 16.20
N THR B 448 14.49 14.41 15.16
CA THR B 448 15.00 15.44 14.24
C THR B 448 15.19 16.77 14.97
N GLY B 449 14.23 17.13 15.81
CA GLY B 449 14.34 18.38 16.56
C GLY B 449 15.52 18.40 17.50
N LEU B 450 15.79 17.27 18.17
CA LEU B 450 16.92 17.19 19.09
C LEU B 450 18.24 17.17 18.35
N THR B 451 18.30 16.47 17.21
CA THR B 451 19.54 16.41 16.44
C THR B 451 19.77 17.67 15.60
N LEU B 452 18.78 18.56 15.53
CA LEU B 452 19.00 19.86 14.88
C LEU B 452 20.13 20.61 15.55
N GLY B 453 19.94 21.00 16.81
CA GLY B 453 21.04 21.46 17.65
C GLY B 453 21.56 22.84 17.35
N LYS B 454 22.23 23.00 16.21
CA LYS B 454 22.93 24.25 15.92
C LYS B 454 21.95 25.38 15.65
N SER B 455 22.41 26.61 15.84
CA SER B 455 21.65 27.84 15.70
C SER B 455 20.46 27.89 16.65
N ASN B 456 20.46 27.08 17.71
CA ASN B 456 19.36 27.03 18.66
C ASN B 456 19.92 27.10 20.08
N PRO B 457 20.29 28.30 20.54
CA PRO B 457 20.73 28.41 21.94
C PRO B 457 19.60 28.16 22.93
N SER B 458 18.45 28.82 22.72
CA SER B 458 17.29 28.52 23.55
C SER B 458 16.64 27.20 23.17
N GLY B 459 16.81 26.77 21.91
CA GLY B 459 16.29 25.51 21.45
C GLY B 459 16.86 24.34 22.21
N PRO B 460 15.99 23.44 22.66
CA PRO B 460 16.45 22.31 23.50
C PRO B 460 17.14 21.26 22.66
N SER B 461 18.36 20.92 23.04
CA SER B 461 19.11 19.83 22.44
C SER B 461 18.72 18.53 23.13
N PHE B 462 19.49 17.47 22.90
CA PHE B 462 19.22 16.19 23.55
C PHE B 462 19.32 16.28 25.07
N ASP B 463 20.08 17.25 25.59
CA ASP B 463 20.19 17.41 27.02
C ASP B 463 18.88 17.91 27.62
N PHE B 464 18.59 17.44 28.83
CA PHE B 464 17.43 17.85 29.62
C PHE B 464 16.11 17.54 28.92
N CYS B 465 16.12 16.64 27.94
CA CYS B 465 14.92 16.32 27.18
C CYS B 465 14.49 14.87 27.34
N GLY B 466 15.39 13.92 27.12
CA GLY B 466 15.00 12.53 27.22
C GLY B 466 14.01 12.17 26.12
N MET B 467 13.42 10.99 26.27
CA MET B 467 12.42 10.53 25.32
C MET B 467 11.63 9.35 25.86
N ILE B 468 10.31 9.39 25.74
CA ILE B 468 9.45 8.28 26.12
C ILE B 468 8.28 8.22 25.14
N SER B 469 7.94 7.02 24.71
CA SER B 469 6.86 6.80 23.76
C SER B 469 5.70 6.10 24.45
N LEU B 470 4.50 6.64 24.31
CA LEU B 470 3.33 6.05 24.94
C LEU B 470 2.89 4.78 24.22
N GLY B 471 3.39 4.57 22.99
CA GLY B 471 3.08 3.34 22.24
C GLY B 471 1.66 3.31 21.70
N GLY B 472 1.01 4.48 21.58
CA GLY B 472 -0.35 4.55 21.01
C GLY B 472 -1.41 4.82 22.06
N VAL B 473 -2.20 3.80 22.41
CA VAL B 473 -3.28 3.98 23.37
C VAL B 473 -2.94 3.23 24.65
N ILE B 474 -2.97 3.93 25.78
CA ILE B 474 -2.65 3.31 27.07
C ILE B 474 -3.91 3.20 27.88
N MET B 475 -3.91 2.34 28.91
CA MET B 475 -5.09 2.16 29.74
C MET B 475 -5.30 3.27 30.77
N ASN B 476 -6.55 3.44 31.21
CA ASN B 476 -6.92 4.43 32.19
C ASN B 476 -7.17 3.74 33.53
N ALA B 477 -6.64 4.33 34.59
CA ALA B 477 -6.71 3.69 35.88
C ALA B 477 -8.02 3.97 36.62
N CYS B 478 -8.95 4.69 35.99
CA CYS B 478 -10.19 5.02 36.67
C CYS B 478 -11.00 3.77 36.99
N LYS B 479 -11.07 2.83 36.05
CA LYS B 479 -11.79 1.59 36.31
C LYS B 479 -10.88 0.50 36.85
N LYS B 480 -9.55 0.70 36.78
CA LYS B 480 -8.63 -0.29 37.32
C LYS B 480 -8.56 -0.23 38.84
N VAL B 481 -8.66 0.97 39.41
CA VAL B 481 -8.59 1.09 40.86
C VAL B 481 -9.86 0.52 41.50
N THR B 482 -9.75 0.13 42.76
CA THR B 482 -10.85 -0.46 43.50
C THR B 482 -11.34 0.37 44.67
N ASN B 483 -10.46 1.17 45.29
CA ASN B 483 -10.82 2.02 46.43
C ASN B 483 -11.41 1.19 47.57
N ILE B 484 -10.85 0.01 47.79
CA ILE B 484 -11.31 -0.89 48.84
C ILE B 484 -10.69 -0.50 50.17
N THR B 485 -11.20 -1.12 51.25
CA THR B 485 -10.74 -0.93 52.64
C THR B 485 -10.39 0.52 52.95
N THR B 486 -11.32 1.41 52.63
CA THR B 486 -11.21 2.82 52.99
C THR B 486 -11.89 3.14 54.31
N ASP B 487 -12.40 2.12 55.02
CA ASP B 487 -13.12 2.32 56.27
C ASP B 487 -12.20 2.51 57.47
N SER B 488 -10.88 2.40 57.28
CA SER B 488 -9.92 2.56 58.36
C SER B 488 -9.65 4.02 58.72
N GLY B 489 -10.49 4.95 58.27
CA GLY B 489 -10.30 6.36 58.52
C GLY B 489 -9.53 7.08 57.44
N GLU B 490 -8.97 6.37 56.47
CA GLU B 490 -8.26 6.97 55.35
C GLU B 490 -8.74 6.33 54.06
N THR B 491 -8.76 7.13 53.00
CA THR B 491 -9.16 6.66 51.67
C THR B 491 -7.93 6.15 50.93
N ILE B 492 -7.89 4.85 50.65
CA ILE B 492 -6.76 4.22 49.97
C ILE B 492 -7.29 3.52 48.72
N MET B 493 -6.55 3.66 47.62
CA MET B 493 -6.91 3.03 46.36
C MET B 493 -5.95 1.88 46.10
N VAL B 494 -6.49 0.69 45.89
CA VAL B 494 -5.69 -0.50 45.60
C VAL B 494 -5.60 -0.66 44.10
N ARG B 495 -4.38 -0.67 43.56
CA ARG B 495 -4.18 -0.81 42.14
C ARG B 495 -4.33 -2.28 41.73
N ASN B 496 -5.22 -2.53 40.77
CA ASN B 496 -5.41 -3.89 40.28
C ASN B 496 -4.16 -4.37 39.57
N GLU B 497 -3.92 -5.69 39.64
CA GLU B 497 -2.74 -6.26 39.00
C GLU B 497 -2.75 -6.05 37.49
N GLN B 498 -3.93 -5.89 36.88
CA GLN B 498 -3.98 -5.60 35.45
C GLN B 498 -3.38 -4.23 35.14
N LEU B 499 -3.46 -3.30 36.09
CA LEU B 499 -2.84 -1.99 35.91
C LEU B 499 -1.35 -2.00 36.23
N THR B 500 -0.96 -2.77 37.25
CA THR B 500 0.43 -2.78 37.70
C THR B 500 1.36 -3.36 36.64
N ASN B 501 0.93 -4.44 35.97
CA ASN B 501 1.81 -5.14 35.05
C ASN B 501 1.86 -4.51 33.66
N ASN B 502 1.11 -3.45 33.41
CA ASN B 502 1.17 -2.77 32.12
C ASN B 502 2.57 -2.19 31.92
N LYS B 503 3.18 -2.48 30.77
CA LYS B 503 4.57 -2.10 30.55
C LYS B 503 4.73 -0.59 30.47
N VAL B 504 3.83 0.08 29.75
CA VAL B 504 3.97 1.52 29.53
C VAL B 504 3.84 2.28 30.84
N LEU B 505 2.86 1.91 31.66
CA LEU B 505 2.59 2.67 32.89
C LEU B 505 3.74 2.53 33.87
N GLN B 506 4.17 1.30 34.16
CA GLN B 506 5.29 1.12 35.08
C GLN B 506 6.59 1.65 34.50
N GLY B 507 6.75 1.60 33.18
CA GLY B 507 7.93 2.19 32.56
C GLY B 507 8.00 3.68 32.75
N ILE B 508 6.89 4.38 32.53
CA ILE B 508 6.89 5.83 32.73
C ILE B 508 7.03 6.17 34.21
N VAL B 509 6.47 5.33 35.09
CA VAL B 509 6.64 5.54 36.53
C VAL B 509 8.11 5.44 36.91
N GLN B 510 8.80 4.42 36.40
CA GLN B 510 10.22 4.25 36.68
C GLN B 510 11.04 5.38 36.08
N VAL B 511 10.66 5.84 34.88
CA VAL B 511 11.37 6.95 34.25
C VAL B 511 11.25 8.21 35.11
N LEU B 512 10.04 8.50 35.60
CA LEU B 512 9.87 9.66 36.46
C LEU B 512 10.42 9.43 37.85
N GLY B 513 10.59 8.18 38.27
CA GLY B 513 11.07 7.90 39.61
C GLY B 513 10.06 8.14 40.71
N LEU B 514 8.80 8.37 40.35
CA LEU B 514 7.75 8.66 41.31
C LEU B 514 7.26 7.40 42.00
N ASP B 515 6.55 7.59 43.11
CA ASP B 515 5.95 6.51 43.87
C ASP B 515 4.47 6.80 44.09
N PHE B 516 3.65 5.75 44.08
CA PHE B 516 2.20 5.92 44.19
C PHE B 516 1.80 6.39 45.59
N ASN B 517 2.46 5.85 46.62
CA ASN B 517 2.05 6.14 48.00
C ASN B 517 2.22 7.62 48.35
N CYS B 518 3.33 8.21 47.94
CA CYS B 518 3.64 9.58 48.34
C CYS B 518 2.82 10.58 47.55
N HIS B 519 2.41 11.66 48.22
CA HIS B 519 1.74 12.79 47.59
C HIS B 519 2.68 13.98 47.63
N TYR B 520 2.98 14.55 46.47
CA TYR B 520 4.00 15.59 46.34
C TYR B 520 3.34 16.95 46.52
N LYS B 521 3.19 17.37 47.77
CA LYS B 521 2.62 18.66 48.11
C LYS B 521 3.69 19.75 48.23
N THR B 522 4.81 19.42 48.87
CA THR B 522 5.86 20.39 49.12
C THR B 522 6.85 20.43 47.95
N GLN B 523 7.81 21.35 48.02
CA GLN B 523 8.76 21.51 46.94
C GLN B 523 9.72 20.34 46.83
N GLU B 524 10.18 19.82 47.98
CA GLU B 524 11.17 18.75 47.95
C GLU B 524 10.60 17.46 47.37
N GLU B 525 9.33 17.16 47.67
CA GLU B 525 8.74 15.92 47.19
C GLU B 525 8.71 15.85 45.67
N ARG B 526 8.32 16.96 45.02
CA ARG B 526 8.40 17.04 43.58
C ARG B 526 9.83 17.29 43.08
N ALA B 527 10.74 17.70 43.97
CA ALA B 527 12.13 17.83 43.59
C ALA B 527 12.81 16.47 43.46
N LYS B 528 12.34 15.47 44.22
CA LYS B 528 12.84 14.11 44.06
C LYS B 528 12.49 13.51 42.70
N LEU B 529 11.56 14.11 41.97
CA LEU B 529 11.20 13.59 40.65
C LEU B 529 12.39 13.69 39.70
N ARG B 530 12.55 12.66 38.87
CA ARG B 530 13.69 12.62 37.94
C ARG B 530 13.61 13.74 36.92
N TYR B 531 12.42 14.04 36.42
CA TYR B 531 12.21 15.08 35.43
C TYR B 531 11.41 16.23 36.02
N GLY B 532 11.81 17.45 35.69
CA GLY B 532 11.12 18.62 36.23
C GLY B 532 9.70 18.73 35.74
N CYS B 533 9.44 18.35 34.49
CA CYS B 533 8.11 18.40 33.93
C CYS B 533 7.99 17.36 32.83
N ILE B 534 6.75 16.98 32.51
CA ILE B 534 6.46 16.02 31.46
C ILE B 534 5.63 16.72 30.39
N VAL B 535 6.02 16.54 29.13
CA VAL B 535 5.35 17.16 27.99
C VAL B 535 4.83 16.06 27.08
N ALA B 536 3.54 16.13 26.74
CA ALA B 536 2.92 15.17 25.84
C ALA B 536 2.86 15.75 24.45
N CYS B 537 3.43 15.03 23.49
CA CYS B 537 3.51 15.47 22.09
C CYS B 537 2.71 14.49 21.24
N VAL B 538 1.57 14.93 20.74
CA VAL B 538 0.67 14.08 19.96
C VAL B 538 0.24 14.84 18.70
N ASP B 539 -0.40 14.12 17.80
CA ASP B 539 -0.91 14.72 16.58
C ASP B 539 -2.05 15.69 16.90
N GLN B 540 -2.29 16.63 15.98
CA GLN B 540 -3.33 17.62 16.17
C GLN B 540 -4.69 17.18 15.64
N ASP B 541 -4.80 15.96 15.10
CA ASP B 541 -6.10 15.47 14.68
C ASP B 541 -7.00 15.23 15.89
N LEU B 542 -8.26 14.90 15.61
CA LEU B 542 -9.23 14.76 16.69
C LEU B 542 -8.83 13.64 17.66
N ASP B 543 -8.36 12.52 17.12
CA ASP B 543 -7.82 11.46 17.97
C ASP B 543 -6.48 11.89 18.54
N GLY B 544 -6.07 11.24 19.62
CA GLY B 544 -4.81 11.55 20.27
C GLY B 544 -4.95 12.66 21.30
N CYS B 545 -5.10 13.90 20.86
CA CYS B 545 -5.34 14.99 21.80
C CYS B 545 -6.82 15.00 22.17
N GLY B 546 -7.10 14.74 23.44
CA GLY B 546 -8.46 14.54 23.89
C GLY B 546 -8.67 13.13 24.40
N LYS B 547 -8.07 12.15 23.73
CA LYS B 547 -8.10 10.76 24.17
C LYS B 547 -6.82 10.36 24.89
N ILE B 548 -5.68 10.40 24.19
CA ILE B 548 -4.42 10.03 24.81
C ILE B 548 -4.06 11.02 25.92
N LEU B 549 -4.15 12.31 25.60
CA LEU B 549 -4.02 13.33 26.65
C LEU B 549 -5.08 13.15 27.71
N GLY B 550 -6.33 12.88 27.30
CA GLY B 550 -7.40 12.73 28.26
C GLY B 550 -7.13 11.64 29.27
N LEU B 551 -6.84 10.42 28.79
CA LEU B 551 -6.55 9.32 29.71
C LEU B 551 -5.29 9.59 30.52
N LEU B 552 -4.24 10.14 29.90
CA LEU B 552 -2.99 10.37 30.61
C LEU B 552 -3.18 11.34 31.78
N LEU B 553 -3.76 12.51 31.50
CA LEU B 553 -3.92 13.49 32.58
C LEU B 553 -5.03 13.10 33.54
N ALA B 554 -6.01 12.30 33.11
CA ALA B 554 -6.99 11.78 34.05
C ALA B 554 -6.34 10.82 35.04
N TYR B 555 -5.44 9.95 34.55
CA TYR B 555 -4.69 9.06 35.44
C TYR B 555 -3.81 9.87 36.38
N PHE B 556 -3.14 10.89 35.86
CA PHE B 556 -2.30 11.74 36.71
C PHE B 556 -3.12 12.43 37.79
N HIS B 557 -4.31 12.95 37.43
CA HIS B 557 -5.17 13.58 38.42
C HIS B 557 -5.66 12.57 39.45
N LEU B 558 -6.04 11.37 39.01
CA LEU B 558 -6.56 10.37 39.94
C LEU B 558 -5.50 9.92 40.92
N PHE B 559 -4.24 9.84 40.50
CA PHE B 559 -3.19 9.38 41.39
C PHE B 559 -2.48 10.53 42.11
N TRP B 560 -2.09 11.59 41.40
CA TRP B 560 -1.35 12.71 41.99
C TRP B 560 -1.95 14.03 41.51
N PRO B 561 -3.03 14.49 42.15
CA PRO B 561 -3.60 15.78 41.76
C PRO B 561 -2.66 16.96 41.94
N GLN B 562 -1.75 16.89 42.91
CA GLN B 562 -0.86 18.02 43.20
C GLN B 562 0.07 18.31 42.02
N LEU B 563 0.48 17.28 41.29
CA LEU B 563 1.34 17.50 40.14
C LEU B 563 0.65 18.36 39.08
N ILE B 564 -0.63 18.07 38.82
CA ILE B 564 -1.40 18.90 37.89
C ILE B 564 -1.64 20.28 38.49
N ILE B 565 -1.86 20.33 39.81
CA ILE B 565 -2.12 21.62 40.47
C ILE B 565 -0.91 22.54 40.34
N HIS B 566 0.29 22.01 40.54
CA HIS B 566 1.51 22.79 40.49
C HIS B 566 2.08 22.90 39.09
N GLY B 567 1.38 22.37 38.08
CA GLY B 567 1.84 22.49 36.71
C GLY B 567 2.96 21.56 36.32
N PHE B 568 3.10 20.42 37.02
CA PHE B 568 4.14 19.45 36.65
C PHE B 568 3.89 18.89 35.27
N VAL B 569 2.63 18.58 34.94
CA VAL B 569 2.26 18.04 33.64
C VAL B 569 1.94 19.17 32.69
N LYS B 570 2.37 19.02 31.44
CA LYS B 570 2.12 20.03 30.41
C LYS B 570 2.14 19.33 29.05
N ARG B 571 1.87 20.09 28.00
CA ARG B 571 1.90 19.55 26.66
C ARG B 571 2.20 20.67 25.67
N LEU B 572 2.66 20.28 24.49
CA LEU B 572 2.94 21.22 23.42
C LEU B 572 1.83 21.14 22.38
N LEU B 573 1.42 22.29 21.87
CA LEU B 573 0.27 22.40 20.98
C LEU B 573 0.77 22.83 19.59
N THR B 574 0.67 21.91 18.64
CA THR B 574 1.10 22.17 17.28
C THR B 574 -0.05 22.76 16.44
N PRO B 575 0.28 23.53 15.40
CA PRO B 575 -0.77 24.07 14.53
C PRO B 575 -1.32 23.01 13.59
N LEU B 576 -2.65 22.84 13.60
CA LEU B 576 -3.28 21.87 12.71
C LEU B 576 -3.27 22.34 11.27
N ILE B 577 -3.61 23.60 11.04
CA ILE B 577 -3.72 24.17 9.70
C ILE B 577 -2.87 25.42 9.64
N ARG B 578 -2.06 25.53 8.58
CA ARG B 578 -1.22 26.69 8.34
C ARG B 578 -1.54 27.29 6.97
N VAL B 579 -1.69 28.60 6.93
CA VAL B 579 -1.95 29.33 5.69
C VAL B 579 -0.76 30.26 5.44
N TYR B 580 -0.13 30.09 4.28
CA TYR B 580 1.05 30.87 3.92
C TYR B 580 0.70 31.85 2.82
N GLU B 581 1.11 33.10 2.98
CA GLU B 581 0.90 34.15 1.99
C GLU B 581 2.19 34.36 1.21
N LYS B 582 2.07 34.41 -0.12
CA LYS B 582 3.24 34.60 -0.97
C LYS B 582 3.89 35.95 -0.68
N GLY B 583 5.21 35.93 -0.51
CA GLY B 583 5.95 37.11 -0.13
C GLY B 583 6.12 37.29 1.36
N LYS B 584 5.48 36.45 2.18
CA LYS B 584 5.60 36.51 3.63
C LYS B 584 6.00 35.14 4.15
N THR B 585 6.86 35.14 5.17
CA THR B 585 7.43 33.91 5.72
C THR B 585 6.75 33.44 6.99
N MET B 586 5.65 34.08 7.40
CA MET B 586 4.96 33.65 8.60
C MET B 586 3.57 33.13 8.27
N PRO B 587 3.17 31.99 8.82
CA PRO B 587 1.83 31.46 8.57
C PRO B 587 0.84 31.92 9.64
N VAL B 588 -0.43 31.55 9.42
CA VAL B 588 -1.46 31.84 10.41
C VAL B 588 -1.44 30.84 11.55
N GLU B 589 -0.86 29.67 11.34
CA GLU B 589 -0.74 28.57 12.32
C GLU B 589 -2.00 28.43 13.18
N PHE B 590 -3.11 28.20 12.51
CA PHE B 590 -4.39 27.99 13.19
C PHE B 590 -4.47 26.58 13.74
N TYR B 591 -5.23 26.43 14.83
CA TYR B 591 -5.28 25.20 15.60
C TYR B 591 -6.57 24.41 15.43
N TYR B 592 -7.72 25.07 15.40
CA TYR B 592 -9.01 24.41 15.33
C TYR B 592 -9.68 24.69 13.98
N GLU B 593 -10.42 23.70 13.48
CA GLU B 593 -11.08 23.85 12.19
C GLU B 593 -12.15 24.95 12.23
N GLN B 594 -12.78 25.17 13.38
CA GLN B 594 -13.73 26.27 13.50
C GLN B 594 -13.04 27.61 13.31
N GLU B 595 -11.86 27.77 13.92
CA GLU B 595 -11.11 29.02 13.75
C GLU B 595 -10.69 29.20 12.30
N PHE B 596 -10.25 28.13 11.64
CA PHE B 596 -9.87 28.22 10.23
C PHE B 596 -11.06 28.60 9.36
N ASP B 597 -12.23 28.02 9.63
CA ASP B 597 -13.43 28.37 8.87
C ASP B 597 -13.82 29.83 9.10
N ALA B 598 -13.71 30.30 10.35
CA ALA B 598 -14.02 31.69 10.63
C ALA B 598 -13.05 32.62 9.90
N TRP B 599 -11.77 32.27 9.88
CA TRP B 599 -10.79 33.09 9.17
C TRP B 599 -11.06 33.09 7.67
N ALA B 600 -11.43 31.93 7.12
CA ALA B 600 -11.71 31.85 5.69
C ALA B 600 -12.94 32.67 5.32
N LYS B 601 -13.99 32.61 6.13
CA LYS B 601 -15.20 33.36 5.82
C LYS B 601 -15.05 34.84 6.08
N LYS B 602 -14.22 35.24 7.05
CA LYS B 602 -13.99 36.66 7.30
C LYS B 602 -13.08 37.28 6.25
N GLN B 603 -12.28 36.48 5.57
CA GLN B 603 -11.43 37.02 4.50
C GLN B 603 -12.27 37.34 3.27
N THR B 604 -11.82 38.35 2.52
CA THR B 604 -12.53 38.74 1.31
C THR B 604 -12.51 37.63 0.27
N SER B 605 -11.37 36.97 0.10
CA SER B 605 -11.25 35.87 -0.85
C SER B 605 -10.08 34.99 -0.45
N LEU B 606 -10.10 33.76 -0.94
CA LEU B 606 -9.03 32.80 -0.69
C LEU B 606 -7.96 32.86 -1.78
N VAL B 607 -7.46 34.06 -2.04
CA VAL B 607 -6.43 34.28 -3.06
C VAL B 607 -5.14 34.68 -2.37
N ASN B 608 -4.02 34.43 -3.04
CA ASN B 608 -2.68 34.71 -2.53
C ASN B 608 -2.41 33.99 -1.22
N HIS B 609 -3.07 32.85 -1.01
CA HIS B 609 -2.92 32.07 0.21
C HIS B 609 -2.82 30.59 -0.14
N THR B 610 -1.93 29.89 0.55
CA THR B 610 -1.77 28.44 0.40
C THR B 610 -2.13 27.78 1.72
N VAL B 611 -3.09 26.87 1.69
CA VAL B 611 -3.59 26.19 2.87
C VAL B 611 -2.89 24.84 2.98
N LYS B 612 -2.25 24.59 4.12
CA LYS B 612 -1.55 23.34 4.38
C LYS B 612 -2.21 22.63 5.55
N TYR B 613 -2.57 21.37 5.34
CA TYR B 613 -3.21 20.56 6.36
C TYR B 613 -2.19 19.59 6.94
N TYR B 614 -2.12 19.53 8.26
CA TYR B 614 -1.19 18.64 8.98
C TYR B 614 -2.01 17.67 9.82
N LYS B 615 -2.40 16.55 9.22
CA LYS B 615 -3.11 15.49 9.93
C LYS B 615 -2.13 14.47 10.51
N GLY B 616 -1.16 14.97 11.25
CA GLY B 616 -0.10 14.16 11.81
C GLY B 616 1.15 15.00 11.97
N LEU B 617 1.90 14.71 13.04
CA LEU B 617 3.12 15.48 13.31
C LEU B 617 4.18 15.25 12.23
N ALA B 618 4.30 14.01 11.74
CA ALA B 618 5.29 13.72 10.72
C ALA B 618 5.03 14.41 9.40
N ALA B 619 3.84 14.97 9.19
CA ALA B 619 3.55 15.70 7.96
C ALA B 619 4.32 17.01 7.87
N HIS B 620 4.82 17.52 8.99
CA HIS B 620 5.58 18.76 8.97
C HIS B 620 6.92 18.55 8.27
N ASP B 621 7.44 19.63 7.68
CA ASP B 621 8.68 19.59 6.92
C ASP B 621 9.86 19.99 7.80
N THR B 622 11.07 19.92 7.23
CA THR B 622 12.27 20.26 7.98
C THR B 622 12.27 21.73 8.40
N HIS B 623 11.89 22.62 7.48
CA HIS B 623 11.83 24.03 7.84
C HIS B 623 10.72 24.29 8.85
N GLU B 624 9.60 23.56 8.74
CA GLU B 624 8.52 23.69 9.71
C GLU B 624 8.98 23.29 11.11
N VAL B 625 9.65 22.13 11.22
CA VAL B 625 10.08 21.66 12.54
C VAL B 625 11.19 22.55 13.10
N LYS B 626 12.07 23.06 12.23
CA LYS B 626 13.10 23.95 12.73
C LYS B 626 12.53 25.30 13.18
N SER B 627 11.47 25.78 12.51
CA SER B 627 10.80 26.97 12.98
C SER B 627 10.09 26.73 14.31
N MET B 628 9.49 25.54 14.47
CA MET B 628 8.85 25.20 15.74
C MET B 628 9.88 25.14 16.86
N PHE B 629 11.03 24.51 16.61
CA PHE B 629 12.04 24.38 17.65
C PHE B 629 12.80 25.67 17.90
N LYS B 630 12.80 26.61 16.95
CA LYS B 630 13.38 27.92 17.20
C LYS B 630 12.62 28.64 18.30
N HIS B 631 11.30 28.51 18.31
CA HIS B 631 10.44 29.10 19.33
C HIS B 631 9.84 28.02 20.23
N PHE B 632 10.65 27.02 20.59
CA PHE B 632 10.16 25.92 21.40
C PHE B 632 9.70 26.39 22.78
N ASP B 633 10.24 27.51 23.26
CA ASP B 633 9.76 28.07 24.52
C ASP B 633 8.29 28.45 24.43
N ASN B 634 7.83 28.84 23.26
CA ASN B 634 6.41 29.10 23.03
C ASN B 634 5.70 27.78 22.72
N MET B 635 4.44 27.86 22.31
CA MET B 635 3.59 26.73 21.90
C MET B 635 3.66 25.54 22.87
N VAL B 636 4.01 25.80 24.12
CA VAL B 636 4.01 24.78 25.18
C VAL B 636 3.07 25.24 26.27
N TYR B 637 2.03 24.47 26.53
CA TYR B 637 0.95 24.87 27.41
C TYR B 637 0.95 23.99 28.66
N THR B 638 0.83 24.63 29.82
CA THR B 638 0.82 23.93 31.10
C THR B 638 -0.60 23.71 31.56
N PHE B 639 -0.90 22.48 31.98
CA PHE B 639 -2.25 22.15 32.43
C PHE B 639 -2.47 22.61 33.86
N THR B 640 -3.63 23.21 34.10
CA THR B 640 -4.02 23.69 35.42
C THR B 640 -5.29 22.97 35.86
N LEU B 641 -5.33 22.58 37.13
CA LEU B 641 -6.44 21.83 37.69
C LEU B 641 -7.39 22.78 38.40
N ASP B 642 -8.69 22.58 38.19
CA ASP B 642 -9.74 23.35 38.82
C ASP B 642 -10.53 22.48 39.78
N ASP B 643 -11.37 23.12 40.60
CA ASP B 643 -12.20 22.39 41.54
C ASP B 643 -13.24 21.53 40.83
N SER B 644 -13.76 22.02 39.70
CA SER B 644 -14.78 21.30 38.96
C SER B 644 -14.22 20.19 38.09
N ALA B 645 -12.90 20.04 38.01
CA ALA B 645 -12.31 19.03 37.14
C ALA B 645 -12.61 17.61 37.62
N LYS B 646 -12.80 17.42 38.93
CA LYS B 646 -12.97 16.07 39.47
C LYS B 646 -14.24 15.42 38.95
N GLU B 647 -15.36 16.16 38.96
CA GLU B 647 -16.61 15.59 38.47
C GLU B 647 -16.55 15.34 36.96
N LEU B 648 -15.87 16.21 36.21
CA LEU B 648 -15.71 15.97 34.78
C LEU B 648 -14.90 14.70 34.53
N PHE B 649 -13.85 14.49 35.32
CA PHE B 649 -13.05 13.26 35.19
C PHE B 649 -13.90 12.04 35.52
N HIS B 650 -14.70 12.12 36.58
CA HIS B 650 -15.53 10.98 36.96
C HIS B 650 -16.58 10.68 35.89
N ILE B 651 -17.16 11.73 35.29
CA ILE B 651 -18.18 11.53 34.26
C ILE B 651 -17.56 10.93 33.01
N TYR B 652 -16.43 11.50 32.55
CA TYR B 652 -15.85 11.05 31.29
C TYR B 652 -15.17 9.70 31.44
N PHE B 653 -14.58 9.42 32.59
CA PHE B 653 -13.88 8.16 32.84
C PHE B 653 -14.32 7.57 34.17
N GLY B 654 -14.61 6.28 34.16
CA GLY B 654 -15.01 5.61 35.39
C GLY B 654 -16.11 4.59 35.20
N GLY B 655 -16.52 3.95 36.29
CA GLY B 655 -17.56 2.94 36.26
C GLY B 655 -18.91 3.45 35.81
N GLU B 656 -19.21 4.71 36.11
CA GLU B 656 -20.50 5.29 35.76
C GLU B 656 -20.69 5.36 34.25
N SER B 657 -21.58 4.52 33.73
CA SER B 657 -21.80 4.46 32.30
C SER B 657 -22.89 5.43 31.85
N GLU B 658 -24.05 5.36 32.50
CA GLU B 658 -25.17 6.21 32.12
C GLU B 658 -24.86 7.68 32.37
N LEU B 659 -23.94 7.95 33.30
CA LEU B 659 -23.55 9.31 33.63
C LEU B 659 -22.99 10.05 32.42
N ARG B 660 -22.15 9.36 31.64
CA ARG B 660 -21.60 9.97 30.43
C ARG B 660 -22.56 9.94 29.26
N LYS B 661 -23.61 9.12 29.32
CA LYS B 661 -24.61 9.11 28.24
C LYS B 661 -25.34 10.44 28.17
N ARG B 662 -25.79 10.95 29.31
CA ARG B 662 -26.48 12.23 29.36
C ARG B 662 -25.56 13.40 29.04
N GLU B 663 -24.25 13.20 29.15
CA GLU B 663 -23.30 14.25 28.81
C GLU B 663 -22.94 14.23 27.33
N LEU B 664 -22.88 13.04 26.73
CA LEU B 664 -22.65 12.92 25.30
C LEU B 664 -23.88 13.24 24.46
N CYS B 665 -25.08 13.05 25.00
CA CYS B 665 -26.28 13.29 24.21
C CYS B 665 -26.50 14.77 23.91
N THR B 666 -25.78 15.67 24.59
CA THR B 666 -25.99 17.10 24.38
C THR B 666 -25.25 17.60 23.15
N GLY B 667 -23.92 17.49 23.16
CA GLY B 667 -23.12 17.99 22.06
C GLY B 667 -21.98 18.88 22.52
N VAL B 668 -20.95 19.02 21.67
CA VAL B 668 -19.77 19.78 22.06
C VAL B 668 -20.10 21.26 22.12
N VAL B 669 -19.58 21.94 23.14
CA VAL B 669 -19.75 23.37 23.33
C VAL B 669 -18.45 24.06 22.96
N PRO B 670 -18.43 24.92 21.94
CA PRO B 670 -17.18 25.59 21.56
C PRO B 670 -16.71 26.55 22.63
N LEU B 671 -15.39 26.73 22.69
CA LEU B 671 -14.79 27.62 23.67
C LEU B 671 -15.13 29.07 23.36
N THR B 672 -15.28 29.87 24.41
CA THR B 672 -15.55 31.28 24.24
C THR B 672 -14.30 32.02 23.75
N GLU B 673 -14.52 33.18 23.14
CA GLU B 673 -13.41 33.96 22.60
C GLU B 673 -12.50 34.45 23.71
N THR B 674 -13.07 34.86 24.85
CA THR B 674 -12.25 35.32 25.97
C THR B 674 -11.39 34.20 26.53
N GLN B 675 -11.94 32.98 26.59
CA GLN B 675 -11.15 31.84 27.06
C GLN B 675 -9.98 31.55 26.12
N THR B 676 -10.24 31.59 24.81
CA THR B 676 -9.16 31.37 23.84
C THR B 676 -8.09 32.45 23.94
N GLN B 677 -8.53 33.70 24.12
CA GLN B 677 -7.57 34.80 24.28
C GLN B 677 -6.72 34.62 25.54
N SER B 678 -7.36 34.19 26.64
CA SER B 678 -6.61 33.93 27.87
C SER B 678 -5.61 32.79 27.68
N ILE B 679 -6.03 31.73 26.97
CA ILE B 679 -5.12 30.61 26.72
C ILE B 679 -3.94 31.05 25.89
N HIS B 680 -4.19 31.86 24.85
CA HIS B 680 -3.09 32.29 23.98
C HIS B 680 -2.17 33.27 24.69
N SER B 681 -2.72 34.13 25.55
CA SER B 681 -1.91 35.12 26.24
C SER B 681 -0.94 34.45 27.21
N VAL B 682 -1.45 33.57 28.07
CA VAL B 682 -0.64 32.84 29.02
C VAL B 682 -1.01 31.36 28.92
N ARG B 683 0.01 30.50 28.87
CA ARG B 683 -0.18 29.09 28.57
C ARG B 683 -0.54 28.34 29.86
N ARG B 684 -1.79 28.51 30.29
CA ARG B 684 -2.36 27.80 31.43
C ARG B 684 -3.71 27.22 30.98
N ILE B 685 -3.66 26.02 30.42
CA ILE B 685 -4.88 25.36 29.93
C ILE B 685 -5.58 24.66 31.09
N PRO B 686 -6.82 25.04 31.41
CA PRO B 686 -7.55 24.31 32.44
C PRO B 686 -7.90 22.90 31.99
N CYS B 687 -7.92 21.98 32.95
CA CYS B 687 -8.30 20.60 32.64
C CYS B 687 -9.77 20.49 32.27
N SER B 688 -10.62 21.29 32.92
CA SER B 688 -12.05 21.24 32.63
C SER B 688 -12.35 21.63 31.19
N LEU B 689 -11.74 22.70 30.71
CA LEU B 689 -11.97 23.14 29.33
C LEU B 689 -11.48 22.10 28.33
N HIS B 690 -10.30 21.52 28.58
CA HIS B 690 -9.77 20.50 27.69
C HIS B 690 -10.68 19.28 27.66
N LEU B 691 -11.15 18.83 28.82
CA LEU B 691 -12.06 17.69 28.87
C LEU B 691 -13.38 17.99 28.18
N GLN B 692 -13.86 19.23 28.33
CA GLN B 692 -15.15 19.58 27.73
C GLN B 692 -15.06 19.75 26.23
N VAL B 693 -13.89 20.10 25.70
CA VAL B 693 -13.78 20.35 24.27
C VAL B 693 -13.16 19.15 23.55
N ASP B 694 -11.90 18.86 23.83
CA ASP B 694 -11.17 17.88 23.03
C ASP B 694 -11.66 16.46 23.31
N THR B 695 -11.80 16.11 24.58
CA THR B 695 -12.26 14.78 24.92
C THR B 695 -13.68 14.54 24.45
N LYS B 696 -14.56 15.54 24.61
CA LYS B 696 -15.94 15.39 24.14
C LYS B 696 -16.00 15.26 22.63
N ALA B 697 -15.19 16.03 21.91
CA ALA B 697 -15.18 15.91 20.45
C ALA B 697 -14.66 14.54 20.02
N TYR B 698 -13.64 14.03 20.71
CA TYR B 698 -13.17 12.68 20.39
C TYR B 698 -14.24 11.64 20.67
N LYS B 699 -14.95 11.78 21.78
CA LYS B 699 -16.02 10.83 22.09
C LYS B 699 -17.12 10.87 21.03
N LEU B 700 -17.50 12.07 20.59
CA LEU B 700 -18.51 12.20 19.55
C LEU B 700 -18.03 11.58 18.24
N ASP B 701 -16.75 11.80 17.89
CA ASP B 701 -16.20 11.19 16.69
C ASP B 701 -16.21 9.68 16.78
N ALA B 702 -15.88 9.14 17.95
CA ALA B 702 -15.93 7.68 18.13
C ALA B 702 -17.35 7.16 18.01
N ILE B 703 -18.32 7.89 18.56
CA ILE B 703 -19.73 7.51 18.41
C ILE B 703 -20.09 7.46 16.93
N GLU B 704 -19.71 8.49 16.18
CA GLU B 704 -20.05 8.54 14.77
C GLU B 704 -19.37 7.43 13.98
N ARG B 705 -18.12 7.12 14.31
CA ARG B 705 -17.34 6.16 13.54
C ARG B 705 -17.58 4.71 13.94
N GLN B 706 -18.22 4.45 15.09
CA GLN B 706 -18.42 3.09 15.55
C GLN B 706 -19.88 2.67 15.63
N ILE B 707 -20.80 3.63 15.71
CA ILE B 707 -22.25 3.28 15.67
C ILE B 707 -22.70 3.31 14.22
N PRO B 708 -23.13 2.17 13.63
CA PRO B 708 -23.64 2.16 12.26
C PRO B 708 -24.91 3.01 12.17
N ASN B 709 -25.04 3.83 11.13
CA ASN B 709 -26.29 4.62 10.95
C ASN B 709 -27.45 3.64 10.76
N PHE B 710 -28.57 3.86 11.45
CA PHE B 710 -29.72 2.91 11.36
C PHE B 710 -30.12 2.75 9.89
N LEU B 711 -30.02 3.82 9.10
CA LEU B 711 -30.37 3.76 7.66
C LEU B 711 -29.41 2.80 6.94
N ASP B 712 -28.11 2.93 7.18
CA ASP B 712 -27.11 2.09 6.45
C ASP B 712 -26.88 0.77 7.18
N GLY B 713 -27.14 0.73 8.49
CA GLY B 713 -26.84 -0.49 9.26
C GLY B 713 -25.35 -0.79 9.19
N MET B 714 -24.55 0.17 8.71
CA MET B 714 -23.12 -0.03 8.60
C MET B 714 -22.41 1.29 8.89
N THR B 715 -21.18 1.18 9.42
CA THR B 715 -20.49 2.32 10.01
C THR B 715 -19.87 3.20 8.92
N ARG B 716 -19.25 4.30 9.37
CA ARG B 716 -18.64 5.26 8.45
C ARG B 716 -17.49 4.63 7.69
N ALA B 717 -16.63 3.89 8.38
CA ALA B 717 -15.52 3.22 7.71
C ALA B 717 -16.03 2.19 6.70
N ARG B 718 -17.05 1.43 7.08
CA ARG B 718 -17.62 0.43 6.17
C ARG B 718 -18.23 1.09 4.94
N ARG B 719 -18.93 2.22 5.13
CA ARG B 719 -19.52 2.89 3.98
C ARG B 719 -18.47 3.54 3.09
N LYS B 720 -17.38 4.03 3.69
CA LYS B 720 -16.26 4.53 2.88
C LYS B 720 -15.63 3.40 2.08
N ILE B 721 -15.49 2.23 2.69
CA ILE B 721 -14.96 1.06 1.99
C ILE B 721 -15.88 0.67 0.83
N LEU B 722 -17.19 0.70 1.07
CA LEU B 722 -18.14 0.38 0.01
C LEU B 722 -18.05 1.39 -1.13
N ALA B 723 -17.93 2.68 -0.80
CA ALA B 723 -17.77 3.69 -1.83
C ALA B 723 -16.51 3.48 -2.64
N GLY B 724 -15.40 3.15 -1.96
CA GLY B 724 -14.17 2.87 -2.68
C GLY B 724 -14.29 1.67 -3.59
N GLY B 725 -14.96 0.62 -3.11
CA GLY B 725 -15.16 -0.56 -3.94
C GLY B 725 -16.04 -0.27 -5.15
N VAL B 726 -17.10 0.51 -4.96
CA VAL B 726 -17.98 0.88 -6.06
C VAL B 726 -17.20 1.69 -7.10
N LYS B 727 -16.39 2.65 -6.64
CA LYS B 727 -15.62 3.47 -7.57
C LYS B 727 -14.58 2.64 -8.31
N CYS B 728 -13.90 1.74 -7.60
CA CYS B 728 -12.81 0.98 -8.20
C CYS B 728 -13.32 -0.07 -9.18
N PHE B 729 -14.36 -0.81 -8.79
CA PHE B 729 -14.81 -1.95 -9.57
C PHE B 729 -15.85 -1.58 -10.63
N ALA B 730 -16.27 -0.32 -10.69
CA ALA B 730 -17.21 0.09 -11.73
C ALA B 730 -16.58 -0.02 -13.11
N SER B 731 -15.33 0.43 -13.25
CA SER B 731 -14.65 0.34 -14.54
C SER B 731 -14.42 -1.10 -14.95
N ASN B 732 -14.00 -1.95 -14.01
CA ASN B 732 -13.76 -3.36 -14.29
C ASN B 732 -14.00 -4.15 -13.02
N ASN B 733 -14.73 -5.25 -13.15
CA ASN B 733 -15.01 -6.14 -12.03
C ASN B 733 -13.88 -7.13 -11.76
N ARG B 734 -12.69 -6.87 -12.28
CA ARG B 734 -11.57 -7.78 -12.08
C ARG B 734 -11.15 -7.80 -10.62
N GLU B 735 -10.60 -8.94 -10.20
CA GLU B 735 -10.19 -9.12 -8.81
C GLU B 735 -9.02 -8.21 -8.46
N ARG B 736 -9.04 -7.68 -7.24
CA ARG B 736 -7.97 -6.85 -6.72
C ARG B 736 -7.56 -7.36 -5.33
N LYS B 737 -6.28 -7.22 -5.02
CA LYS B 737 -5.77 -7.64 -3.72
C LYS B 737 -6.26 -6.70 -2.63
N VAL B 738 -6.10 -7.14 -1.38
CA VAL B 738 -6.62 -6.38 -0.25
C VAL B 738 -5.90 -5.05 -0.10
N PHE B 739 -4.57 -5.07 -0.12
CA PHE B 739 -3.83 -3.84 0.17
C PHE B 739 -3.87 -2.85 -0.99
N GLN B 740 -3.96 -3.33 -2.23
CA GLN B 740 -4.17 -2.42 -3.35
C GLN B 740 -5.49 -1.66 -3.20
N PHE B 741 -6.56 -2.39 -2.86
CA PHE B 741 -7.85 -1.75 -2.65
C PHE B 741 -7.83 -0.82 -1.45
N GLY B 742 -7.12 -1.20 -0.39
CA GLY B 742 -7.00 -0.33 0.76
C GLY B 742 -6.28 0.97 0.44
N GLY B 743 -5.18 0.88 -0.30
CA GLY B 743 -4.49 2.09 -0.74
C GLY B 743 -5.36 2.94 -1.65
N TYR B 744 -6.10 2.30 -2.55
CA TYR B 744 -6.99 3.03 -3.45
C TYR B 744 -8.05 3.80 -2.68
N VAL B 745 -8.70 3.14 -1.72
CA VAL B 745 -9.76 3.81 -0.97
C VAL B 745 -9.17 4.85 -0.01
N ALA B 746 -7.95 4.63 0.48
CA ALA B 746 -7.32 5.64 1.33
C ALA B 746 -6.98 6.89 0.54
N ASP B 747 -6.38 6.73 -0.64
CA ASP B 747 -5.98 7.89 -1.44
C ASP B 747 -7.18 8.60 -2.02
N HIS B 748 -8.09 7.86 -2.64
CA HIS B 748 -9.21 8.48 -3.34
C HIS B 748 -10.26 9.02 -2.38
N MET B 749 -10.59 8.26 -1.33
CA MET B 749 -11.70 8.60 -0.46
C MET B 749 -11.25 9.31 0.82
N PHE B 750 -9.97 9.66 0.93
CA PHE B 750 -9.45 10.47 2.02
C PHE B 750 -9.67 9.80 3.38
N TYR B 751 -9.09 8.61 3.52
CA TYR B 751 -9.07 7.89 4.80
C TYR B 751 -7.72 8.16 5.45
N HIS B 752 -7.71 9.05 6.44
CA HIS B 752 -6.49 9.52 7.08
C HIS B 752 -6.29 8.93 8.47
N HIS B 753 -6.65 7.67 8.66
CA HIS B 753 -6.52 7.01 9.97
C HIS B 753 -5.38 6.00 9.98
N GLY B 754 -5.37 5.05 9.07
CA GLY B 754 -4.32 4.05 9.07
C GLY B 754 -4.52 3.05 7.94
N ASP B 755 -3.77 1.96 8.02
CA ASP B 755 -3.83 0.90 7.02
C ASP B 755 -4.27 -0.44 7.59
N MET B 756 -3.75 -0.83 8.75
CA MET B 756 -4.11 -2.12 9.33
C MET B 756 -5.58 -2.18 9.68
N SER B 757 -6.12 -1.10 10.26
CA SER B 757 -7.55 -1.06 10.59
C SER B 757 -8.40 -1.14 9.33
N LEU B 758 -7.99 -0.44 8.27
CA LEU B 758 -8.73 -0.48 7.02
C LEU B 758 -8.75 -1.88 6.42
N ASN B 759 -7.59 -2.56 6.41
CA ASN B 759 -7.52 -3.91 5.89
C ASN B 759 -8.36 -4.87 6.73
N THR B 760 -8.32 -4.72 8.06
CA THR B 760 -9.12 -5.57 8.92
C THR B 760 -10.61 -5.35 8.67
N SER B 761 -11.02 -4.10 8.49
CA SER B 761 -12.42 -3.81 8.20
C SER B 761 -12.85 -4.39 6.86
N ILE B 762 -11.97 -4.30 5.85
CA ILE B 762 -12.27 -4.87 4.54
C ILE B 762 -12.44 -6.39 4.66
N ILE B 763 -11.52 -7.04 5.39
CA ILE B 763 -11.61 -8.49 5.56
C ILE B 763 -12.89 -8.88 6.29
N LYS B 764 -13.24 -8.14 7.34
CA LYS B 764 -14.46 -8.44 8.07
C LYS B 764 -15.70 -8.26 7.20
N ALA B 765 -15.71 -7.20 6.37
CA ALA B 765 -16.84 -6.98 5.48
C ALA B 765 -16.94 -8.09 4.44
N ALA B 766 -15.81 -8.56 3.92
CA ALA B 766 -15.82 -9.59 2.89
C ALA B 766 -15.98 -11.00 3.45
N GLN B 767 -15.94 -11.16 4.77
CA GLN B 767 -16.10 -12.48 5.36
C GLN B 767 -17.52 -13.00 5.18
N TYR B 768 -17.64 -14.29 4.89
CA TYR B 768 -18.96 -14.92 4.74
C TYR B 768 -18.86 -16.36 5.23
N TYR B 769 -19.55 -16.64 6.33
CA TYR B 769 -19.64 -17.99 6.88
C TYR B 769 -20.84 -18.04 7.81
N PRO B 770 -21.35 -19.23 8.12
CA PRO B 770 -22.47 -19.32 9.08
C PRO B 770 -22.10 -18.69 10.41
N GLY B 771 -23.01 -17.85 10.92
CA GLY B 771 -22.78 -17.14 12.15
C GLY B 771 -21.95 -15.87 12.03
N SER B 772 -21.53 -15.51 10.83
CA SER B 772 -20.73 -14.31 10.65
C SER B 772 -21.59 -13.06 10.85
N SER B 773 -20.90 -11.94 11.11
CA SER B 773 -21.61 -10.67 11.33
C SER B 773 -22.34 -10.22 10.08
N HIS B 774 -21.72 -10.39 8.91
CA HIS B 774 -22.29 -9.93 7.65
C HIS B 774 -23.10 -11.05 7.01
N LEU B 775 -24.42 -10.91 7.04
CA LEU B 775 -25.28 -11.89 6.38
C LEU B 775 -25.25 -11.74 4.87
N TYR B 776 -25.09 -10.50 4.38
CA TYR B 776 -25.00 -10.21 2.95
C TYR B 776 -23.75 -9.38 2.71
N PRO B 777 -22.59 -10.01 2.63
CA PRO B 777 -21.36 -9.25 2.38
C PRO B 777 -21.41 -8.54 1.04
N VAL B 778 -20.83 -7.33 1.01
CA VAL B 778 -20.82 -6.53 -0.21
C VAL B 778 -19.65 -6.85 -1.12
N PHE B 779 -18.74 -7.73 -0.68
CA PHE B 779 -17.58 -8.10 -1.47
C PHE B 779 -17.54 -9.61 -1.65
N ILE B 780 -17.31 -10.06 -2.87
CA ILE B 780 -17.08 -11.46 -3.16
C ILE B 780 -15.60 -11.73 -2.91
N GLY B 781 -15.30 -12.51 -1.87
CA GLY B 781 -13.94 -12.74 -1.46
C GLY B 781 -13.38 -14.05 -2.00
N ILE B 782 -12.10 -14.03 -2.34
CA ILE B 782 -11.38 -15.19 -2.84
C ILE B 782 -10.15 -15.39 -1.97
N GLY B 783 -10.06 -16.57 -1.34
CA GLY B 783 -8.94 -16.88 -0.47
C GLY B 783 -9.44 -17.48 0.83
N SER B 784 -8.59 -17.40 1.84
CA SER B 784 -8.88 -17.96 3.17
C SER B 784 -9.27 -16.83 4.10
N PHE B 785 -10.56 -16.52 4.17
CA PHE B 785 -11.08 -15.55 5.10
C PHE B 785 -11.36 -16.15 6.47
N GLY B 786 -11.24 -17.45 6.63
CA GLY B 786 -11.53 -18.09 7.89
C GLY B 786 -12.95 -18.63 7.96
N SER B 787 -13.09 -19.76 8.64
CA SER B 787 -14.37 -20.42 8.81
C SER B 787 -15.03 -19.96 10.10
N ARG B 788 -16.17 -20.57 10.42
CA ARG B 788 -16.88 -20.24 11.66
C ARG B 788 -16.12 -20.72 12.89
N HIS B 789 -15.14 -21.62 12.73
CA HIS B 789 -14.45 -22.20 13.87
C HIS B 789 -13.68 -21.15 14.66
N LEU B 790 -12.91 -20.31 13.97
CA LEU B 790 -12.14 -19.27 14.64
C LEU B 790 -12.88 -17.94 14.70
N GLY B 791 -14.08 -17.86 14.15
CA GLY B 791 -14.81 -16.60 14.13
C GLY B 791 -14.13 -15.52 13.32
N GLY B 792 -13.46 -15.90 12.24
CA GLY B 792 -12.75 -14.95 11.40
C GLY B 792 -11.35 -14.59 11.87
N LYS B 793 -10.89 -15.17 12.98
CA LYS B 793 -9.55 -14.86 13.48
C LYS B 793 -8.44 -15.57 12.73
N ASP B 794 -8.75 -16.60 11.95
CA ASP B 794 -7.76 -17.34 11.19
C ASP B 794 -7.70 -16.89 9.73
N ALA B 795 -8.12 -15.66 9.44
CA ALA B 795 -8.00 -15.14 8.08
C ALA B 795 -6.54 -14.95 7.71
N GLY B 796 -6.27 -15.03 6.41
CA GLY B 796 -4.91 -14.93 5.92
C GLY B 796 -4.38 -13.51 5.97
N SER B 797 -3.15 -13.35 5.52
CA SER B 797 -2.53 -12.04 5.46
C SER B 797 -3.15 -11.21 4.34
N PRO B 798 -3.24 -9.89 4.52
CA PRO B 798 -3.77 -9.04 3.44
C PRO B 798 -2.90 -8.99 2.21
N ARG B 799 -1.65 -9.47 2.28
CA ARG B 799 -0.75 -9.43 1.13
C ARG B 799 -1.27 -10.28 -0.02
N TYR B 800 -2.06 -11.31 0.25
CA TYR B 800 -2.47 -12.26 -0.78
C TYR B 800 -3.97 -12.53 -0.85
N ILE B 801 -4.76 -12.04 0.10
CA ILE B 801 -6.20 -12.26 0.05
C ILE B 801 -6.81 -11.48 -1.10
N SER B 802 -7.69 -12.12 -1.85
CA SER B 802 -8.32 -11.55 -3.04
C SER B 802 -9.77 -11.19 -2.73
N VAL B 803 -10.17 -9.98 -3.11
CA VAL B 803 -11.54 -9.51 -2.93
C VAL B 803 -12.03 -8.88 -4.23
N GLN B 804 -13.29 -9.09 -4.54
CA GLN B 804 -13.93 -8.46 -5.69
C GLN B 804 -15.34 -8.04 -5.31
N LEU B 805 -15.85 -7.03 -6.02
CA LEU B 805 -17.14 -6.46 -5.67
C LEU B 805 -18.28 -7.32 -6.22
N ALA B 806 -19.32 -7.49 -5.39
CA ALA B 806 -20.54 -8.15 -5.82
C ALA B 806 -21.36 -7.14 -6.63
N SER B 807 -21.07 -7.08 -7.93
CA SER B 807 -21.66 -6.03 -8.77
C SER B 807 -23.17 -6.16 -8.84
N GLU B 808 -23.68 -7.37 -9.03
CA GLU B 808 -25.12 -7.57 -9.15
C GLU B 808 -25.85 -7.23 -7.85
N PHE B 809 -25.32 -7.71 -6.72
CA PHE B 809 -25.97 -7.44 -5.44
C PHE B 809 -25.97 -5.96 -5.12
N ILE B 810 -24.85 -5.28 -5.35
CA ILE B 810 -24.77 -3.85 -5.07
C ILE B 810 -25.70 -3.07 -6.01
N LYS B 811 -25.69 -3.42 -7.29
CA LYS B 811 -26.51 -2.68 -8.26
C LYS B 811 -28.00 -2.92 -8.03
N THR B 812 -28.37 -4.07 -7.47
CA THR B 812 -29.77 -4.31 -7.13
C THR B 812 -30.12 -3.85 -5.71
N MET B 813 -29.12 -3.48 -4.91
CA MET B 813 -29.35 -3.08 -3.53
C MET B 813 -29.03 -1.60 -3.29
N PHE B 814 -28.05 -1.05 -3.99
CA PHE B 814 -27.70 0.36 -3.93
C PHE B 814 -27.77 0.92 -5.35
N PRO B 815 -28.94 1.44 -5.76
CA PRO B 815 -29.07 1.94 -7.13
C PRO B 815 -28.14 3.11 -7.40
N ALA B 816 -27.68 3.20 -8.65
CA ALA B 816 -26.73 4.25 -9.03
C ALA B 816 -27.34 5.64 -8.89
N GLU B 817 -28.59 5.80 -9.33
CA GLU B 817 -29.24 7.11 -9.22
C GLU B 817 -29.45 7.50 -7.76
N ASP B 818 -29.77 6.52 -6.91
CA ASP B 818 -29.88 6.81 -5.48
C ASP B 818 -28.56 7.33 -4.92
N SER B 819 -27.45 6.70 -5.30
CA SER B 819 -26.14 7.20 -4.89
C SER B 819 -25.87 8.58 -5.49
N TRP B 820 -26.41 8.87 -6.67
CA TRP B 820 -26.26 10.18 -7.25
C TRP B 820 -26.93 11.24 -6.37
N LEU B 821 -28.16 10.98 -5.95
CA LEU B 821 -28.92 11.98 -5.19
C LEU B 821 -28.65 11.97 -3.70
N LEU B 822 -27.81 11.06 -3.21
CA LEU B 822 -27.49 11.05 -1.79
C LEU B 822 -26.66 12.27 -1.42
N PRO B 823 -26.90 12.85 -0.24
CA PRO B 823 -26.02 13.92 0.24
C PRO B 823 -24.62 13.36 0.52
N TYR B 824 -23.61 14.19 0.26
CA TYR B 824 -22.22 13.77 0.33
C TYR B 824 -21.50 14.51 1.43
N VAL B 825 -20.51 13.84 2.03
CA VAL B 825 -19.62 14.45 3.01
C VAL B 825 -18.47 15.10 2.26
N PHE B 826 -18.18 16.37 2.59
CA PHE B 826 -17.11 17.12 1.95
C PHE B 826 -15.88 17.09 2.82
N GLU B 827 -14.76 16.63 2.27
CA GLU B 827 -13.48 16.56 2.97
C GLU B 827 -12.53 17.53 2.29
N ASP B 828 -12.15 18.60 3.01
CA ASP B 828 -11.24 19.62 2.50
C ASP B 828 -11.73 20.20 1.18
N GLY B 829 -13.04 20.40 1.09
CA GLY B 829 -13.64 20.93 -0.12
C GLY B 829 -13.77 19.94 -1.25
N GLN B 830 -13.51 18.66 -1.01
CA GLN B 830 -13.59 17.63 -2.03
C GLN B 830 -14.64 16.59 -1.63
N ARG B 831 -15.27 16.00 -2.63
CA ARG B 831 -16.31 15.01 -2.38
C ARG B 831 -15.73 13.76 -1.73
N ALA B 832 -16.53 13.16 -0.85
CA ALA B 832 -16.14 11.94 -0.14
C ALA B 832 -17.38 11.06 -0.08
N GLU B 833 -17.36 10.08 0.82
CA GLU B 833 -18.47 9.15 0.92
C GLU B 833 -19.74 9.87 1.36
N PRO B 834 -20.91 9.40 0.94
CA PRO B 834 -22.16 10.05 1.35
C PRO B 834 -22.40 9.91 2.84
N GLU B 835 -23.28 10.77 3.34
CA GLU B 835 -23.65 10.71 4.75
C GLU B 835 -24.29 9.37 5.09
N TYR B 836 -25.15 8.86 4.21
CA TYR B 836 -25.81 7.58 4.45
C TYR B 836 -26.23 6.96 3.14
N TYR B 837 -25.87 5.70 2.93
CA TYR B 837 -26.43 4.88 1.85
C TYR B 837 -27.74 4.28 2.33
N VAL B 838 -28.84 4.98 2.06
CA VAL B 838 -30.15 4.42 2.40
C VAL B 838 -30.49 3.36 1.35
N PRO B 839 -30.66 2.11 1.75
CA PRO B 839 -30.84 1.03 0.79
C PRO B 839 -32.30 0.69 0.52
N VAL B 840 -32.56 -0.22 -0.42
CA VAL B 840 -33.92 -0.66 -0.67
C VAL B 840 -34.45 -1.50 0.49
N LEU B 841 -33.58 -2.04 1.33
CA LEU B 841 -33.95 -2.83 2.49
C LEU B 841 -33.01 -2.51 3.64
N PRO B 842 -33.52 -2.26 4.85
CA PRO B 842 -32.67 -1.72 5.92
C PRO B 842 -31.67 -2.74 6.45
N LEU B 843 -30.38 -2.53 6.15
CA LEU B 843 -29.35 -3.46 6.58
C LEU B 843 -29.25 -3.56 8.10
N ALA B 844 -29.72 -2.54 8.83
CA ALA B 844 -29.69 -2.58 10.28
C ALA B 844 -30.50 -3.76 10.83
N ILE B 845 -31.41 -4.29 10.04
CA ILE B 845 -32.19 -5.46 10.45
C ILE B 845 -31.48 -6.76 10.05
N MET B 846 -31.00 -6.85 8.80
CA MET B 846 -30.37 -8.08 8.36
C MET B 846 -29.01 -8.28 9.02
N GLU B 847 -28.19 -7.24 9.03
CA GLU B 847 -26.86 -7.34 9.63
C GLU B 847 -26.97 -7.37 11.15
N TYR B 848 -25.94 -7.92 11.79
CA TYR B 848 -25.92 -8.02 13.23
C TYR B 848 -24.49 -8.12 13.72
N GLY B 849 -24.20 -7.44 14.82
CA GLY B 849 -22.87 -7.45 15.39
C GLY B 849 -22.89 -6.82 16.77
N ALA B 850 -21.73 -6.87 17.43
CA ALA B 850 -21.57 -6.33 18.78
C ALA B 850 -20.46 -5.29 18.75
N ASN B 851 -20.85 -4.02 18.78
CA ASN B 851 -19.89 -2.92 18.72
C ASN B 851 -20.01 -2.06 19.98
N PRO B 852 -19.04 -2.11 20.89
CA PRO B 852 -19.05 -1.17 22.04
C PRO B 852 -18.42 0.16 21.61
N SER B 853 -19.18 1.24 21.75
CA SER B 853 -18.80 2.54 21.19
C SER B 853 -18.88 3.62 22.27
N GLU B 854 -17.80 3.76 23.03
CA GLU B 854 -17.46 4.98 23.79
C GLU B 854 -18.68 5.66 24.39
N GLY B 855 -19.54 4.88 25.04
CA GLY B 855 -20.72 5.44 25.67
C GLY B 855 -22.01 4.73 25.32
N TRP B 856 -21.97 3.84 24.34
CA TRP B 856 -23.14 3.05 23.97
C TRP B 856 -22.68 1.71 23.42
N LYS B 857 -23.57 0.73 23.53
CA LYS B 857 -23.32 -0.62 23.02
C LYS B 857 -24.31 -0.93 21.91
N TYR B 858 -23.80 -1.49 20.81
CA TYR B 858 -24.60 -1.80 19.63
C TYR B 858 -24.67 -3.31 19.48
N THR B 859 -25.87 -3.87 19.66
CA THR B 859 -26.11 -5.29 19.44
C THR B 859 -27.34 -5.48 18.59
N THR B 860 -27.29 -6.43 17.67
CA THR B 860 -28.38 -6.70 16.75
C THR B 860 -28.47 -8.20 16.52
N TRP B 861 -29.66 -8.65 16.09
CA TRP B 861 -29.89 -10.03 15.73
C TRP B 861 -30.70 -10.07 14.44
N ALA B 862 -30.25 -10.86 13.48
CA ALA B 862 -30.86 -10.87 12.16
C ALA B 862 -32.29 -11.37 12.21
N ARG B 863 -33.14 -10.77 11.38
CA ARG B 863 -34.52 -11.22 11.19
C ARG B 863 -34.64 -11.98 9.87
N GLN B 864 -35.67 -12.81 9.79
CA GLN B 864 -35.92 -13.56 8.56
C GLN B 864 -36.26 -12.61 7.42
N LEU B 865 -35.78 -12.94 6.23
CA LEU B 865 -36.12 -12.16 5.03
C LEU B 865 -37.44 -12.65 4.44
N GLU B 866 -38.43 -12.80 5.30
CA GLU B 866 -39.81 -13.07 4.90
C GLU B 866 -40.80 -12.16 5.61
N ASP B 867 -40.56 -11.87 6.89
CA ASP B 867 -41.45 -10.96 7.62
C ASP B 867 -41.21 -9.52 7.19
N ILE B 868 -39.94 -9.12 7.05
CA ILE B 868 -39.63 -7.77 6.61
C ILE B 868 -40.05 -7.56 5.17
N LEU B 869 -39.89 -8.59 4.31
CA LEU B 869 -40.33 -8.48 2.93
C LEU B 869 -41.84 -8.29 2.87
N ALA B 870 -42.59 -9.06 3.65
CA ALA B 870 -44.04 -8.90 3.69
C ALA B 870 -44.42 -7.53 4.22
N LEU B 871 -43.72 -7.05 5.25
CA LEU B 871 -44.01 -5.73 5.81
C LEU B 871 -43.81 -4.64 4.76
N VAL B 872 -42.68 -4.68 4.05
CA VAL B 872 -42.40 -3.66 3.05
C VAL B 872 -43.39 -3.76 1.89
N ARG B 873 -43.72 -4.98 1.46
CA ARG B 873 -44.68 -5.14 0.37
C ARG B 873 -46.05 -4.60 0.76
N ALA B 874 -46.49 -4.88 1.99
CA ALA B 874 -47.78 -4.34 2.45
C ALA B 874 -47.74 -2.83 2.54
N TYR B 875 -46.61 -2.27 3.02
CA TYR B 875 -46.49 -0.82 3.10
C TYR B 875 -46.45 -0.18 1.72
N VAL B 876 -46.02 -0.91 0.70
CA VAL B 876 -45.85 -0.36 -0.64
C VAL B 876 -47.04 -0.73 -1.52
N ASP B 877 -47.25 -2.03 -1.72
CA ASP B 877 -48.30 -2.49 -2.62
C ASP B 877 -49.68 -2.20 -2.03
N LYS B 878 -50.55 -1.61 -2.83
CA LYS B 878 -51.92 -1.36 -2.41
C LYS B 878 -52.79 -2.60 -2.52
N ASP B 879 -52.36 -3.61 -3.26
CA ASP B 879 -53.14 -4.83 -3.41
C ASP B 879 -53.10 -5.72 -2.18
N ASN B 880 -52.12 -5.53 -1.31
CA ASN B 880 -52.04 -6.32 -0.08
C ASN B 880 -53.19 -5.93 0.85
N PRO B 881 -53.98 -6.89 1.33
CA PRO B 881 -55.08 -6.54 2.24
C PRO B 881 -54.62 -5.91 3.54
N LYS B 882 -53.38 -6.14 3.95
CA LYS B 882 -52.85 -5.57 5.18
C LYS B 882 -52.28 -4.17 5.00
N HIS B 883 -52.36 -3.62 3.79
CA HIS B 883 -51.79 -2.29 3.53
C HIS B 883 -52.45 -1.23 4.40
N GLU B 884 -53.78 -1.19 4.42
CA GLU B 884 -54.49 -0.25 5.28
C GLU B 884 -54.24 -0.57 6.75
N LEU B 885 -54.23 -1.86 7.10
CA LEU B 885 -53.94 -2.25 8.47
C LEU B 885 -52.52 -1.86 8.87
N LEU B 886 -51.56 -2.04 7.95
CA LEU B 886 -50.19 -1.65 8.26
C LEU B 886 -50.07 -0.14 8.41
N HIS B 887 -50.79 0.63 7.60
CA HIS B 887 -50.77 2.09 7.76
C HIS B 887 -51.40 2.50 9.10
N TYR B 888 -52.47 1.82 9.50
CA TYR B 888 -53.04 2.06 10.82
C TYR B 888 -52.02 1.77 11.91
N ALA B 889 -51.26 0.68 11.75
CA ALA B 889 -50.19 0.38 12.69
C ALA B 889 -49.13 1.47 12.69
N ILE B 890 -48.80 2.01 11.51
CA ILE B 890 -47.82 3.08 11.42
C ILE B 890 -48.28 4.29 12.22
N LYS B 891 -49.54 4.68 12.04
CA LYS B 891 -50.06 5.82 12.79
C LYS B 891 -50.39 5.50 14.25
N HIS B 892 -50.34 4.23 14.66
CA HIS B 892 -50.69 3.88 16.03
C HIS B 892 -49.73 2.90 16.68
N LYS B 893 -48.59 2.59 16.05
CA LYS B 893 -47.56 1.72 16.64
C LYS B 893 -48.11 0.34 17.01
N ILE B 894 -49.08 -0.15 16.24
CA ILE B 894 -49.69 -1.44 16.56
C ILE B 894 -48.72 -2.59 16.27
N THR B 895 -48.04 -2.53 15.11
CA THR B 895 -47.10 -3.56 14.68
C THR B 895 -47.77 -4.94 14.64
N ILE B 896 -48.76 -5.06 13.75
CA ILE B 896 -49.54 -6.29 13.66
C ILE B 896 -48.67 -7.45 13.19
N LEU B 897 -47.83 -7.22 12.19
CA LEU B 897 -47.03 -8.31 11.63
C LEU B 897 -45.89 -8.68 12.57
N PRO B 898 -45.57 -9.96 12.68
CA PRO B 898 -44.50 -10.38 13.60
C PRO B 898 -43.13 -10.37 12.94
N LEU B 899 -42.11 -10.36 13.80
CA LEU B 899 -40.71 -10.43 13.37
C LEU B 899 -40.03 -11.55 14.12
N ARG B 900 -39.30 -12.40 13.39
CA ARG B 900 -38.66 -13.56 13.97
C ARG B 900 -37.19 -13.59 13.57
N PRO B 901 -36.33 -14.17 14.42
CA PRO B 901 -34.90 -14.26 14.08
C PRO B 901 -34.68 -15.08 12.83
N SER B 902 -33.67 -14.70 12.06
CA SER B 902 -33.36 -15.40 10.82
C SER B 902 -32.89 -16.82 11.10
N ASN B 903 -33.42 -17.77 10.34
CA ASN B 903 -33.07 -19.17 10.48
C ASN B 903 -32.02 -19.64 9.48
N TYR B 904 -31.49 -18.73 8.67
CA TYR B 904 -30.48 -19.11 7.68
C TYR B 904 -29.20 -19.55 8.37
N ASN B 905 -28.58 -20.61 7.83
CA ASN B 905 -27.33 -21.17 8.34
C ASN B 905 -27.45 -21.55 9.81
N PHE B 906 -28.64 -21.98 10.23
CA PHE B 906 -28.91 -22.36 11.61
C PHE B 906 -29.90 -23.52 11.60
N LYS B 907 -29.44 -24.70 12.00
CA LYS B 907 -30.29 -25.88 12.07
C LYS B 907 -31.06 -25.99 13.38
N GLY B 908 -30.82 -25.08 14.32
CA GLY B 908 -31.52 -25.09 15.59
C GLY B 908 -32.89 -24.45 15.49
N HIS B 909 -33.56 -24.38 16.64
CA HIS B 909 -34.89 -23.83 16.74
C HIS B 909 -34.87 -22.62 17.67
N LEU B 910 -35.48 -21.52 17.23
CA LEU B 910 -35.58 -20.32 18.03
C LEU B 910 -36.85 -20.34 18.88
N LYS B 911 -36.72 -19.95 20.14
CA LYS B 911 -37.85 -19.94 21.06
C LYS B 911 -37.92 -18.58 21.75
N ARG B 912 -39.13 -18.17 22.09
CA ARG B 912 -39.38 -16.90 22.75
C ARG B 912 -40.01 -17.16 24.11
N PHE B 913 -39.41 -16.58 25.15
CA PHE B 913 -39.95 -16.65 26.50
C PHE B 913 -39.89 -15.26 27.12
N GLY B 914 -41.00 -14.80 27.66
CA GLY B 914 -41.07 -13.47 28.23
C GLY B 914 -40.88 -12.38 27.21
N GLN B 915 -39.74 -11.68 27.28
CA GLN B 915 -39.43 -10.61 26.35
C GLN B 915 -38.08 -10.81 25.67
N TYR B 916 -37.55 -12.03 25.68
CA TYR B 916 -36.25 -12.31 25.10
C TYR B 916 -36.31 -13.62 24.30
N TYR B 917 -35.67 -13.61 23.14
CA TYR B 917 -35.55 -14.81 22.33
C TYR B 917 -34.38 -15.66 22.81
N TYR B 918 -34.46 -16.96 22.51
CA TYR B 918 -33.42 -17.90 22.89
C TYR B 918 -33.10 -18.81 21.71
N SER B 919 -31.83 -19.15 21.56
CA SER B 919 -31.36 -20.04 20.51
C SER B 919 -30.85 -21.33 21.13
N TYR B 920 -31.35 -22.46 20.63
CA TYR B 920 -30.98 -23.78 21.13
C TYR B 920 -30.41 -24.62 20.00
N GLY B 921 -29.30 -25.29 20.26
CA GLY B 921 -28.79 -26.28 19.34
C GLY B 921 -29.51 -27.61 19.49
N THR B 922 -29.25 -28.50 18.54
CA THR B 922 -29.85 -29.83 18.56
C THR B 922 -28.80 -30.88 18.92
N TYR B 923 -29.27 -31.96 19.53
CA TYR B 923 -28.37 -33.01 20.00
C TYR B 923 -29.08 -34.35 19.93
N ASP B 924 -28.29 -35.42 19.84
CA ASP B 924 -28.79 -36.79 19.87
C ASP B 924 -28.04 -37.56 20.93
N ILE B 925 -28.76 -38.45 21.63
CA ILE B 925 -28.21 -39.24 22.73
C ILE B 925 -28.34 -40.71 22.38
N SER B 926 -27.24 -41.44 22.50
CA SER B 926 -27.19 -42.89 22.27
C SER B 926 -26.58 -43.51 23.52
N GLU B 927 -27.44 -43.90 24.46
CA GLU B 927 -26.96 -44.45 25.73
C GLU B 927 -26.29 -45.81 25.54
N GLN B 928 -26.56 -46.49 24.43
CA GLN B 928 -25.95 -47.81 24.21
C GLN B 928 -24.46 -47.71 23.96
N ARG B 929 -24.00 -46.63 23.33
CA ARG B 929 -22.58 -46.43 23.08
C ARG B 929 -22.04 -45.17 23.75
N ASN B 930 -22.91 -44.37 24.38
CA ASN B 930 -22.52 -43.19 25.14
C ASN B 930 -21.80 -42.16 24.26
N ILE B 931 -22.54 -41.67 23.27
CA ILE B 931 -22.07 -40.62 22.37
C ILE B 931 -23.02 -39.43 22.48
N ILE B 932 -22.45 -38.25 22.71
CA ILE B 932 -23.21 -37.00 22.78
C ILE B 932 -22.90 -36.22 21.51
N THR B 933 -23.77 -36.34 20.52
CA THR B 933 -23.60 -35.64 19.25
C THR B 933 -24.29 -34.29 19.32
N ILE B 934 -23.62 -33.25 18.85
CA ILE B 934 -24.18 -31.90 18.77
C ILE B 934 -23.89 -31.37 17.36
N THR B 935 -24.84 -31.58 16.45
CA THR B 935 -24.66 -31.09 15.08
C THR B 935 -24.89 -29.58 14.98
N GLU B 936 -25.72 -29.01 15.84
CA GLU B 936 -26.00 -27.59 15.83
C GLU B 936 -25.71 -26.99 17.19
N LEU B 937 -25.19 -25.76 17.16
CA LEU B 937 -24.78 -25.02 18.34
C LEU B 937 -25.27 -23.60 18.14
N PRO B 938 -25.41 -22.81 19.24
CA PRO B 938 -25.80 -21.39 19.09
C PRO B 938 -25.11 -20.66 17.95
N LEU B 939 -25.83 -19.72 17.34
CA LEU B 939 -25.44 -19.19 16.03
C LEU B 939 -24.19 -18.33 16.10
N ARG B 940 -23.90 -17.70 17.24
CA ARG B 940 -22.82 -16.74 17.30
C ARG B 940 -21.56 -17.25 17.98
N VAL B 941 -21.63 -18.33 18.73
CA VAL B 941 -20.42 -18.86 19.37
C VAL B 941 -19.49 -19.43 18.30
N PRO B 942 -18.18 -19.29 18.43
CA PRO B 942 -17.27 -19.72 17.36
C PRO B 942 -17.07 -21.22 17.27
N THR B 943 -17.65 -22.01 18.17
CA THR B 943 -17.56 -23.47 18.23
C THR B 943 -16.16 -23.97 18.58
N VAL B 944 -15.17 -23.10 18.71
CA VAL B 944 -13.84 -23.45 19.17
C VAL B 944 -13.54 -22.84 20.53
N ALA B 945 -13.83 -21.54 20.69
CA ALA B 945 -13.85 -20.96 22.02
C ALA B 945 -14.94 -21.58 22.88
N TYR B 946 -15.99 -22.11 22.26
CA TYR B 946 -17.04 -22.80 23.01
C TYR B 946 -16.50 -24.06 23.68
N ILE B 947 -15.76 -24.88 22.93
CA ILE B 947 -15.22 -26.10 23.53
C ILE B 947 -14.10 -25.76 24.50
N GLU B 948 -13.44 -24.61 24.32
CA GLU B 948 -12.49 -24.14 25.33
C GLU B 948 -13.21 -23.78 26.62
N SER B 949 -14.37 -23.13 26.51
CA SER B 949 -15.16 -22.82 27.70
C SER B 949 -15.67 -24.08 28.38
N ILE B 950 -16.13 -25.05 27.58
CA ILE B 950 -16.60 -26.31 28.16
C ILE B 950 -15.43 -27.13 28.70
N LYS B 951 -14.20 -26.85 28.26
CA LYS B 951 -13.02 -27.47 28.82
C LYS B 951 -12.61 -26.87 30.15
N LYS B 952 -13.14 -25.69 30.50
CA LYS B 952 -12.92 -25.06 31.79
C LYS B 952 -14.21 -24.98 32.60
N SER B 953 -15.19 -25.82 32.27
CA SER B 953 -16.53 -25.72 32.85
C SER B 953 -16.65 -26.45 34.18
N SER B 954 -15.74 -26.13 35.11
CA SER B 954 -15.83 -26.56 36.49
C SER B 954 -15.94 -28.08 36.65
N ASN B 955 -17.01 -28.52 37.31
CA ASN B 955 -17.19 -29.93 37.64
C ASN B 955 -17.49 -30.81 36.43
N ARG B 956 -17.73 -30.23 35.26
CA ARG B 956 -18.01 -31.04 34.08
C ARG B 956 -16.81 -31.84 33.63
N MET B 957 -15.61 -31.55 34.16
CA MET B 957 -14.45 -32.38 33.88
C MET B 957 -14.66 -33.80 34.39
N THR B 958 -15.21 -33.93 35.61
CA THR B 958 -15.55 -35.25 36.13
C THR B 958 -16.73 -35.86 35.40
N PHE B 959 -17.59 -35.03 34.78
CA PHE B 959 -18.75 -35.52 34.05
C PHE B 959 -18.43 -35.97 32.64
N ILE B 960 -17.24 -35.63 32.12
CA ILE B 960 -16.84 -36.04 30.78
C ILE B 960 -15.52 -36.78 30.85
N GLU B 961 -15.05 -37.26 29.70
CA GLU B 961 -13.75 -37.89 29.59
C GLU B 961 -12.80 -37.08 28.72
N GLU B 962 -13.18 -36.78 27.49
CA GLU B 962 -12.41 -35.91 26.61
C GLU B 962 -13.32 -35.51 25.44
N ILE B 963 -12.84 -34.54 24.66
CA ILE B 963 -13.63 -33.92 23.60
C ILE B 963 -12.90 -34.12 22.28
N ILE B 964 -13.64 -34.59 21.28
CA ILE B 964 -13.11 -34.84 19.95
C ILE B 964 -13.85 -33.97 18.95
N ASP B 965 -13.12 -33.41 18.00
CA ASP B 965 -13.65 -32.46 17.03
C ASP B 965 -13.44 -32.99 15.63
N TYR B 966 -14.53 -33.36 14.96
CA TYR B 966 -14.50 -33.64 13.53
C TYR B 966 -15.18 -32.56 12.71
N SER B 967 -15.51 -31.42 13.33
CA SER B 967 -16.25 -30.38 12.63
C SER B 967 -15.36 -29.69 11.61
N SER B 968 -15.71 -29.82 10.34
CA SER B 968 -14.98 -29.19 9.27
C SER B 968 -15.62 -27.85 8.93
N SER B 969 -15.20 -27.24 7.82
CA SER B 969 -15.81 -26.00 7.39
C SER B 969 -17.24 -26.22 6.92
N GLU B 970 -18.07 -25.19 7.09
CA GLU B 970 -19.46 -25.19 6.62
C GLU B 970 -20.36 -26.11 7.46
N THR B 971 -19.80 -26.86 8.41
CA THR B 971 -20.62 -27.71 9.27
C THR B 971 -20.00 -27.90 10.65
N ILE B 972 -20.85 -28.33 11.57
CA ILE B 972 -20.48 -28.56 12.97
C ILE B 972 -20.90 -29.98 13.36
N GLU B 973 -19.95 -30.76 13.88
CA GLU B 973 -20.26 -32.05 14.49
C GLU B 973 -19.21 -32.32 15.56
N ILE B 974 -19.65 -32.40 16.81
CA ILE B 974 -18.77 -32.61 17.95
C ILE B 974 -19.31 -33.78 18.77
N LEU B 975 -18.41 -34.67 19.19
CA LEU B 975 -18.75 -35.79 20.06
C LEU B 975 -18.06 -35.61 21.39
N VAL B 976 -18.77 -35.91 22.47
CA VAL B 976 -18.27 -35.73 23.83
C VAL B 976 -18.16 -37.10 24.50
N LYS B 977 -16.96 -37.45 24.93
CA LYS B 977 -16.75 -38.65 25.73
C LYS B 977 -17.20 -38.39 27.15
N LEU B 978 -18.01 -39.30 27.69
CA LEU B 978 -18.55 -39.16 29.03
C LEU B 978 -18.67 -40.52 29.69
N LYS B 979 -18.67 -40.52 31.01
CA LYS B 979 -18.69 -41.76 31.76
C LYS B 979 -20.03 -42.48 31.55
N PRO B 980 -20.04 -43.81 31.55
CA PRO B 980 -21.32 -44.54 31.39
C PRO B 980 -22.32 -44.24 32.49
N ASN B 981 -21.85 -43.99 33.72
CA ASN B 981 -22.73 -43.67 34.83
C ASN B 981 -22.97 -42.17 35.00
N SER B 982 -22.72 -41.37 33.96
CA SER B 982 -22.82 -39.92 34.07
C SER B 982 -24.20 -39.38 33.69
N LEU B 983 -24.98 -40.12 32.90
CA LEU B 983 -26.25 -39.61 32.41
C LEU B 983 -27.20 -39.29 33.56
N ASN B 984 -27.40 -40.28 34.44
CA ASN B 984 -28.34 -40.07 35.55
C ASN B 984 -27.87 -38.97 36.48
N ARG B 985 -26.57 -38.89 36.77
CA ARG B 985 -26.10 -37.88 37.71
C ARG B 985 -26.19 -36.48 37.12
N ILE B 986 -25.88 -36.31 35.83
CA ILE B 986 -26.02 -34.99 35.23
C ILE B 986 -27.48 -34.59 35.13
N VAL B 987 -28.37 -35.55 34.86
CA VAL B 987 -29.80 -35.24 34.81
C VAL B 987 -30.30 -34.80 36.18
N GLU B 988 -29.92 -35.53 37.23
CA GLU B 988 -30.39 -35.16 38.56
C GLU B 988 -29.66 -33.95 39.13
N GLU B 989 -28.54 -33.54 38.52
CA GLU B 989 -27.83 -32.36 39.01
C GLU B 989 -28.31 -31.09 38.32
N PHE B 990 -28.62 -31.17 37.02
CA PHE B 990 -28.89 -29.95 36.26
C PHE B 990 -30.33 -29.47 36.40
N LYS B 991 -31.28 -30.37 36.63
CA LYS B 991 -32.68 -30.00 36.87
C LYS B 991 -33.25 -29.21 35.69
N GLU B 992 -33.39 -29.91 34.57
CA GLU B 992 -33.94 -29.36 33.34
C GLU B 992 -35.18 -28.53 33.60
N THR B 993 -35.19 -27.31 33.07
CA THR B 993 -36.29 -26.40 33.25
C THR B 993 -37.28 -26.53 32.07
N GLU B 994 -38.36 -25.75 32.13
CA GLU B 994 -39.36 -25.80 31.07
C GLU B 994 -38.89 -25.12 29.79
N GLU B 995 -37.84 -24.30 29.87
CA GLU B 995 -37.35 -23.57 28.71
C GLU B 995 -36.09 -24.16 28.09
N GLN B 996 -35.25 -24.82 28.89
CA GLN B 996 -34.02 -25.41 28.40
C GLN B 996 -33.88 -26.82 28.95
N ASP B 997 -33.16 -27.66 28.20
CA ASP B 997 -33.00 -29.06 28.57
C ASP B 997 -31.80 -29.23 29.50
N SER B 998 -31.81 -30.35 30.23
CA SER B 998 -30.67 -30.68 31.08
C SER B 998 -29.41 -30.90 30.27
N ILE B 999 -29.54 -31.60 29.13
CA ILE B 999 -28.40 -31.76 28.23
C ILE B 999 -28.01 -30.42 27.62
N GLU B 1000 -28.99 -29.57 27.33
CA GLU B 1000 -28.68 -28.22 26.84
C GLU B 1000 -27.93 -27.42 27.90
N ASN B 1001 -28.33 -27.54 29.16
CA ASN B 1001 -27.60 -26.87 30.23
C ASN B 1001 -26.19 -27.42 30.37
N PHE B 1002 -26.03 -28.74 30.24
CA PHE B 1002 -24.71 -29.36 30.34
C PHE B 1002 -23.81 -28.89 29.21
N LEU B 1003 -24.35 -28.77 28.00
CA LEU B 1003 -23.59 -28.28 26.85
C LEU B 1003 -23.67 -26.78 26.67
N ARG B 1004 -24.38 -26.07 27.56
CA ARG B 1004 -24.59 -24.63 27.45
C ARG B 1004 -25.19 -24.27 26.09
N LEU B 1005 -26.15 -25.07 25.64
CA LEU B 1005 -26.77 -24.87 24.34
C LEU B 1005 -27.71 -23.67 24.31
N ARG B 1006 -28.14 -23.19 25.46
CA ARG B 1006 -28.99 -22.00 25.50
C ARG B 1006 -28.15 -20.74 25.39
N ASN B 1007 -28.59 -19.83 24.52
CA ASN B 1007 -27.88 -18.57 24.27
C ASN B 1007 -28.92 -17.46 24.21
N CYS B 1008 -29.14 -16.80 25.35
CA CYS B 1008 -30.05 -15.66 25.39
C CYS B 1008 -29.48 -14.52 24.55
N LEU B 1009 -30.34 -13.93 23.72
CA LEU B 1009 -29.94 -12.86 22.82
C LEU B 1009 -30.54 -11.54 23.28
N HIS B 1010 -29.71 -10.49 23.30
CA HIS B 1010 -30.11 -9.17 23.72
C HIS B 1010 -29.83 -8.18 22.60
N SER B 1011 -30.75 -7.24 22.40
CA SER B 1011 -30.63 -6.24 21.35
C SER B 1011 -30.54 -4.86 21.97
N HIS B 1012 -29.39 -4.21 21.79
CA HIS B 1012 -29.18 -2.83 22.22
C HIS B 1012 -29.19 -1.96 20.97
N LEU B 1013 -30.34 -1.36 20.68
CA LEU B 1013 -30.54 -0.60 19.45
C LEU B 1013 -30.12 0.86 19.66
N ASN B 1014 -28.80 1.04 19.73
CA ASN B 1014 -28.20 2.37 19.81
C ASN B 1014 -27.71 2.76 18.41
N PHE B 1015 -28.28 3.83 17.87
CA PHE B 1015 -28.01 4.22 16.49
C PHE B 1015 -27.82 5.72 16.41
N VAL B 1016 -27.10 6.16 15.38
CA VAL B 1016 -26.85 7.58 15.14
C VAL B 1016 -27.77 8.08 14.04
N LYS B 1017 -28.35 9.25 14.26
CA LYS B 1017 -29.14 9.91 13.24
C LYS B 1017 -28.22 10.39 12.11
N PRO B 1018 -28.78 10.65 10.93
CA PRO B 1018 -27.96 11.24 9.86
C PRO B 1018 -27.29 12.54 10.24
N LYS B 1019 -27.93 13.33 11.12
CA LYS B 1019 -27.27 14.52 11.64
C LYS B 1019 -26.05 14.16 12.48
N GLY B 1020 -26.16 13.11 13.30
CA GLY B 1020 -25.03 12.66 14.10
C GLY B 1020 -25.36 12.38 15.54
N GLY B 1021 -26.64 12.43 15.90
CA GLY B 1021 -27.07 12.22 17.27
C GLY B 1021 -27.53 10.79 17.53
N ILE B 1022 -27.30 10.32 18.75
CA ILE B 1022 -27.70 8.98 19.15
C ILE B 1022 -29.22 8.92 19.27
N ILE B 1023 -29.81 7.90 18.63
CA ILE B 1023 -31.24 7.63 18.75
C ILE B 1023 -31.40 6.17 19.18
N GLU B 1024 -32.22 5.93 20.20
CA GLU B 1024 -32.44 4.59 20.70
C GLU B 1024 -33.79 4.05 20.20
N PHE B 1025 -33.83 2.74 19.97
CA PHE B 1025 -35.03 2.07 19.49
C PHE B 1025 -35.37 0.92 20.42
N ASN B 1026 -36.63 0.84 20.83
CA ASN B 1026 -37.07 -0.26 21.68
C ASN B 1026 -37.23 -1.56 20.90
N SER B 1027 -37.63 -1.48 19.63
CA SER B 1027 -37.84 -2.67 18.82
C SER B 1027 -37.49 -2.35 17.37
N TYR B 1028 -37.33 -3.41 16.58
CA TYR B 1028 -36.97 -3.24 15.17
C TYR B 1028 -38.05 -2.53 14.36
N TYR B 1029 -39.30 -2.58 14.84
CA TYR B 1029 -40.38 -1.91 14.12
C TYR B 1029 -40.13 -0.41 14.04
N GLU B 1030 -39.61 0.19 15.12
CA GLU B 1030 -39.29 1.61 15.09
C GLU B 1030 -38.22 1.92 14.05
N ILE B 1031 -37.20 1.04 13.96
CA ILE B 1031 -36.16 1.24 12.95
C ILE B 1031 -36.75 1.18 11.56
N LEU B 1032 -37.61 0.19 11.30
CA LEU B 1032 -38.23 0.07 9.98
C LEU B 1032 -39.09 1.29 9.65
N TYR B 1033 -39.90 1.74 10.62
CA TYR B 1033 -40.81 2.85 10.37
C TYR B 1033 -40.09 4.18 10.30
N ALA B 1034 -38.87 4.27 10.83
CA ALA B 1034 -38.05 5.45 10.62
C ALA B 1034 -37.27 5.41 9.31
N TRP B 1035 -36.93 4.20 8.85
CA TRP B 1035 -36.20 4.07 7.59
C TRP B 1035 -37.11 4.26 6.38
N LEU B 1036 -38.39 3.88 6.49
CA LEU B 1036 -39.30 3.98 5.35
C LEU B 1036 -39.44 5.40 4.80
N PRO B 1037 -39.69 6.44 5.61
CA PRO B 1037 -39.89 7.77 5.01
C PRO B 1037 -38.68 8.29 4.25
N TYR B 1038 -37.47 7.90 4.65
CA TYR B 1038 -36.29 8.32 3.88
C TYR B 1038 -36.33 7.75 2.46
N ARG B 1039 -36.70 6.48 2.33
CA ARG B 1039 -36.85 5.89 1.00
C ARG B 1039 -37.98 6.56 0.23
N ARG B 1040 -39.08 6.88 0.92
CA ARG B 1040 -40.17 7.61 0.28
C ARG B 1040 -39.69 8.92 -0.32
N GLU B 1041 -39.00 9.73 0.48
CA GLU B 1041 -38.54 11.04 0.01
C GLU B 1041 -37.51 10.89 -1.10
N LEU B 1042 -36.61 9.90 -0.98
CA LEU B 1042 -35.60 9.70 -2.01
C LEU B 1042 -36.24 9.31 -3.34
N TYR B 1043 -37.23 8.41 -3.30
CA TYR B 1043 -37.91 8.04 -4.54
C TYR B 1043 -38.64 9.24 -5.14
N GLN B 1044 -39.31 10.03 -4.30
CA GLN B 1044 -40.02 11.20 -4.83
C GLN B 1044 -39.06 12.17 -5.50
N LYS B 1045 -37.97 12.52 -4.82
CA LYS B 1045 -37.02 13.46 -5.39
C LYS B 1045 -36.28 12.88 -6.59
N ARG B 1046 -36.01 11.58 -6.59
CA ARG B 1046 -35.35 10.94 -7.72
C ARG B 1046 -36.25 10.96 -8.95
N LEU B 1047 -37.53 10.67 -8.78
CA LEU B 1047 -38.46 10.74 -9.91
C LEU B 1047 -38.59 12.16 -10.42
N MET B 1048 -38.64 13.15 -9.52
CA MET B 1048 -38.72 14.55 -9.96
C MET B 1048 -37.49 14.95 -10.74
N ARG B 1049 -36.30 14.58 -10.24
CA ARG B 1049 -35.05 14.92 -10.92
C ARG B 1049 -34.96 14.22 -12.26
N GLU B 1050 -35.38 12.96 -12.33
CA GLU B 1050 -35.38 12.24 -13.60
C GLU B 1050 -36.31 12.91 -14.60
N HIS B 1051 -37.50 13.34 -14.16
CA HIS B 1051 -38.42 14.02 -15.06
C HIS B 1051 -37.82 15.33 -15.57
N ALA B 1052 -37.20 16.11 -14.68
CA ALA B 1052 -36.62 17.38 -15.10
C ALA B 1052 -35.46 17.17 -16.07
N VAL B 1053 -34.54 16.27 -15.75
CA VAL B 1053 -33.40 16.04 -16.63
C VAL B 1053 -33.86 15.43 -17.94
N LEU B 1054 -34.95 14.66 -17.94
CA LEU B 1054 -35.45 14.09 -19.17
C LEU B 1054 -36.10 15.15 -20.05
N LYS B 1055 -36.80 16.11 -19.45
CA LYS B 1055 -37.37 17.19 -20.26
C LYS B 1055 -36.26 18.07 -20.84
N LEU B 1056 -35.21 18.33 -20.07
CA LEU B 1056 -34.06 19.05 -20.64
C LEU B 1056 -33.40 18.26 -21.76
N ARG B 1057 -33.25 16.94 -21.58
CA ARG B 1057 -32.62 16.12 -22.60
C ARG B 1057 -33.47 16.07 -23.87
N ILE B 1058 -34.80 15.99 -23.73
CA ILE B 1058 -35.64 15.91 -24.92
C ILE B 1058 -35.65 17.23 -25.66
N ILE B 1059 -35.66 18.37 -24.94
CA ILE B 1059 -35.61 19.64 -25.64
C ILE B 1059 -34.26 19.83 -26.33
N MET B 1060 -33.18 19.36 -25.70
CA MET B 1060 -31.86 19.44 -26.31
C MET B 1060 -31.76 18.57 -27.56
N GLU B 1061 -32.32 17.36 -27.50
CA GLU B 1061 -32.30 16.46 -28.65
C GLU B 1061 -33.16 17.01 -29.78
N THR B 1062 -34.30 17.63 -29.46
CA THR B 1062 -35.11 18.26 -30.49
C THR B 1062 -34.37 19.42 -31.14
N ALA B 1063 -33.65 20.21 -30.35
CA ALA B 1063 -32.84 21.28 -30.91
C ALA B 1063 -31.76 20.73 -31.84
N ILE B 1064 -31.10 19.64 -31.44
CA ILE B 1064 -30.06 19.05 -32.28
C ILE B 1064 -30.66 18.53 -33.59
N VAL B 1065 -31.82 17.87 -33.51
CA VAL B 1065 -32.46 17.35 -34.71
C VAL B 1065 -32.85 18.47 -35.65
N ARG B 1066 -33.41 19.56 -35.11
CA ARG B 1066 -33.77 20.70 -35.95
C ARG B 1066 -32.53 21.31 -36.59
N TYR B 1067 -31.43 21.39 -35.84
CA TYR B 1067 -30.19 21.89 -36.43
C TYR B 1067 -29.71 21.00 -37.56
N ILE B 1068 -29.77 19.69 -37.37
CA ILE B 1068 -29.32 18.75 -38.40
C ILE B 1068 -30.18 18.92 -39.65
N ASN B 1069 -31.49 19.05 -39.48
CA ASN B 1069 -32.38 19.26 -40.62
C ASN B 1069 -32.07 20.58 -41.33
N GLU B 1070 -31.81 21.64 -40.56
CA GLU B 1070 -31.61 22.97 -41.15
C GLU B 1070 -30.20 23.18 -41.69
N SER B 1071 -29.24 22.32 -41.33
CA SER B 1071 -27.86 22.53 -41.74
C SER B 1071 -27.65 22.38 -43.23
N ALA B 1072 -28.62 21.80 -43.96
CA ALA B 1072 -28.49 21.68 -45.40
C ALA B 1072 -28.43 23.06 -46.06
N GLU B 1073 -29.25 24.00 -45.59
CA GLU B 1073 -29.27 25.35 -46.13
C GLU B 1073 -28.72 26.38 -45.17
N LEU B 1074 -28.35 26.00 -43.95
CA LEU B 1074 -27.77 26.95 -43.01
C LEU B 1074 -26.44 27.49 -43.52
N ASN B 1075 -25.54 26.58 -43.92
CA ASN B 1075 -24.23 26.93 -44.46
C ASN B 1075 -23.44 27.82 -43.48
N LEU B 1076 -23.14 27.24 -42.33
CA LEU B 1076 -22.42 27.95 -41.28
C LEU B 1076 -20.91 27.94 -41.48
N SER B 1077 -20.41 27.30 -42.54
CA SER B 1077 -18.97 27.24 -42.77
C SER B 1077 -18.40 28.62 -43.06
N HIS B 1078 -19.19 29.50 -43.66
CA HIS B 1078 -18.70 30.84 -44.01
C HIS B 1078 -18.85 31.80 -42.83
N TYR B 1079 -18.30 31.43 -41.68
CA TYR B 1079 -18.33 32.26 -40.48
C TYR B 1079 -16.94 32.36 -39.89
N GLU B 1080 -16.68 33.46 -39.18
CA GLU B 1080 -15.32 33.76 -38.74
C GLU B 1080 -14.95 32.97 -37.48
N ASP B 1081 -15.65 33.21 -36.38
CA ASP B 1081 -15.29 32.64 -35.10
C ASP B 1081 -16.50 32.01 -34.45
N GLU B 1082 -16.30 31.49 -33.23
CA GLU B 1082 -17.40 30.85 -32.50
C GLU B 1082 -18.45 31.87 -32.07
N LYS B 1083 -18.04 33.10 -31.76
CA LYS B 1083 -19.00 34.11 -31.33
C LYS B 1083 -19.99 34.44 -32.44
N GLU B 1084 -19.51 34.57 -33.68
CA GLU B 1084 -20.40 34.87 -34.80
C GLU B 1084 -21.40 33.73 -35.02
N ALA B 1085 -20.93 32.49 -34.97
CA ALA B 1085 -21.83 31.36 -35.15
C ALA B 1085 -22.85 31.29 -34.02
N SER B 1086 -22.42 31.53 -32.79
CA SER B 1086 -23.35 31.54 -31.65
C SER B 1086 -24.40 32.61 -31.82
N ARG B 1087 -23.99 33.81 -32.25
CA ARG B 1087 -24.95 34.89 -32.47
C ARG B 1087 -25.94 34.54 -33.58
N ILE B 1088 -25.44 33.94 -34.67
CA ILE B 1088 -26.32 33.58 -35.78
C ILE B 1088 -27.34 32.53 -35.33
N LEU B 1089 -26.88 31.50 -34.62
CA LEU B 1089 -27.80 30.45 -34.19
C LEU B 1089 -28.77 30.96 -33.13
N SER B 1090 -28.34 31.91 -32.29
CA SER B 1090 -29.27 32.53 -31.35
C SER B 1090 -30.34 33.34 -32.08
N GLU B 1091 -29.94 34.09 -33.11
CA GLU B 1091 -30.90 34.81 -33.92
C GLU B 1091 -31.81 33.87 -34.71
N HIS B 1092 -31.38 32.64 -34.92
CA HIS B 1092 -32.24 31.63 -35.55
C HIS B 1092 -33.21 30.98 -34.58
N GLY B 1093 -33.11 31.31 -33.28
CA GLY B 1093 -34.05 30.82 -32.30
C GLY B 1093 -33.62 29.61 -31.50
N PHE B 1094 -32.36 29.20 -31.60
CA PHE B 1094 -31.90 28.05 -30.84
C PHE B 1094 -31.66 28.43 -29.38
N PRO B 1095 -32.23 27.69 -28.43
CA PRO B 1095 -31.97 27.99 -27.01
C PRO B 1095 -30.59 27.51 -26.61
N PRO B 1096 -29.85 28.33 -25.86
CA PRO B 1096 -28.52 27.91 -25.41
C PRO B 1096 -28.58 27.08 -24.13
N LEU B 1097 -28.12 25.83 -24.21
CA LEU B 1097 -28.17 24.93 -23.08
C LEU B 1097 -26.77 24.42 -22.77
N ASN B 1098 -26.45 24.35 -21.48
CA ASN B 1098 -25.17 23.78 -21.04
C ASN B 1098 -25.25 22.27 -21.16
N HIS B 1099 -24.92 21.76 -22.34
CA HIS B 1099 -25.07 20.32 -22.60
C HIS B 1099 -24.15 19.48 -21.73
N THR B 1100 -23.03 20.05 -21.26
CA THR B 1100 -22.18 19.33 -20.32
C THR B 1100 -22.88 19.06 -18.99
N LEU B 1101 -23.94 19.82 -18.69
CA LEU B 1101 -24.79 19.53 -17.53
C LEU B 1101 -26.02 18.72 -17.91
N ILE B 1102 -26.55 18.88 -19.12
CA ILE B 1102 -27.73 18.15 -19.52
C ILE B 1102 -27.42 16.66 -19.72
N ILE B 1103 -26.31 16.37 -20.39
CA ILE B 1103 -25.95 14.97 -20.66
C ILE B 1103 -25.61 14.25 -19.37
N SER B 1104 -24.77 14.86 -18.52
CA SER B 1104 -24.36 14.28 -17.24
C SER B 1104 -24.73 15.26 -16.14
N PRO B 1105 -25.89 15.09 -15.51
CA PRO B 1105 -26.31 16.05 -14.47
C PRO B 1105 -25.35 16.13 -13.30
N GLU B 1106 -24.75 15.01 -12.89
CA GLU B 1106 -23.72 14.98 -11.85
C GLU B 1106 -24.25 15.57 -10.54
N PHE B 1107 -25.22 14.85 -9.96
CA PHE B 1107 -25.86 15.18 -8.68
C PHE B 1107 -26.22 16.65 -8.59
N ALA B 1108 -27.12 17.08 -9.47
CA ALA B 1108 -27.63 18.43 -9.49
C ALA B 1108 -29.05 18.46 -8.93
N SER B 1109 -29.27 19.29 -7.92
CA SER B 1109 -30.60 19.46 -7.35
C SER B 1109 -31.50 20.18 -8.34
N ILE B 1110 -32.81 20.16 -8.05
CA ILE B 1110 -33.80 20.70 -8.96
C ILE B 1110 -33.57 22.19 -9.19
N GLU B 1111 -33.44 22.95 -8.11
CA GLU B 1111 -33.30 24.40 -8.24
C GLU B 1111 -31.99 24.78 -8.94
N GLU B 1112 -30.89 24.11 -8.58
CA GLU B 1112 -29.62 24.43 -9.22
C GLU B 1112 -29.58 23.95 -10.67
N LEU B 1113 -30.20 22.81 -10.96
CA LEU B 1113 -30.28 22.37 -12.35
C LEU B 1113 -31.09 23.37 -13.19
N ASN B 1114 -32.19 23.87 -12.64
CA ASN B 1114 -32.99 24.84 -13.36
C ASN B 1114 -32.21 26.14 -13.59
N GLN B 1115 -31.57 26.67 -12.54
CA GLN B 1115 -30.86 27.93 -12.69
C GLN B 1115 -29.58 27.78 -13.52
N LYS B 1116 -29.08 26.56 -13.70
CA LYS B 1116 -27.99 26.33 -14.63
C LYS B 1116 -28.48 26.14 -16.06
N ALA B 1117 -29.67 25.56 -16.24
CA ALA B 1117 -30.23 25.35 -17.57
C ALA B 1117 -30.93 26.59 -18.12
N LEU B 1118 -31.17 27.61 -17.29
CA LEU B 1118 -31.74 28.85 -17.80
C LEU B 1118 -30.82 29.49 -18.83
N GLN B 1119 -29.51 29.50 -18.56
CA GLN B 1119 -28.50 29.99 -19.49
C GLN B 1119 -27.73 28.79 -20.06
N GLY B 1120 -26.81 29.09 -20.98
CA GLY B 1120 -26.01 28.04 -21.57
C GLY B 1120 -25.24 28.57 -22.77
N CYS B 1121 -24.87 27.65 -23.65
CA CYS B 1121 -24.08 27.97 -24.83
C CYS B 1121 -24.36 26.93 -25.90
N TYR B 1122 -23.92 27.23 -27.13
CA TYR B 1122 -24.16 26.37 -28.27
C TYR B 1122 -23.02 25.38 -28.50
N THR B 1123 -22.32 24.98 -27.43
CA THR B 1123 -21.28 23.97 -27.54
C THR B 1123 -21.85 22.64 -27.99
N TYR B 1124 -23.11 22.36 -27.67
CA TYR B 1124 -23.74 21.13 -28.15
C TYR B 1124 -23.87 21.14 -29.67
N ILE B 1125 -24.23 22.29 -30.25
CA ILE B 1125 -24.30 22.39 -31.70
C ILE B 1125 -22.91 22.35 -32.31
N LEU B 1126 -21.96 23.08 -31.73
CA LEU B 1126 -20.63 23.20 -32.32
C LEU B 1126 -19.72 22.00 -32.05
N SER B 1127 -20.13 21.08 -31.18
CA SER B 1127 -19.28 19.96 -30.80
C SER B 1127 -19.61 18.66 -31.51
N LEU B 1128 -20.76 18.58 -32.18
CA LEU B 1128 -21.12 17.35 -32.89
C LEU B 1128 -20.21 17.16 -34.09
N GLN B 1129 -19.80 15.91 -34.32
CA GLN B 1129 -18.85 15.59 -35.36
C GLN B 1129 -19.52 15.60 -36.73
N ALA B 1130 -18.69 15.43 -37.76
CA ALA B 1130 -19.17 15.37 -39.14
C ALA B 1130 -19.77 14.02 -39.52
N ARG B 1131 -19.96 13.13 -38.54
CA ARG B 1131 -20.55 11.83 -38.76
C ARG B 1131 -22.00 11.75 -38.29
N GLU B 1132 -22.40 12.59 -37.34
CA GLU B 1132 -23.77 12.57 -36.82
C GLU B 1132 -24.76 13.23 -37.77
N LEU B 1133 -24.31 13.83 -38.86
CA LEU B 1133 -25.19 14.50 -39.80
C LEU B 1133 -25.79 13.55 -40.83
N LEU B 1134 -25.44 12.27 -40.79
CA LEU B 1134 -26.02 11.30 -41.70
C LEU B 1134 -27.48 11.04 -41.37
N ILE B 1135 -28.24 10.61 -42.38
CA ILE B 1135 -29.67 10.38 -42.18
C ILE B 1135 -29.90 9.21 -41.23
N ALA B 1136 -28.98 8.24 -41.19
CA ALA B 1136 -29.11 7.14 -40.24
C ALA B 1136 -28.99 7.65 -38.81
N ALA B 1137 -28.04 8.56 -38.56
CA ALA B 1137 -27.93 9.15 -37.23
C ALA B 1137 -29.16 9.96 -36.88
N LYS B 1138 -29.72 10.67 -37.87
CA LYS B 1138 -30.95 11.44 -37.62
C LYS B 1138 -32.10 10.52 -37.25
N THR B 1139 -32.25 9.40 -37.96
CA THR B 1139 -33.31 8.45 -37.64
C THR B 1139 -33.10 7.84 -36.26
N ARG B 1140 -31.85 7.50 -35.92
CA ARG B 1140 -31.57 6.97 -34.59
C ARG B 1140 -31.90 7.99 -33.51
N ARG B 1141 -31.57 9.26 -33.74
CA ARG B 1141 -31.88 10.29 -32.78
C ARG B 1141 -33.39 10.51 -32.66
N VAL B 1142 -34.12 10.40 -33.76
CA VAL B 1142 -35.57 10.51 -33.71
C VAL B 1142 -36.17 9.36 -32.90
N GLU B 1143 -35.65 8.14 -33.11
CA GLU B 1143 -36.11 7.00 -32.32
C GLU B 1143 -35.81 7.19 -30.84
N LYS B 1144 -34.62 7.72 -30.54
CA LYS B 1144 -34.28 8.01 -29.13
C LYS B 1144 -35.21 9.07 -28.56
N ILE B 1145 -35.57 10.07 -29.36
CA ILE B 1145 -36.54 11.08 -28.95
C ILE B 1145 -37.87 10.43 -28.58
N LYS B 1146 -38.35 9.53 -29.45
CA LYS B 1146 -39.61 8.84 -29.16
C LYS B 1146 -39.51 8.01 -27.89
N LYS B 1147 -38.39 7.29 -27.73
CA LYS B 1147 -38.22 6.45 -26.54
C LYS B 1147 -38.20 7.28 -25.27
N MET B 1148 -37.47 8.40 -25.26
CA MET B 1148 -37.39 9.22 -24.06
C MET B 1148 -38.69 9.96 -23.81
N GLN B 1149 -39.44 10.30 -24.87
CA GLN B 1149 -40.77 10.87 -24.67
C GLN B 1149 -41.71 9.86 -24.00
N ALA B 1150 -41.65 8.60 -24.45
CA ALA B 1150 -42.45 7.56 -23.81
C ALA B 1150 -42.02 7.37 -22.36
N ARG B 1151 -40.71 7.40 -22.09
CA ARG B 1151 -40.22 7.29 -20.72
C ARG B 1151 -40.69 8.46 -19.86
N LEU B 1152 -40.71 9.66 -20.44
CA LEU B 1152 -41.19 10.83 -19.71
C LEU B 1152 -42.68 10.70 -19.38
N ASP B 1153 -43.47 10.20 -20.34
CA ASP B 1153 -44.88 9.96 -20.07
C ASP B 1153 -45.06 8.92 -18.97
N LYS B 1154 -44.25 7.85 -19.01
CA LYS B 1154 -44.32 6.84 -17.97
C LYS B 1154 -43.96 7.42 -16.61
N VAL B 1155 -42.95 8.27 -16.55
CA VAL B 1155 -42.58 8.92 -15.29
C VAL B 1155 -43.72 9.81 -14.80
N GLU B 1156 -44.31 10.59 -15.71
CA GLU B 1156 -45.39 11.48 -15.32
C GLU B 1156 -46.59 10.72 -14.76
N GLN B 1157 -46.95 9.59 -15.40
CA GLN B 1157 -48.03 8.79 -14.85
C GLN B 1157 -47.62 8.02 -13.60
N LEU B 1158 -46.31 7.82 -13.40
CA LEU B 1158 -45.84 7.21 -12.16
C LEU B 1158 -45.94 8.17 -10.99
N LEU B 1159 -45.74 9.46 -11.24
CA LEU B 1159 -45.89 10.46 -10.18
C LEU B 1159 -47.34 10.66 -9.75
N GLN B 1160 -48.30 10.12 -10.49
CA GLN B 1160 -49.72 10.36 -10.23
C GLN B 1160 -50.42 9.17 -9.59
N GLU B 1161 -49.69 8.13 -9.18
CA GLU B 1161 -50.32 6.99 -8.54
C GLU B 1161 -50.84 7.37 -7.16
N SER B 1162 -51.93 6.73 -6.76
CA SER B 1162 -52.61 7.11 -5.52
C SER B 1162 -51.76 6.95 -4.26
N PRO B 1163 -51.11 5.79 -3.99
CA PRO B 1163 -50.40 5.65 -2.71
C PRO B 1163 -49.28 6.66 -2.51
N PHE B 1164 -48.29 6.65 -3.41
CA PHE B 1164 -47.12 7.49 -3.32
C PHE B 1164 -46.28 7.34 -4.59
N PRO B 1165 -45.48 8.34 -4.95
CA PRO B 1165 -44.62 8.20 -6.14
C PRO B 1165 -43.62 7.06 -5.97
N GLY B 1166 -43.32 6.42 -7.10
CA GLY B 1166 -42.35 5.33 -7.12
C GLY B 1166 -42.78 4.08 -6.36
N ALA B 1167 -44.03 3.65 -6.53
CA ALA B 1167 -44.48 2.43 -5.88
C ALA B 1167 -44.09 1.19 -6.68
N SER B 1168 -44.46 1.16 -7.96
CA SER B 1168 -44.08 0.04 -8.82
C SER B 1168 -42.56 -0.04 -8.97
N VAL B 1169 -41.88 1.10 -8.96
CA VAL B 1169 -40.42 1.10 -9.01
C VAL B 1169 -39.85 0.38 -7.78
N TRP B 1170 -40.39 0.68 -6.61
CA TRP B 1170 -39.94 0.01 -5.40
C TRP B 1170 -40.25 -1.48 -5.45
N LEU B 1171 -41.42 -1.84 -5.96
CA LEU B 1171 -41.78 -3.26 -6.07
C LEU B 1171 -40.80 -4.00 -6.99
N GLU B 1172 -40.47 -3.40 -8.13
CA GLU B 1172 -39.54 -4.03 -9.05
C GLU B 1172 -38.14 -4.12 -8.45
N GLU B 1173 -37.71 -3.07 -7.73
CA GLU B 1173 -36.41 -3.12 -7.07
C GLU B 1173 -36.38 -4.22 -6.01
N ILE B 1174 -37.47 -4.37 -5.25
CA ILE B 1174 -37.55 -5.42 -4.25
C ILE B 1174 -37.46 -6.79 -4.90
N ASP B 1175 -38.18 -6.98 -6.01
CA ASP B 1175 -38.14 -8.26 -6.70
C ASP B 1175 -36.74 -8.56 -7.22
N ALA B 1176 -36.07 -7.56 -7.81
CA ALA B 1176 -34.72 -7.78 -8.33
C ALA B 1176 -33.75 -8.09 -7.20
N VAL B 1177 -33.84 -7.36 -6.07
CA VAL B 1177 -32.89 -7.56 -4.99
C VAL B 1177 -33.13 -8.90 -4.31
N GLU B 1178 -34.39 -9.33 -4.20
CA GLU B 1178 -34.64 -10.63 -3.59
C GLU B 1178 -34.22 -11.76 -4.52
N LYS B 1179 -34.35 -11.57 -5.84
CA LYS B 1179 -33.81 -12.55 -6.78
C LYS B 1179 -32.30 -12.66 -6.65
N ALA B 1180 -31.61 -11.52 -6.55
CA ALA B 1180 -30.16 -11.54 -6.38
C ALA B 1180 -29.77 -12.19 -5.06
N ILE B 1181 -30.52 -11.90 -3.99
CA ILE B 1181 -30.23 -12.49 -2.69
C ILE B 1181 -30.43 -14.01 -2.74
N ILE B 1182 -31.50 -14.46 -3.40
CA ILE B 1182 -31.74 -15.90 -3.53
C ILE B 1182 -30.61 -16.56 -4.32
N LYS B 1183 -30.16 -15.90 -5.39
CA LYS B 1183 -29.03 -16.43 -6.16
C LYS B 1183 -27.78 -16.53 -5.30
N GLY B 1184 -27.54 -15.53 -4.46
CA GLY B 1184 -26.39 -15.59 -3.56
C GLY B 1184 -26.56 -16.64 -2.47
N ARG B 1185 -27.80 -16.94 -2.09
CA ARG B 1185 -28.05 -17.99 -1.12
C ARG B 1185 -27.77 -19.37 -1.71
N ASN B 1186 -28.17 -19.57 -2.97
CA ASN B 1186 -27.95 -20.87 -3.61
C ASN B 1186 -26.47 -21.18 -3.73
N THR B 1187 -25.67 -20.19 -4.11
CA THR B 1187 -24.22 -20.34 -4.10
C THR B 1187 -23.68 -19.98 -2.71
N GLN B 1188 -22.37 -20.07 -2.56
CA GLN B 1188 -21.72 -19.64 -1.31
C GLN B 1188 -21.25 -18.19 -1.46
N TRP B 1189 -22.18 -17.33 -1.86
CA TRP B 1189 -21.90 -15.92 -2.15
C TRP B 1189 -20.81 -15.75 -3.20
N LYS B 1190 -20.61 -16.78 -4.02
CA LYS B 1190 -19.65 -16.74 -5.12
C LYS B 1190 -20.43 -16.88 -6.42
N PHE B 1191 -20.67 -15.74 -7.08
CA PHE B 1191 -21.51 -15.69 -8.27
C PHE B 1191 -20.76 -16.07 -9.54
N HIS B 1192 -19.44 -16.27 -9.45
CA HIS B 1192 -18.61 -16.61 -10.60
C HIS B 1192 -18.75 -15.58 -11.73
MG MG G . 8.39 -15.22 -4.25
MG MG H . -3.16 10.37 14.29
C1 ASW I . 16.31 -16.46 8.64
O2 ASW I . 15.31 -15.49 8.36
C3 ASW I . 14.30 -15.33 9.26
C4 ASW I . 14.20 -15.99 10.46
C5 ASW I . 13.12 -15.75 11.31
N6 ASW I . 13.01 -16.42 12.56
S7 ASW I . 14.17 -16.95 13.58
C8 ASW I . 14.06 -18.70 13.59
O9 ASW I . 13.82 -16.47 14.88
O10 ASW I . 15.44 -16.58 13.03
C11 ASW I . 12.14 -14.85 10.95
C12 ASW I . 12.22 -14.19 9.74
C13 ASW I . 13.30 -14.42 8.90
N14 ASW I . 13.43 -13.78 7.66
C15 ASW I . 13.15 -12.45 7.32
C16 ASW I . 12.37 -12.16 6.19
C17 ASW I . 11.84 -13.16 5.33
C18 ASW I . 11.10 -12.83 4.24
C19 ASW I . 10.84 -11.48 3.94
C20 ASW I . 11.33 -10.48 4.74
C21 ASW I . 12.12 -10.79 5.88
N22 ASW I . 12.58 -9.77 6.63
C23 ASW I . 13.32 -10.06 7.72
C24 ASW I . 13.81 -8.98 8.51
C25 ASW I . 14.56 -9.21 9.62
C26 ASW I . 14.87 -10.52 10.01
C27 ASW I . 14.43 -11.57 9.28
C28 ASW I . 13.63 -11.39 8.11
C1 ASW J . 0.53 0.24 24.24
O2 ASW J . 0.48 -0.12 22.87
C3 ASW J . 1.57 -0.75 22.33
C4 ASW J . 2.66 -1.19 23.05
C5 ASW J . 3.71 -1.82 22.41
N6 ASW J . 4.84 -2.27 23.15
S7 ASW J . 4.84 -3.19 24.50
C8 ASW J . 5.63 -2.26 25.74
O9 ASW J . 3.48 -3.39 24.88
O10 ASW J . 5.64 -4.34 24.22
C11 ASW J . 3.67 -2.04 21.05
C12 ASW J . 2.59 -1.61 20.31
C13 ASW J . 1.52 -0.97 20.95
N14 ASW J . 0.39 -0.52 20.27
C15 ASW J . -0.22 -1.02 19.11
C16 ASW J . -0.62 -0.14 18.09
C17 ASW J . -0.42 1.26 18.14
C18 ASW J . -0.81 2.07 17.12
C19 ASW J . -1.42 1.54 15.99
C20 ASW J . -1.64 0.19 15.88
C21 ASW J . -1.24 -0.69 16.94
N22 ASW J . -1.48 -2.01 16.78
C23 ASW J . -1.10 -2.84 17.76
C24 ASW J . -1.35 -4.23 17.60
C25 ASW J . -1.00 -5.12 18.56
C26 ASW J . -0.37 -4.69 19.74
C27 ASW J . -0.12 -3.37 19.94
C28 ASW J . -0.47 -2.40 18.96
#